data_2QKM
#
_entry.id   2QKM
#
_cell.length_a   68.289
_cell.length_b   161.443
_cell.length_c   91.386
_cell.angle_alpha   90.00
_cell.angle_beta   97.49
_cell.angle_gamma   90.00
#
_symmetry.space_group_name_H-M   'P 1 21 1'
#
loop_
_entity.id
_entity.type
_entity.pdbx_description
1 polymer 'SPBC3B9.21 protein'
2 polymer 'SPAC19A8.12 protein'
3 non-polymer "ADENOSINE-5'-TRIPHOSPHATE"
4 water water
#
loop_
_entity_poly.entity_id
_entity_poly.type
_entity_poly.pdbx_seq_one_letter_code
_entity_poly.pdbx_strand_id
1 'polypeptide(L)'
;MEDENILRNAVNLQVLKFHYPEIESIIDIASHVAVYQFDVGSQKWLKTSIEGTFFLVKDQRARVGYVILNRNSPENLYLF
INHPSNVHLVDRYLIHRTENQHVVGLWMFDPNDMSRIFNIVKESLLR
;
A,C,E,G
2 'polypeptide(L)'
;MSFTNATFSQVLDDLSARFILNLPAEEQSSVERLCFQIEQAHWFYEDFIRAQNDQLPSLGLRVFSAKLFAHCPLLWKWSK
VHEEAFDDFLRYKTRIPVRGAIMLDMSMQQCVLVKGWKASSGWGFPKGKIDKDESDVDCAIREVYEETGFDCSSRINPNE
FIDMTIRGQNVRLYIIPGISLDTRFESRTRKEISKIEWHNLMDLPTFKKNKPQTMKNKFYMVIPFLAPLKKWIKKRNIAN
NTTKEKNISVDVDADASSQLLSLLKS
;
B,D,F,H
#
loop_
_chem_comp.id
_chem_comp.type
_chem_comp.name
_chem_comp.formula
ATP non-polymer ADENOSINE-5'-TRIPHOSPHATE 'C10 H16 N5 O13 P3'
#
# COMPACT_ATOMS: atom_id res chain seq x y z
N MET A 1 -16.16 0.59 -16.94
CA MET A 1 -15.95 2.06 -17.01
C MET A 1 -14.75 2.40 -17.88
N GLU A 2 -14.80 3.55 -18.54
CA GLU A 2 -13.75 4.00 -19.47
C GLU A 2 -12.53 4.58 -18.75
N ASP A 3 -12.70 5.01 -17.50
CA ASP A 3 -11.60 5.54 -16.69
C ASP A 3 -10.35 4.68 -16.76
N GLU A 4 -10.53 3.36 -16.60
CA GLU A 4 -9.44 2.39 -16.69
C GLU A 4 -8.60 2.52 -17.97
N ASN A 5 -9.25 2.78 -19.09
CA ASN A 5 -8.54 2.97 -20.35
C ASN A 5 -7.75 4.27 -20.38
N ILE A 6 -8.37 5.39 -20.00
CA ILE A 6 -7.61 6.64 -19.89
C ILE A 6 -6.37 6.42 -19.01
N LEU A 7 -6.58 5.73 -17.89
CA LEU A 7 -5.47 5.31 -17.01
C LEU A 7 -4.46 4.39 -17.69
N ARG A 8 -4.93 3.35 -18.39
CA ARG A 8 -4.05 2.40 -19.11
C ARG A 8 -3.21 3.07 -20.21
N ASN A 9 -3.76 4.09 -20.85
CA ASN A 9 -3.06 4.82 -21.88
C ASN A 9 -1.90 5.62 -21.31
N ALA A 10 -2.18 6.40 -20.26
CA ALA A 10 -1.17 7.22 -19.60
C ALA A 10 0.03 6.42 -19.08
N VAL A 11 -0.23 5.24 -18.51
CA VAL A 11 0.85 4.38 -18.03
C VAL A 11 1.68 3.92 -19.21
N ASN A 12 1.00 3.49 -20.27
CA ASN A 12 1.69 3.01 -21.45
C ASN A 12 2.65 4.02 -22.00
N LEU A 13 2.15 5.25 -22.14
CA LEU A 13 2.89 6.36 -22.74
C LEU A 13 4.09 6.78 -21.85
N GLN A 14 3.90 6.72 -20.54
CA GLN A 14 4.98 6.97 -19.58
C GLN A 14 6.07 5.95 -19.76
N VAL A 15 5.65 4.68 -19.75
CA VAL A 15 6.59 3.56 -19.84
C VAL A 15 7.48 3.73 -21.07
N LEU A 16 6.87 4.02 -22.23
CA LEU A 16 7.59 4.19 -23.48
C LEU A 16 8.49 5.43 -23.54
N LYS A 17 7.92 6.60 -23.25
CA LYS A 17 8.69 7.83 -23.10
C LYS A 17 9.86 7.69 -22.12
N PHE A 18 9.70 6.85 -21.10
CA PHE A 18 10.81 6.60 -20.17
C PHE A 18 11.97 5.93 -20.89
N HIS A 19 11.64 5.04 -21.82
CA HIS A 19 12.64 4.33 -22.61
C HIS A 19 13.06 5.18 -23.80
N TYR A 20 12.09 5.91 -24.37
CA TYR A 20 12.30 6.70 -25.59
C TYR A 20 11.57 8.04 -25.48
N PRO A 21 12.27 9.11 -25.09
CA PRO A 21 11.56 10.36 -24.78
C PRO A 21 10.95 11.08 -25.99
N GLU A 22 11.43 10.74 -27.19
CA GLU A 22 10.96 11.30 -28.47
C GLU A 22 9.53 10.88 -28.85
N ILE A 23 9.10 9.72 -28.36
CA ILE A 23 7.78 9.17 -28.65
C ILE A 23 6.71 10.10 -28.09
N GLU A 24 5.70 10.42 -28.90
CA GLU A 24 4.67 11.35 -28.43
C GLU A 24 3.28 10.74 -28.36
N SER A 25 3.08 9.71 -29.16
CA SER A 25 1.78 9.10 -29.33
C SER A 25 1.93 7.60 -29.51
N ILE A 26 0.98 6.86 -28.94
CA ILE A 26 0.80 5.45 -29.25
C ILE A 26 -0.41 5.30 -30.17
N ILE A 27 -0.20 4.66 -31.30
CA ILE A 27 -1.31 4.45 -32.22
C ILE A 27 -2.12 3.22 -31.82
N ASP A 28 -1.47 2.07 -31.69
CA ASP A 28 -2.16 0.81 -31.42
C ASP A 28 -1.22 -0.17 -30.71
N ILE A 29 -1.78 -1.27 -30.21
CA ILE A 29 -1.06 -2.18 -29.34
C ILE A 29 -1.45 -3.63 -29.62
N ALA A 30 -0.45 -4.49 -29.67
CA ALA A 30 -0.67 -5.92 -29.68
C ALA A 30 0.04 -6.49 -28.47
N SER A 31 -0.70 -7.31 -27.73
CA SER A 31 -0.26 -7.87 -26.48
C SER A 31 0.97 -8.79 -26.61
N HIS A 32 1.02 -9.63 -27.65
CA HIS A 32 2.11 -10.61 -27.82
C HIS A 32 2.63 -10.69 -29.27
N VAL A 33 3.80 -10.11 -29.52
CA VAL A 33 4.45 -10.24 -30.82
C VAL A 33 5.83 -10.89 -30.69
N ALA A 34 6.18 -11.79 -31.63
CA ALA A 34 7.51 -12.41 -31.69
C ALA A 34 8.27 -11.93 -32.90
N VAL A 35 9.57 -11.68 -32.76
CA VAL A 35 10.36 -11.12 -33.85
C VAL A 35 11.22 -12.17 -34.54
N TYR A 36 11.17 -12.18 -35.87
CA TYR A 36 11.94 -13.11 -36.67
C TYR A 36 12.73 -12.33 -37.70
N GLN A 37 13.84 -12.92 -38.14
CA GLN A 37 14.71 -12.29 -39.13
C GLN A 37 15.02 -13.28 -40.27
N PHE A 38 15.76 -12.81 -41.27
CA PHE A 38 16.12 -13.64 -42.43
C PHE A 38 17.61 -14.00 -42.41
N ASP A 39 17.92 -15.23 -42.87
CA ASP A 39 19.30 -15.74 -43.02
C ASP A 39 20.19 -15.57 -41.78
N LYS A 44 14.04 -20.55 -43.76
CA LYS A 44 14.70 -19.26 -43.95
C LYS A 44 14.44 -18.20 -42.84
N TRP A 45 13.29 -18.27 -42.18
CA TRP A 45 13.03 -17.45 -40.98
C TRP A 45 13.87 -17.93 -39.80
N LEU A 46 14.48 -17.02 -39.06
CA LEU A 46 15.16 -17.36 -37.82
C LEU A 46 14.52 -16.65 -36.62
N LYS A 47 14.40 -17.36 -35.50
CA LYS A 47 13.77 -16.84 -34.29
C LYS A 47 14.75 -16.00 -33.48
N THR A 48 14.28 -14.84 -33.03
CA THR A 48 15.05 -13.92 -32.25
C THR A 48 14.71 -14.09 -30.77
N SER A 49 15.51 -13.44 -29.92
CA SER A 49 15.27 -13.39 -28.50
C SER A 49 14.13 -12.43 -28.12
N ILE A 50 13.82 -11.49 -29.02
CA ILE A 50 12.84 -10.43 -28.73
C ILE A 50 11.44 -10.91 -28.95
N GLU A 51 10.64 -10.80 -27.91
CA GLU A 51 9.28 -11.30 -27.90
C GLU A 51 8.64 -10.63 -26.72
N GLY A 52 7.53 -9.94 -26.93
CA GLY A 52 6.88 -9.23 -25.86
C GLY A 52 5.77 -8.35 -26.34
N THR A 53 5.46 -7.30 -25.58
CA THR A 53 4.33 -6.46 -25.90
C THR A 53 4.71 -5.44 -26.99
N PHE A 54 3.84 -5.33 -28.00
CA PHE A 54 4.05 -4.51 -29.19
C PHE A 54 3.25 -3.22 -29.11
N PHE A 55 3.92 -2.09 -29.37
CA PHE A 55 3.29 -0.78 -29.35
C PHE A 55 3.54 -0.09 -30.69
N LEU A 56 2.49 0.31 -31.40
CA LEU A 56 2.67 1.06 -32.63
C LEU A 56 2.71 2.54 -32.30
N VAL A 57 3.89 3.14 -32.43
CA VAL A 57 4.09 4.51 -31.96
C VAL A 57 4.30 5.53 -33.06
N LYS A 58 4.06 6.80 -32.72
CA LYS A 58 4.31 7.93 -33.60
C LYS A 58 5.34 8.82 -32.91
N ASP A 59 6.35 9.21 -33.67
CA ASP A 59 7.45 10.08 -33.21
C ASP A 59 7.04 11.54 -33.07
N GLN A 60 7.90 12.33 -32.44
CA GLN A 60 7.66 13.76 -32.29
C GLN A 60 7.76 14.46 -33.65
N ARG A 61 8.67 13.97 -34.49
CA ARG A 61 8.80 14.49 -35.86
C ARG A 61 7.78 13.79 -36.77
N ALA A 62 6.85 13.06 -36.13
CA ALA A 62 5.75 12.33 -36.78
C ALA A 62 6.14 10.99 -37.44
N ARG A 63 7.28 10.43 -37.05
CA ARG A 63 7.71 9.13 -37.58
C ARG A 63 6.93 7.95 -36.96
N VAL A 64 6.29 7.17 -37.82
CA VAL A 64 5.61 5.97 -37.37
C VAL A 64 6.66 4.90 -37.09
N GLY A 65 6.44 4.12 -36.02
CA GLY A 65 7.32 3.04 -35.66
C GLY A 65 6.70 2.10 -34.65
N TYR A 66 7.50 1.18 -34.13
CA TYR A 66 6.99 0.28 -33.12
C TYR A 66 8.01 -0.12 -32.07
N VAL A 67 7.53 -0.28 -30.84
CA VAL A 67 8.36 -0.76 -29.77
C VAL A 67 7.85 -2.13 -29.37
N ILE A 68 8.74 -3.10 -29.24
CA ILE A 68 8.44 -4.31 -28.48
C ILE A 68 9.14 -4.18 -27.12
N LEU A 69 8.36 -4.12 -26.04
CA LEU A 69 8.93 -4.27 -24.72
C LEU A 69 9.12 -5.75 -24.44
N ASN A 70 10.32 -6.21 -24.72
CA ASN A 70 10.73 -7.61 -24.65
C ASN A 70 10.47 -8.30 -23.30
N ARG A 71 9.89 -9.50 -23.35
CA ARG A 71 9.60 -10.35 -22.14
C ARG A 71 10.75 -11.25 -21.66
N ASN A 72 11.78 -11.42 -22.49
CA ASN A 72 12.84 -12.38 -22.22
C ASN A 72 14.08 -11.76 -21.61
N SER A 73 14.27 -10.47 -21.88
CA SER A 73 15.38 -9.69 -21.31
C SER A 73 15.02 -8.23 -21.43
N PRO A 74 15.76 -7.32 -20.76
CA PRO A 74 15.53 -5.88 -20.90
C PRO A 74 16.03 -5.31 -22.22
N GLU A 75 16.28 -6.16 -23.21
CA GLU A 75 16.79 -5.70 -24.49
C GLU A 75 15.65 -5.55 -25.50
N ASN A 76 15.08 -4.37 -25.55
CA ASN A 76 13.95 -4.06 -26.41
C ASN A 76 14.33 -3.69 -27.83
N LEU A 77 13.35 -3.75 -28.73
CA LEU A 77 13.51 -3.39 -30.13
C LEU A 77 12.68 -2.15 -30.47
N TYR A 78 13.22 -1.28 -31.31
CA TYR A 78 12.52 -0.09 -31.76
C TYR A 78 12.93 0.22 -33.18
N LEU A 79 11.99 0.07 -34.10
CA LEU A 79 12.26 0.29 -35.53
C LEU A 79 11.24 1.20 -36.18
N PHE A 80 11.71 2.00 -37.13
CA PHE A 80 10.82 2.86 -37.92
C PHE A 80 10.31 2.22 -39.20
N ILE A 81 9.07 2.56 -39.55
CA ILE A 81 8.51 2.18 -40.84
C ILE A 81 8.47 3.46 -41.70
N ASN A 82 9.44 3.59 -42.59
CA ASN A 82 9.62 4.84 -43.36
C ASN A 82 8.57 5.10 -44.42
N HIS A 83 8.19 4.06 -45.16
CA HIS A 83 7.21 4.16 -46.26
C HIS A 83 6.28 2.94 -46.29
N PRO A 84 4.96 3.15 -46.58
CA PRO A 84 3.93 2.10 -46.63
C PRO A 84 4.36 0.84 -47.39
N SER A 85 5.08 1.01 -48.49
CA SER A 85 5.56 -0.10 -49.30
C SER A 85 6.62 -0.98 -48.60
N ASN A 86 7.03 -0.60 -47.39
CA ASN A 86 8.05 -1.33 -46.64
C ASN A 86 7.46 -2.48 -45.83
N VAL A 87 6.16 -2.73 -46.01
CA VAL A 87 5.43 -3.69 -45.20
C VAL A 87 4.50 -4.58 -46.04
N HIS A 88 4.35 -5.85 -45.64
CA HIS A 88 3.56 -6.83 -46.39
C HIS A 88 2.98 -7.92 -45.48
N LEU A 89 1.84 -8.48 -45.85
CA LEU A 89 1.35 -9.67 -45.13
C LEU A 89 1.64 -10.91 -45.95
N VAL A 90 2.62 -11.68 -45.49
CA VAL A 90 2.89 -12.99 -46.05
C VAL A 90 2.90 -13.99 -44.91
N ASP A 91 2.40 -15.18 -45.18
CA ASP A 91 2.55 -16.33 -44.28
C ASP A 91 2.20 -16.05 -42.83
N ARG A 92 1.24 -15.14 -42.59
CA ARG A 92 0.82 -14.70 -41.23
C ARG A 92 1.83 -13.84 -40.51
N TYR A 93 2.89 -13.43 -41.22
CA TYR A 93 3.84 -12.46 -40.71
C TYR A 93 3.47 -11.09 -41.24
N LEU A 94 3.78 -10.06 -40.47
CA LEU A 94 3.74 -8.70 -40.97
C LEU A 94 5.18 -8.40 -41.27
N ILE A 95 5.50 -8.31 -42.56
CA ILE A 95 6.90 -8.25 -42.98
C ILE A 95 7.35 -6.80 -43.19
N HIS A 96 8.51 -6.49 -42.63
CA HIS A 96 9.01 -5.12 -42.56
C HIS A 96 10.43 -5.02 -43.09
N ARG A 97 10.61 -4.18 -44.11
CA ARG A 97 11.90 -3.90 -44.73
C ARG A 97 12.58 -2.70 -44.10
N THR A 98 13.54 -2.99 -43.21
CA THR A 98 14.22 -1.98 -42.43
C THR A 98 15.08 -1.06 -43.28
N GLU A 99 15.45 0.09 -42.70
CA GLU A 99 16.44 1.00 -43.28
C GLU A 99 17.74 0.25 -43.56
N ASN A 100 18.18 -0.54 -42.58
CA ASN A 100 19.35 -1.39 -42.73
C ASN A 100 19.11 -2.58 -43.66
N GLN A 101 18.10 -2.45 -44.52
CA GLN A 101 17.69 -3.49 -45.49
C GLN A 101 17.69 -4.93 -44.93
N HIS A 102 17.33 -5.04 -43.65
CA HIS A 102 17.01 -6.34 -43.06
C HIS A 102 15.56 -6.66 -43.35
N VAL A 103 15.24 -7.95 -43.39
CA VAL A 103 13.85 -8.38 -43.44
C VAL A 103 13.42 -8.87 -42.07
N VAL A 104 12.50 -8.15 -41.45
CA VAL A 104 11.95 -8.52 -40.16
C VAL A 104 10.60 -9.20 -40.35
N GLY A 105 10.33 -10.21 -39.53
CA GLY A 105 9.05 -10.89 -39.53
C GLY A 105 8.39 -10.76 -38.18
N LEU A 106 7.23 -10.12 -38.15
CA LEU A 106 6.50 -9.90 -36.91
C LEU A 106 5.38 -10.88 -36.79
N TRP A 107 5.37 -11.66 -35.72
CA TRP A 107 4.30 -12.62 -35.55
C TRP A 107 3.36 -12.22 -34.42
N MET A 108 2.22 -11.66 -34.78
CA MET A 108 1.15 -11.43 -33.85
C MET A 108 0.51 -12.77 -33.53
N PHE A 109 0.65 -13.21 -32.29
CA PHE A 109 -0.02 -14.41 -31.84
C PHE A 109 -1.54 -14.33 -32.06
N ASP A 110 -2.09 -13.13 -31.93
CA ASP A 110 -3.47 -12.89 -32.32
C ASP A 110 -3.57 -12.40 -33.78
N PRO A 111 -4.19 -13.23 -34.66
CA PRO A 111 -4.31 -12.90 -36.09
C PRO A 111 -4.95 -11.55 -36.29
N ASN A 112 -5.89 -11.21 -35.40
CA ASN A 112 -6.60 -9.93 -35.44
C ASN A 112 -5.70 -8.73 -35.26
N ASP A 113 -4.76 -8.82 -34.33
CA ASP A 113 -3.76 -7.78 -34.19
C ASP A 113 -3.05 -7.62 -35.53
N MET A 114 -2.65 -8.74 -36.14
CA MET A 114 -1.97 -8.71 -37.44
C MET A 114 -2.67 -7.82 -38.45
N SER A 115 -3.92 -8.14 -38.76
CA SER A 115 -4.69 -7.37 -39.73
C SER A 115 -4.86 -5.90 -39.31
N ARG A 116 -5.18 -5.66 -38.04
CA ARG A 116 -5.51 -4.31 -37.58
C ARG A 116 -4.31 -3.38 -37.66
N ILE A 117 -3.13 -3.90 -37.32
CA ILE A 117 -1.91 -3.11 -37.32
C ILE A 117 -1.52 -2.83 -38.75
N PHE A 118 -1.37 -3.88 -39.56
CA PHE A 118 -1.08 -3.71 -40.97
C PHE A 118 -1.91 -2.57 -41.56
N ASN A 119 -3.23 -2.66 -41.40
CA ASN A 119 -4.13 -1.67 -41.96
C ASN A 119 -3.88 -0.27 -41.43
N ILE A 120 -3.76 -0.13 -40.12
CA ILE A 120 -3.56 1.20 -39.51
C ILE A 120 -2.19 1.76 -39.88
N VAL A 121 -1.22 0.87 -40.08
CA VAL A 121 0.09 1.29 -40.54
C VAL A 121 -0.07 2.01 -41.89
N LYS A 122 -0.72 1.35 -42.85
CA LYS A 122 -0.95 1.92 -44.18
C LYS A 122 -1.66 3.27 -44.09
N GLU A 123 -2.69 3.34 -43.25
CA GLU A 123 -3.45 4.57 -42.99
C GLU A 123 -2.63 5.68 -42.33
N SER A 124 -1.76 5.31 -41.40
CA SER A 124 -0.95 6.27 -40.65
C SER A 124 0.22 6.86 -41.46
N LEU A 125 0.70 6.11 -42.44
CA LEU A 125 1.76 6.59 -43.33
C LEU A 125 1.18 7.08 -44.65
N LEU A 126 -0.15 7.19 -44.68
CA LEU A 126 -0.88 7.72 -45.82
C LEU A 126 -1.17 9.20 -45.57
N ARG A 127 -2.32 9.46 -44.93
CA ARG A 127 -2.82 10.80 -44.63
C ARG A 127 -2.89 11.68 -45.89
N MET B 1 21.08 -1.16 -19.06
CA MET B 1 21.08 -0.39 -17.78
C MET B 1 20.04 0.75 -17.79
N SER B 2 18.97 0.52 -18.55
CA SER B 2 17.81 1.39 -18.58
C SER B 2 17.21 1.69 -17.19
N PHE B 3 17.12 0.68 -16.32
CA PHE B 3 16.44 0.82 -15.02
C PHE B 3 17.33 1.23 -13.86
N THR B 4 18.57 1.65 -14.12
CA THR B 4 19.46 2.08 -13.03
C THR B 4 18.95 3.30 -12.27
N ASN B 5 18.20 4.18 -12.94
CA ASN B 5 17.77 5.43 -12.33
C ASN B 5 16.27 5.54 -12.17
N ALA B 6 15.57 4.51 -12.65
CA ALA B 6 14.14 4.44 -12.49
C ALA B 6 13.84 4.30 -11.01
N THR B 7 12.78 4.95 -10.56
CA THR B 7 12.28 4.76 -9.21
C THR B 7 11.64 3.37 -9.10
N PHE B 8 11.15 3.00 -7.92
CA PHE B 8 10.46 1.72 -7.76
C PHE B 8 9.13 1.79 -8.52
N SER B 9 8.52 2.96 -8.46
CA SER B 9 7.24 3.23 -9.07
C SER B 9 7.31 3.11 -10.62
N GLN B 10 8.37 3.69 -11.23
CA GLN B 10 8.61 3.59 -12.66
C GLN B 10 8.90 2.15 -13.10
N VAL B 11 9.64 1.42 -12.27
CA VAL B 11 9.90 0.02 -12.50
C VAL B 11 8.58 -0.77 -12.43
N LEU B 12 7.71 -0.40 -11.50
CA LEU B 12 6.45 -1.12 -11.41
C LEU B 12 5.54 -0.89 -12.62
N ASP B 13 5.61 0.30 -13.21
CA ASP B 13 4.76 0.63 -14.36
C ASP B 13 5.22 -0.15 -15.58
N ASP B 14 6.55 -0.20 -15.75
CA ASP B 14 7.17 -0.90 -16.85
C ASP B 14 6.77 -2.38 -16.88
N LEU B 15 7.04 -3.03 -15.77
CA LEU B 15 6.70 -4.44 -15.62
C LEU B 15 5.22 -4.66 -15.89
N SER B 16 4.39 -3.68 -15.52
CA SER B 16 2.96 -3.78 -15.78
C SER B 16 2.69 -3.68 -17.28
N ALA B 17 3.09 -2.56 -17.88
CA ALA B 17 2.97 -2.34 -19.31
C ALA B 17 3.55 -3.50 -20.10
N ARG B 18 4.60 -4.11 -19.55
CA ARG B 18 5.33 -5.20 -20.17
C ARG B 18 4.59 -6.52 -20.13
N PHE B 19 4.06 -6.90 -18.97
CA PHE B 19 3.53 -8.25 -18.78
C PHE B 19 2.00 -8.43 -18.67
N ILE B 20 1.35 -7.56 -17.90
CA ILE B 20 -0.08 -7.72 -17.58
C ILE B 20 -1.02 -6.63 -18.09
N LEU B 21 -0.60 -5.37 -18.00
CA LEU B 21 -1.43 -4.23 -18.41
C LEU B 21 -2.16 -4.34 -19.76
N ASN B 22 -1.49 -4.85 -20.78
CA ASN B 22 -2.04 -4.85 -22.13
C ASN B 22 -2.52 -6.21 -22.62
N LEU B 23 -2.78 -7.10 -21.66
CA LEU B 23 -3.34 -8.39 -21.96
C LEU B 23 -4.77 -8.21 -22.42
N PRO B 24 -5.29 -9.16 -23.22
CA PRO B 24 -6.73 -9.13 -23.46
C PRO B 24 -7.49 -9.28 -22.14
N ALA B 25 -8.57 -8.51 -21.97
CA ALA B 25 -9.38 -8.54 -20.76
C ALA B 25 -9.62 -9.95 -20.23
N GLU B 26 -9.97 -10.89 -21.11
CA GLU B 26 -10.24 -12.26 -20.66
C GLU B 26 -9.03 -12.91 -19.96
N GLU B 27 -7.82 -12.61 -20.44
CA GLU B 27 -6.62 -13.15 -19.81
C GLU B 27 -6.36 -12.55 -18.43
N GLN B 28 -6.74 -11.28 -18.27
CA GLN B 28 -6.65 -10.64 -16.96
C GLN B 28 -7.65 -11.27 -15.98
N SER B 29 -8.75 -11.79 -16.52
CA SER B 29 -9.76 -12.42 -15.68
C SER B 29 -9.52 -13.89 -15.45
N SER B 30 -8.47 -14.43 -16.06
CA SER B 30 -8.14 -15.83 -15.89
C SER B 30 -7.06 -15.97 -14.82
N VAL B 31 -7.38 -16.50 -13.65
CA VAL B 31 -6.34 -16.57 -12.60
C VAL B 31 -5.05 -17.18 -13.13
N GLU B 32 -5.17 -18.27 -13.88
CA GLU B 32 -4.02 -18.98 -14.43
C GLU B 32 -3.25 -18.14 -15.45
N ARG B 33 -3.97 -17.69 -16.47
CA ARG B 33 -3.41 -16.93 -17.57
C ARG B 33 -2.71 -15.66 -17.07
N LEU B 34 -3.24 -15.06 -15.99
CA LEU B 34 -2.65 -13.86 -15.40
C LEU B 34 -1.50 -14.18 -14.46
N CYS B 35 -1.70 -15.20 -13.62
CA CYS B 35 -0.65 -15.70 -12.73
C CYS B 35 0.65 -16.04 -13.47
N PHE B 36 0.52 -16.59 -14.67
CA PHE B 36 1.68 -16.91 -15.49
C PHE B 36 2.50 -15.63 -15.81
N GLN B 37 1.85 -14.62 -16.37
CA GLN B 37 2.52 -13.37 -16.71
C GLN B 37 3.11 -12.71 -15.46
N ILE B 38 2.37 -12.75 -14.34
CA ILE B 38 2.88 -12.12 -13.14
C ILE B 38 4.13 -12.89 -12.68
N GLU B 39 4.11 -14.21 -12.83
CA GLU B 39 5.28 -15.02 -12.48
C GLU B 39 6.46 -14.62 -13.35
N GLN B 40 6.19 -14.34 -14.63
CA GLN B 40 7.26 -13.87 -15.51
C GLN B 40 7.84 -12.51 -15.06
N ALA B 41 6.97 -11.59 -14.66
CA ALA B 41 7.35 -10.25 -14.20
C ALA B 41 8.24 -10.32 -12.94
N HIS B 42 7.70 -10.86 -11.85
CA HIS B 42 8.47 -11.14 -10.64
C HIS B 42 9.90 -11.66 -10.91
N TRP B 43 10.04 -12.61 -11.83
CA TRP B 43 11.35 -13.10 -12.23
C TRP B 43 12.15 -12.05 -13.03
N PHE B 44 11.50 -11.38 -13.98
CA PHE B 44 12.16 -10.33 -14.75
C PHE B 44 12.72 -9.29 -13.75
N TYR B 45 11.94 -9.01 -12.72
CA TYR B 45 12.30 -8.05 -11.70
C TYR B 45 13.55 -8.52 -10.94
N GLU B 46 13.45 -9.67 -10.29
CA GLU B 46 14.53 -10.20 -9.47
C GLU B 46 15.79 -10.42 -10.31
N ASP B 47 15.61 -10.91 -11.54
CA ASP B 47 16.73 -11.32 -12.36
C ASP B 47 17.37 -10.24 -13.20
N PHE B 48 16.59 -9.30 -13.70
CA PHE B 48 17.15 -8.24 -14.53
C PHE B 48 17.13 -6.85 -13.89
N ILE B 49 16.03 -6.46 -13.29
CA ILE B 49 15.92 -5.09 -12.82
C ILE B 49 16.72 -4.87 -11.53
N ARG B 50 16.40 -5.58 -10.46
CA ARG B 50 17.19 -5.43 -9.21
C ARG B 50 18.71 -5.43 -9.46
N ALA B 51 19.14 -6.16 -10.49
CA ALA B 51 20.54 -6.20 -10.89
C ALA B 51 21.16 -4.83 -11.25
N GLN B 52 20.36 -3.91 -11.77
CA GLN B 52 20.87 -2.58 -12.09
C GLN B 52 20.43 -1.53 -11.10
N ASN B 53 19.65 -1.95 -10.10
CA ASN B 53 19.13 -1.04 -9.09
C ASN B 53 18.88 -1.83 -7.81
N ASP B 54 19.93 -1.95 -6.99
CA ASP B 54 19.89 -2.75 -5.76
C ASP B 54 19.06 -2.09 -4.64
N GLN B 55 18.86 -0.78 -4.75
CA GLN B 55 17.88 -0.05 -3.92
C GLN B 55 16.50 -0.72 -3.93
N LEU B 56 16.11 -1.30 -5.06
CA LEU B 56 14.81 -1.95 -5.20
C LEU B 56 14.72 -3.20 -4.32
N PRO B 57 13.62 -3.35 -3.59
CA PRO B 57 13.55 -4.45 -2.65
C PRO B 57 13.32 -5.81 -3.30
N SER B 58 13.99 -6.82 -2.76
CA SER B 58 13.73 -8.22 -3.08
C SER B 58 12.39 -8.63 -2.48
N LEU B 59 11.50 -9.12 -3.32
CA LEU B 59 10.18 -9.50 -2.90
C LEU B 59 9.84 -10.94 -3.30
N GLY B 60 9.18 -11.65 -2.38
CA GLY B 60 8.48 -12.89 -2.70
C GLY B 60 7.32 -12.58 -3.65
N LEU B 61 7.04 -13.51 -4.55
CA LEU B 61 5.94 -13.41 -5.53
C LEU B 61 4.70 -12.67 -5.03
N ARG B 62 4.11 -13.20 -3.95
CA ARG B 62 2.87 -12.68 -3.38
C ARG B 62 2.93 -11.21 -3.10
N VAL B 63 4.03 -10.75 -2.53
CA VAL B 63 4.17 -9.32 -2.28
C VAL B 63 4.35 -8.57 -3.61
N PHE B 64 5.30 -9.00 -4.43
CA PHE B 64 5.56 -8.37 -5.73
C PHE B 64 4.29 -8.21 -6.56
N SER B 65 3.45 -9.25 -6.53
CA SER B 65 2.20 -9.28 -7.26
C SER B 65 1.26 -8.19 -6.76
N ALA B 66 1.15 -8.06 -5.44
CA ALA B 66 0.31 -7.01 -4.86
C ALA B 66 0.73 -5.65 -5.38
N LYS B 67 2.03 -5.35 -5.35
CA LYS B 67 2.50 -4.05 -5.83
C LYS B 67 2.36 -3.91 -7.34
N LEU B 68 2.31 -5.04 -8.04
CA LEU B 68 2.12 -4.96 -9.49
C LEU B 68 0.66 -4.62 -9.79
N PHE B 69 -0.25 -5.01 -8.90
CA PHE B 69 -1.66 -4.64 -9.06
C PHE B 69 -1.90 -3.13 -8.91
N ALA B 70 -1.16 -2.51 -8.00
CA ALA B 70 -1.24 -1.07 -7.82
C ALA B 70 -0.91 -0.31 -9.10
N HIS B 71 -0.17 -0.93 -10.02
CA HIS B 71 0.15 -0.24 -11.26
C HIS B 71 -0.59 -0.82 -12.46
N CYS B 72 -1.74 -1.43 -12.19
CA CYS B 72 -2.56 -2.05 -13.24
C CYS B 72 -4.06 -1.74 -13.12
N PRO B 73 -4.51 -0.62 -13.72
CA PRO B 73 -5.87 -0.08 -13.57
C PRO B 73 -7.00 -1.07 -13.85
N LEU B 74 -6.81 -1.95 -14.83
CA LEU B 74 -7.83 -2.90 -15.22
C LEU B 74 -8.09 -3.97 -14.17
N LEU B 75 -7.24 -4.03 -13.17
CA LEU B 75 -7.43 -4.98 -12.09
C LEU B 75 -8.12 -4.33 -10.87
N TRP B 76 -8.37 -3.03 -10.93
CA TRP B 76 -8.96 -2.28 -9.80
C TRP B 76 -10.48 -2.42 -9.71
N LYS B 77 -11.08 -3.15 -10.63
CA LYS B 77 -12.53 -3.19 -10.69
C LYS B 77 -13.01 -4.44 -10.01
N TRP B 78 -12.15 -5.08 -9.24
CA TRP B 78 -12.51 -6.42 -8.80
C TRP B 78 -12.56 -6.72 -7.29
N SER B 79 -13.40 -7.69 -6.94
CA SER B 79 -13.83 -7.95 -5.57
C SER B 79 -12.70 -8.34 -4.63
N LYS B 80 -12.92 -8.21 -3.33
CA LYS B 80 -11.97 -8.73 -2.34
C LYS B 80 -11.96 -10.27 -2.39
N VAL B 81 -13.13 -10.82 -2.72
CA VAL B 81 -13.30 -12.27 -2.88
C VAL B 81 -12.42 -12.73 -4.03
N HIS B 82 -12.35 -11.88 -5.07
CA HIS B 82 -11.57 -12.18 -6.26
C HIS B 82 -10.06 -12.09 -5.99
N GLU B 83 -9.63 -11.02 -5.34
CA GLU B 83 -8.19 -10.79 -5.22
C GLU B 83 -7.55 -11.73 -4.23
N GLU B 84 -8.37 -12.25 -3.31
CA GLU B 84 -7.92 -13.19 -2.31
C GLU B 84 -7.80 -14.58 -2.92
N ALA B 85 -8.77 -14.98 -3.74
CA ALA B 85 -8.70 -16.24 -4.50
C ALA B 85 -7.46 -16.26 -5.39
N PHE B 86 -7.14 -15.13 -6.00
CA PHE B 86 -5.94 -15.04 -6.81
C PHE B 86 -4.71 -15.31 -5.96
N ASP B 87 -4.55 -14.57 -4.87
CA ASP B 87 -3.40 -14.73 -3.98
C ASP B 87 -3.30 -16.19 -3.49
N ASP B 88 -4.42 -16.73 -3.01
CA ASP B 88 -4.54 -18.15 -2.75
C ASP B 88 -3.87 -18.94 -3.86
N PHE B 89 -4.30 -18.69 -5.10
CA PHE B 89 -3.77 -19.40 -6.23
C PHE B 89 -2.27 -19.21 -6.41
N LEU B 90 -1.77 -17.99 -6.17
CA LEU B 90 -0.33 -17.73 -6.16
C LEU B 90 0.37 -18.55 -5.10
N ARG B 91 -0.31 -18.76 -3.98
CA ARG B 91 0.29 -19.49 -2.88
C ARG B 91 0.39 -20.99 -3.23
N TYR B 92 -0.61 -21.52 -3.95
CA TYR B 92 -0.73 -22.97 -4.13
C TYR B 92 -0.77 -23.50 -5.56
N LYS B 93 -0.54 -22.63 -6.55
CA LYS B 93 -0.44 -23.03 -7.95
C LYS B 93 0.41 -24.27 -8.03
N THR B 94 -0.09 -25.30 -8.68
CA THR B 94 0.70 -26.46 -9.00
C THR B 94 1.90 -26.07 -9.88
N ARG B 95 3.09 -26.18 -9.31
CA ARG B 95 4.30 -25.77 -10.02
C ARG B 95 5.30 -26.91 -10.03
N ILE B 96 6.15 -26.96 -11.06
CA ILE B 96 7.21 -27.97 -11.14
C ILE B 96 8.24 -27.70 -10.05
N PRO B 97 8.52 -28.68 -9.20
CA PRO B 97 9.57 -28.58 -8.18
C PRO B 97 10.97 -28.71 -8.76
N VAL B 98 11.93 -27.97 -8.20
CA VAL B 98 13.30 -27.99 -8.67
C VAL B 98 14.15 -28.01 -7.40
N ARG B 99 15.08 -28.97 -7.29
CA ARG B 99 15.95 -28.99 -6.12
C ARG B 99 17.44 -28.90 -6.44
N GLY B 100 18.20 -28.42 -5.46
CA GLY B 100 19.63 -28.25 -5.63
C GLY B 100 20.25 -27.67 -4.38
N ALA B 101 21.37 -27.00 -4.54
CA ALA B 101 22.19 -26.63 -3.43
C ALA B 101 22.88 -25.30 -3.66
N ILE B 102 23.19 -24.63 -2.57
CA ILE B 102 24.13 -23.54 -2.61
C ILE B 102 25.30 -24.06 -1.81
N MET B 103 26.38 -24.35 -2.54
CA MET B 103 27.59 -24.86 -1.95
C MET B 103 28.43 -23.68 -1.53
N LEU B 104 28.80 -23.63 -0.26
CA LEU B 104 29.60 -22.53 0.27
C LEU B 104 30.93 -23.06 0.77
N ASP B 105 31.95 -22.20 0.82
CA ASP B 105 33.20 -22.58 1.46
C ASP B 105 33.02 -22.58 2.97
N MET B 106 34.04 -23.04 3.70
CA MET B 106 34.03 -23.01 5.17
C MET B 106 33.72 -21.63 5.73
N SER B 107 34.30 -20.60 5.10
CA SER B 107 34.16 -19.23 5.61
C SER B 107 32.90 -18.48 5.14
N MET B 108 32.05 -19.15 4.37
CA MET B 108 30.76 -18.60 3.92
C MET B 108 30.85 -17.26 3.17
N GLN B 109 31.83 -17.15 2.29
CA GLN B 109 31.94 -15.94 1.49
C GLN B 109 32.16 -16.26 0.01
N GLN B 110 32.10 -17.55 -0.30
CA GLN B 110 32.26 -18.02 -1.66
C GLN B 110 31.28 -19.17 -1.90
N CYS B 111 30.69 -19.17 -3.10
CA CYS B 111 29.70 -20.21 -3.49
C CYS B 111 30.01 -20.80 -4.85
N VAL B 112 29.53 -22.02 -5.09
CA VAL B 112 29.82 -22.77 -6.29
C VAL B 112 28.74 -22.57 -7.35
N LEU B 113 29.14 -22.21 -8.57
CA LEU B 113 28.19 -21.90 -9.63
C LEU B 113 28.53 -22.65 -10.90
N VAL B 114 27.53 -22.87 -11.73
CA VAL B 114 27.69 -23.71 -12.88
C VAL B 114 27.23 -22.96 -14.10
N LYS B 115 27.99 -23.06 -15.19
CA LYS B 115 27.64 -22.36 -16.41
C LYS B 115 27.59 -23.26 -17.63
N GLY B 116 26.53 -23.12 -18.42
CA GLY B 116 26.47 -23.76 -19.73
C GLY B 116 27.40 -23.02 -20.67
N TRP B 117 27.50 -23.52 -21.90
CA TRP B 117 28.24 -22.85 -22.94
C TRP B 117 27.11 -22.13 -23.62
N LYS B 118 27.40 -21.07 -24.37
CA LYS B 118 26.34 -20.38 -25.13
C LYS B 118 26.26 -18.88 -25.04
N ALA B 119 26.92 -18.28 -24.06
CA ALA B 119 26.93 -16.79 -23.97
C ALA B 119 25.54 -16.25 -23.63
N SER B 120 24.51 -17.01 -23.98
CA SER B 120 23.13 -16.79 -23.55
C SER B 120 22.82 -17.54 -22.23
N SER B 121 23.78 -18.29 -21.71
CA SER B 121 23.57 -19.01 -20.46
C SER B 121 24.33 -18.30 -19.36
N GLY B 122 23.61 -17.87 -18.34
CA GLY B 122 24.28 -17.30 -17.20
C GLY B 122 24.54 -18.35 -16.17
N TRP B 123 25.65 -18.21 -15.44
CA TRP B 123 25.94 -18.94 -14.19
C TRP B 123 24.71 -19.19 -13.35
N GLY B 124 24.70 -20.30 -12.61
CA GLY B 124 23.60 -20.62 -11.71
C GLY B 124 23.98 -21.67 -10.69
N PHE B 125 23.16 -21.79 -9.65
CA PHE B 125 23.37 -22.81 -8.63
C PHE B 125 23.02 -24.17 -9.24
N PRO B 126 23.69 -25.24 -8.79
CA PRO B 126 23.29 -26.55 -9.26
C PRO B 126 21.84 -26.89 -8.84
N LYS B 127 21.02 -27.30 -9.81
CA LYS B 127 19.61 -27.55 -9.59
C LYS B 127 18.95 -28.28 -10.78
N GLY B 128 17.86 -28.98 -10.52
CA GLY B 128 17.14 -29.66 -11.56
C GLY B 128 15.80 -30.20 -11.09
N LYS B 129 15.08 -30.78 -12.03
CA LYS B 129 13.74 -31.31 -11.83
C LYS B 129 13.80 -32.56 -10.95
N ILE B 130 12.65 -33.04 -10.47
CA ILE B 130 12.62 -34.23 -9.64
C ILE B 130 12.26 -35.48 -10.44
N ASP B 131 13.11 -36.50 -10.35
CA ASP B 131 12.81 -37.80 -10.94
C ASP B 131 11.72 -38.51 -10.14
N LYS B 132 10.93 -39.34 -10.82
CA LYS B 132 9.80 -40.01 -10.19
C LYS B 132 10.18 -40.60 -8.83
N ASP B 133 9.33 -40.36 -7.84
CA ASP B 133 9.47 -40.96 -6.49
C ASP B 133 10.73 -40.53 -5.70
N GLU B 134 11.63 -39.80 -6.37
CA GLU B 134 12.86 -39.29 -5.74
C GLU B 134 12.54 -38.26 -4.68
N SER B 135 13.29 -38.27 -3.58
CA SER B 135 13.10 -37.29 -2.52
C SER B 135 13.86 -35.98 -2.76
N ASP B 136 13.38 -34.92 -2.11
CA ASP B 136 13.97 -33.58 -2.26
C ASP B 136 15.48 -33.56 -2.00
N VAL B 137 15.89 -34.04 -0.83
CA VAL B 137 17.29 -34.16 -0.49
C VAL B 137 18.03 -35.03 -1.52
N ASP B 138 17.41 -36.15 -1.91
CA ASP B 138 18.01 -37.08 -2.86
C ASP B 138 18.19 -36.49 -4.26
N CYS B 139 17.28 -35.60 -4.65
CA CYS B 139 17.32 -34.93 -5.94
C CYS B 139 18.46 -33.93 -5.95
N ALA B 140 18.59 -33.18 -4.85
CA ALA B 140 19.68 -32.24 -4.64
C ALA B 140 21.05 -32.92 -4.66
N ILE B 141 21.16 -34.05 -3.95
CA ILE B 141 22.40 -34.79 -3.96
C ILE B 141 22.71 -35.16 -5.41
N ARG B 142 21.71 -35.57 -6.17
CA ARG B 142 21.95 -36.05 -7.52
C ARG B 142 22.36 -34.94 -8.47
N GLU B 143 21.60 -33.85 -8.47
CA GLU B 143 21.92 -32.69 -9.31
C GLU B 143 23.32 -32.13 -9.08
N VAL B 144 23.70 -31.97 -7.81
CA VAL B 144 25.03 -31.51 -7.46
C VAL B 144 26.06 -32.48 -8.05
N TYR B 145 25.84 -33.78 -7.84
CA TYR B 145 26.79 -34.76 -8.33
C TYR B 145 26.94 -34.69 -9.86
N GLU B 146 25.83 -34.71 -10.58
CA GLU B 146 25.84 -34.65 -12.03
C GLU B 146 26.51 -33.38 -12.57
N GLU B 147 26.20 -32.24 -11.97
CA GLU B 147 26.66 -30.93 -12.46
C GLU B 147 28.08 -30.58 -12.02
N THR B 148 28.48 -31.16 -10.90
CA THR B 148 29.59 -30.64 -10.14
C THR B 148 30.65 -31.69 -9.90
N GLY B 149 30.24 -32.95 -9.95
CA GLY B 149 31.14 -34.06 -9.64
C GLY B 149 31.28 -34.30 -8.15
N PHE B 150 30.77 -33.38 -7.33
CA PHE B 150 30.91 -33.45 -5.89
C PHE B 150 29.75 -34.16 -5.18
N ASP B 151 30.06 -35.22 -4.47
CA ASP B 151 29.03 -35.93 -3.72
C ASP B 151 28.82 -35.24 -2.38
N CYS B 152 27.62 -34.69 -2.15
CA CYS B 152 27.35 -33.93 -0.93
C CYS B 152 26.47 -34.65 0.09
N SER B 153 26.28 -35.95 -0.08
CA SER B 153 25.36 -36.70 0.76
C SER B 153 25.75 -36.73 2.25
N SER B 154 27.03 -36.48 2.53
CA SER B 154 27.53 -36.53 3.88
C SER B 154 27.42 -35.19 4.59
N ARG B 155 27.17 -34.13 3.82
CA ARG B 155 27.12 -32.76 4.38
C ARG B 155 25.77 -32.08 4.21
N ILE B 156 24.97 -32.56 3.28
CA ILE B 156 23.63 -31.98 3.08
C ILE B 156 22.80 -32.14 4.37
N ASN B 157 22.03 -31.08 4.69
CA ASN B 157 21.26 -31.02 5.92
C ASN B 157 19.79 -30.74 5.60
N PRO B 158 18.90 -31.72 5.85
CA PRO B 158 17.50 -31.68 5.40
C PRO B 158 16.74 -30.52 6.02
N ASN B 159 17.29 -29.99 7.11
CA ASN B 159 16.69 -28.89 7.83
C ASN B 159 17.19 -27.53 7.37
N GLU B 160 18.26 -27.51 6.57
CA GLU B 160 18.83 -26.25 6.13
C GLU B 160 18.74 -26.08 4.63
N PHE B 161 17.93 -25.10 4.22
CA PHE B 161 17.62 -24.83 2.83
C PHE B 161 16.95 -23.45 2.69
N ILE B 162 16.77 -23.00 1.44
CA ILE B 162 15.94 -21.86 1.12
C ILE B 162 14.87 -22.30 0.13
N ASP B 163 13.58 -22.02 0.42
CA ASP B 163 12.49 -22.22 -0.54
C ASP B 163 12.13 -20.89 -1.16
N MET B 164 11.80 -20.91 -2.46
CA MET B 164 11.28 -19.72 -3.13
C MET B 164 10.63 -20.02 -4.48
N THR B 165 9.48 -19.39 -4.70
CA THR B 165 8.83 -19.47 -5.99
C THR B 165 9.39 -18.38 -6.90
N ILE B 166 9.98 -18.82 -7.98
CA ILE B 166 10.53 -17.92 -8.97
C ILE B 166 10.33 -18.49 -10.38
N ARG B 167 9.94 -17.62 -11.29
CA ARG B 167 9.60 -17.98 -12.66
C ARG B 167 8.76 -19.27 -12.79
N GLY B 168 7.73 -19.42 -11.95
CA GLY B 168 6.79 -20.54 -12.07
C GLY B 168 7.25 -21.90 -11.59
N GLN B 169 8.39 -21.95 -10.92
CA GLN B 169 8.93 -23.18 -10.30
C GLN B 169 9.02 -23.06 -8.76
N ASN B 170 8.96 -24.18 -8.06
CA ASN B 170 9.17 -24.13 -6.62
C ASN B 170 10.59 -24.56 -6.29
N VAL B 171 11.50 -23.58 -6.27
CA VAL B 171 12.92 -23.84 -6.03
C VAL B 171 13.22 -24.10 -4.55
N ARG B 172 13.96 -25.17 -4.29
CA ARG B 172 14.60 -25.39 -2.99
C ARG B 172 16.08 -25.68 -3.13
N LEU B 173 16.88 -24.78 -2.58
CA LEU B 173 18.31 -24.92 -2.61
C LEU B 173 18.78 -25.21 -1.21
N TYR B 174 19.31 -26.40 -1.03
CA TYR B 174 19.90 -26.77 0.24
C TYR B 174 21.20 -26.01 0.39
N ILE B 175 21.45 -25.55 1.60
CA ILE B 175 22.62 -24.74 1.86
C ILE B 175 23.61 -25.62 2.58
N ILE B 176 24.74 -25.88 1.93
CA ILE B 176 25.76 -26.78 2.44
C ILE B 176 27.07 -26.02 2.66
N PRO B 177 27.34 -25.60 3.90
CA PRO B 177 28.60 -24.88 4.12
C PRO B 177 29.78 -25.82 4.27
N GLY B 178 30.98 -25.27 4.20
CA GLY B 178 32.20 -26.02 4.53
C GLY B 178 32.70 -26.92 3.43
N ILE B 179 32.37 -26.57 2.20
CA ILE B 179 32.87 -27.30 1.04
C ILE B 179 34.33 -26.95 0.81
N SER B 180 35.12 -28.00 0.62
CA SER B 180 36.55 -27.86 0.40
C SER B 180 36.85 -26.90 -0.75
N LEU B 181 37.71 -25.95 -0.47
CA LEU B 181 37.98 -24.85 -1.38
C LEU B 181 38.89 -25.27 -2.51
N ASP B 182 39.45 -26.47 -2.42
CA ASP B 182 40.11 -27.05 -3.59
C ASP B 182 39.53 -28.43 -3.97
N THR B 183 38.21 -28.53 -3.87
CA THR B 183 37.44 -29.56 -4.55
C THR B 183 37.65 -29.37 -6.04
N ARG B 184 37.84 -30.48 -6.74
CA ARG B 184 37.94 -30.47 -8.19
C ARG B 184 36.61 -30.89 -8.79
N PHE B 185 36.05 -30.02 -9.62
CA PHE B 185 34.71 -30.23 -10.14
C PHE B 185 34.73 -30.90 -11.47
N GLU B 186 33.72 -31.72 -11.74
CA GLU B 186 33.64 -32.46 -13.00
C GLU B 186 32.22 -32.46 -13.52
N SER B 187 32.03 -32.53 -14.83
CA SER B 187 30.69 -32.59 -15.40
C SER B 187 30.54 -33.58 -16.56
N ARG B 188 31.13 -34.77 -16.42
CA ARG B 188 31.16 -35.72 -17.55
C ARG B 188 29.78 -36.25 -18.00
N THR B 189 28.84 -36.34 -17.07
CA THR B 189 27.46 -36.75 -17.35
C THR B 189 26.58 -35.61 -17.83
N ARG B 190 27.15 -34.41 -17.85
CA ARG B 190 26.41 -33.22 -18.24
C ARG B 190 27.21 -32.43 -19.25
N LYS B 191 27.08 -32.85 -20.51
CA LYS B 191 27.92 -32.38 -21.60
C LYS B 191 27.71 -30.91 -21.92
N GLU B 192 26.60 -30.36 -21.43
CA GLU B 192 26.20 -28.97 -21.68
C GLU B 192 27.02 -27.97 -20.88
N ILE B 193 27.43 -28.35 -19.68
CA ILE B 193 28.23 -27.49 -18.82
C ILE B 193 29.66 -27.29 -19.33
N SER B 194 30.10 -26.03 -19.37
CA SER B 194 31.47 -25.70 -19.77
C SER B 194 32.35 -25.25 -18.62
N LYS B 195 31.76 -24.60 -17.62
CA LYS B 195 32.51 -24.04 -16.49
C LYS B 195 31.82 -24.28 -15.17
N ILE B 196 32.60 -24.60 -14.16
CA ILE B 196 32.09 -24.68 -12.80
C ILE B 196 33.12 -24.09 -11.83
N GLU B 197 32.75 -22.97 -11.20
CA GLU B 197 33.72 -22.13 -10.49
C GLU B 197 33.20 -21.55 -9.18
N TRP B 198 34.12 -21.33 -8.26
CA TRP B 198 33.85 -20.58 -7.04
C TRP B 198 33.74 -19.12 -7.41
N HIS B 199 32.68 -18.46 -6.93
CA HIS B 199 32.53 -17.01 -7.04
C HIS B 199 32.46 -16.42 -5.64
N ASN B 200 33.04 -15.23 -5.47
CA ASN B 200 32.83 -14.44 -4.24
C ASN B 200 31.43 -13.87 -4.21
N LEU B 201 30.73 -14.10 -3.10
CA LEU B 201 29.38 -13.56 -2.88
C LEU B 201 29.37 -12.03 -3.03
N MET B 202 30.40 -11.36 -2.51
CA MET B 202 30.55 -9.92 -2.61
C MET B 202 30.64 -9.39 -4.06
N ASP B 203 31.00 -10.25 -5.00
CA ASP B 203 30.97 -9.89 -6.43
C ASP B 203 29.63 -10.17 -7.11
N LEU B 204 28.69 -10.80 -6.40
CA LEU B 204 27.39 -11.08 -7.02
C LEU B 204 26.47 -9.86 -7.06
N PRO B 205 25.85 -9.59 -8.22
CA PRO B 205 25.15 -8.33 -8.42
C PRO B 205 24.47 -7.62 -7.24
N THR B 206 23.63 -8.25 -6.43
CA THR B 206 23.05 -7.40 -5.34
C THR B 206 23.58 -7.61 -3.91
N PHE B 207 24.74 -8.23 -3.77
CA PHE B 207 25.08 -8.82 -2.50
C PHE B 207 25.54 -7.80 -1.50
N LYS B 208 26.46 -6.93 -1.92
CA LYS B 208 26.99 -5.89 -1.07
C LYS B 208 26.23 -4.61 -1.34
N LYS B 209 25.77 -4.01 -0.24
CA LYS B 209 24.93 -2.78 -0.20
C LYS B 209 24.95 -1.89 -1.43
N ASN B 210 26.13 -1.38 -1.81
CA ASN B 210 26.21 -0.46 -2.94
C ASN B 210 27.33 -0.73 -3.95
N LYS B 211 27.67 -2.01 -4.14
CA LYS B 211 28.59 -2.40 -5.20
C LYS B 211 27.79 -2.48 -6.49
N PRO B 212 28.18 -1.69 -7.50
CA PRO B 212 27.58 -1.82 -8.82
C PRO B 212 28.11 -3.05 -9.55
N GLN B 213 27.26 -3.62 -10.40
CA GLN B 213 27.59 -4.83 -11.15
C GLN B 213 28.41 -4.49 -12.39
N THR B 214 29.56 -5.16 -12.56
CA THR B 214 30.26 -5.07 -13.84
C THR B 214 29.49 -5.87 -14.89
N MET B 215 29.57 -5.40 -16.12
CA MET B 215 28.88 -6.02 -17.23
C MET B 215 29.72 -7.16 -17.82
N LYS B 216 30.25 -8.02 -16.95
CA LYS B 216 31.18 -9.06 -17.38
C LYS B 216 30.74 -10.46 -16.92
N ASN B 217 29.51 -10.56 -16.43
CA ASN B 217 28.98 -11.78 -15.88
C ASN B 217 27.48 -11.83 -16.05
N LYS B 218 27.00 -13.01 -16.37
CA LYS B 218 25.58 -13.26 -16.49
C LYS B 218 25.19 -14.31 -15.47
N PHE B 219 24.09 -14.06 -14.77
CA PHE B 219 23.63 -14.98 -13.73
C PHE B 219 22.20 -15.38 -13.94
N TYR B 220 21.90 -16.66 -13.79
CA TYR B 220 20.52 -17.07 -13.92
C TYR B 220 19.70 -16.87 -12.66
N MET B 221 19.32 -17.89 -11.94
CA MET B 221 18.40 -17.54 -10.84
C MET B 221 19.19 -17.39 -9.59
N VAL B 222 20.20 -16.53 -9.64
CA VAL B 222 21.14 -16.43 -8.54
C VAL B 222 20.69 -15.27 -7.64
N ILE B 223 20.64 -14.08 -8.23
CA ILE B 223 20.26 -12.86 -7.52
C ILE B 223 19.09 -13.00 -6.51
N PRO B 224 17.97 -13.62 -6.92
CA PRO B 224 16.82 -13.84 -6.02
C PRO B 224 17.11 -14.57 -4.70
N PHE B 225 18.17 -15.37 -4.63
CA PHE B 225 18.41 -16.12 -3.41
C PHE B 225 19.38 -15.39 -2.52
N LEU B 226 19.81 -14.20 -2.94
CA LEU B 226 20.87 -13.54 -2.23
C LEU B 226 20.37 -12.87 -0.98
N ALA B 227 19.19 -12.26 -1.04
CA ALA B 227 18.55 -11.74 0.18
C ALA B 227 18.31 -12.85 1.24
N PRO B 228 17.63 -13.96 0.86
CA PRO B 228 17.45 -15.05 1.82
C PRO B 228 18.76 -15.66 2.34
N LEU B 229 19.80 -15.68 1.51
CA LEU B 229 21.13 -16.17 1.90
C LEU B 229 21.79 -15.28 2.96
N LYS B 230 21.88 -13.98 2.71
CA LYS B 230 22.43 -13.06 3.67
C LYS B 230 21.77 -13.34 5.03
N LYS B 231 20.44 -13.46 5.01
CA LYS B 231 19.64 -13.84 6.17
C LYS B 231 20.06 -15.21 6.75
N TRP B 232 20.16 -16.24 5.91
CA TRP B 232 20.64 -17.56 6.35
C TRP B 232 21.97 -17.51 7.13
N ILE B 233 22.94 -16.81 6.59
CA ILE B 233 24.28 -16.70 7.17
C ILE B 233 24.26 -15.95 8.51
N LYS B 234 23.61 -14.78 8.53
CA LYS B 234 23.36 -14.01 9.74
C LYS B 234 22.85 -14.93 10.86
N LYS B 235 21.79 -15.69 10.55
CA LYS B 235 21.18 -16.62 11.49
C LYS B 235 22.09 -17.81 11.84
N ARG B 236 22.67 -18.46 10.83
CA ARG B 236 23.62 -19.55 11.06
C ARG B 236 24.84 -19.12 11.88
N ASN B 237 25.20 -17.83 11.79
CA ASN B 237 26.28 -17.31 12.62
C ASN B 237 25.87 -17.15 14.09
N ILE B 238 24.66 -16.63 14.31
CA ILE B 238 24.05 -16.59 15.63
C ILE B 238 24.00 -18.00 16.23
N ALA B 239 23.55 -18.97 15.44
CA ALA B 239 23.47 -20.37 15.88
C ALA B 239 24.84 -20.98 16.19
N ASN B 240 25.84 -20.62 15.40
CA ASN B 240 27.20 -21.12 15.57
C ASN B 240 27.83 -20.79 16.92
N ASN B 241 27.36 -19.70 17.52
CA ASN B 241 27.91 -19.20 18.78
C ASN B 241 26.89 -19.25 19.93
N THR B 242 25.97 -20.22 19.86
CA THR B 242 24.83 -20.27 20.76
C THR B 242 24.37 -21.71 20.95
N THR B 243 24.20 -22.44 19.85
CA THR B 243 23.76 -23.83 19.91
C THR B 243 24.45 -24.64 18.80
N LYS B 244 23.69 -24.96 17.75
CA LYS B 244 24.13 -25.86 16.70
C LYS B 244 23.12 -25.87 15.56
N GLU B 245 23.48 -25.20 14.46
CA GLU B 245 22.79 -25.28 13.16
C GLU B 245 21.40 -25.93 13.14
N LYS B 246 21.24 -26.92 12.28
CA LYS B 246 20.03 -27.74 12.15
C LYS B 246 18.79 -26.95 11.73
N ASN B 247 18.32 -26.06 12.59
CA ASN B 247 17.03 -25.42 12.40
C ASN B 247 16.96 -24.49 11.21
N ILE B 248 18.11 -24.00 10.76
CA ILE B 248 18.13 -22.77 9.96
C ILE B 248 17.66 -22.96 8.52
N SER B 249 16.46 -22.45 8.26
CA SER B 249 15.91 -22.41 6.92
C SER B 249 15.20 -21.08 6.72
N VAL B 250 14.97 -20.72 5.45
CA VAL B 250 14.38 -19.45 5.07
C VAL B 250 13.39 -19.71 3.96
N ASP B 251 12.11 -19.49 4.23
CA ASP B 251 11.05 -19.71 3.27
C ASP B 251 10.55 -18.33 2.87
N VAL B 252 10.88 -17.95 1.64
CA VAL B 252 10.57 -16.63 1.11
C VAL B 252 9.05 -16.35 0.95
N ASP B 253 8.25 -17.38 0.69
CA ASP B 253 6.85 -17.18 0.35
C ASP B 253 5.92 -17.46 1.51
N ALA B 254 6.52 -17.59 2.70
CA ALA B 254 5.80 -17.92 3.92
C ALA B 254 5.48 -16.70 4.80
N ASP B 255 5.86 -16.78 6.08
CA ASP B 255 5.56 -15.75 7.06
C ASP B 255 6.10 -14.38 6.66
N ALA B 256 7.41 -14.26 6.48
CA ALA B 256 8.03 -13.02 6.03
C ALA B 256 7.16 -12.37 4.96
N SER B 257 6.68 -13.22 4.04
CA SER B 257 5.86 -12.76 2.93
C SER B 257 4.43 -12.34 3.34
N SER B 258 3.80 -13.10 4.23
CA SER B 258 2.44 -12.71 4.64
C SER B 258 2.44 -11.52 5.61
N GLN B 259 3.52 -11.38 6.38
CA GLN B 259 3.70 -10.20 7.25
C GLN B 259 3.74 -8.91 6.45
N LEU B 260 4.46 -8.95 5.33
CA LEU B 260 4.65 -7.79 4.48
C LEU B 260 3.37 -7.48 3.70
N LEU B 261 2.64 -8.52 3.34
CA LEU B 261 1.36 -8.39 2.64
C LEU B 261 0.30 -7.74 3.52
N SER B 262 0.37 -8.02 4.81
CA SER B 262 -0.59 -7.47 5.74
C SER B 262 -0.31 -6.00 5.92
N LEU B 263 0.97 -5.66 5.90
CA LEU B 263 1.39 -4.28 6.05
C LEU B 263 0.96 -3.46 4.84
N LEU B 264 1.15 -4.00 3.64
CA LEU B 264 0.61 -3.38 2.44
C LEU B 264 -0.92 -3.34 2.44
N LYS B 265 -1.53 -4.50 2.68
CA LYS B 265 -2.95 -4.68 2.35
C LYS B 265 -3.92 -4.14 3.39
N SER B 266 -3.46 -3.93 4.63
CA SER B 266 -4.37 -3.47 5.71
C SER B 266 -4.95 -2.06 5.53
N MET C 1 -27.93 -29.69 -33.16
CA MET C 1 -29.33 -29.95 -33.63
C MET C 1 -30.23 -28.73 -33.39
N GLU C 2 -31.37 -28.70 -34.09
CA GLU C 2 -32.31 -27.58 -34.08
C GLU C 2 -32.95 -27.33 -32.71
N ASP C 3 -33.12 -28.40 -31.93
CA ASP C 3 -33.66 -28.33 -30.57
C ASP C 3 -32.90 -27.32 -29.71
N GLU C 4 -31.58 -27.28 -29.89
CA GLU C 4 -30.72 -26.38 -29.14
C GLU C 4 -30.89 -24.92 -29.55
N ASN C 5 -30.91 -24.67 -30.85
CA ASN C 5 -31.03 -23.32 -31.39
C ASN C 5 -32.26 -22.58 -30.87
N ILE C 6 -33.40 -23.28 -30.85
CA ILE C 6 -34.67 -22.72 -30.35
C ILE C 6 -34.48 -22.25 -28.90
N LEU C 7 -33.87 -23.11 -28.08
CA LEU C 7 -33.63 -22.81 -26.68
C LEU C 7 -32.67 -21.63 -26.51
N ARG C 8 -31.60 -21.63 -27.30
CA ARG C 8 -30.63 -20.54 -27.28
C ARG C 8 -31.26 -19.19 -27.61
N ASN C 9 -32.04 -19.15 -28.68
CA ASN C 9 -32.75 -17.95 -29.06
C ASN C 9 -33.72 -17.47 -27.98
N ALA C 10 -34.39 -18.42 -27.36
CA ALA C 10 -35.34 -18.17 -26.28
C ALA C 10 -34.65 -17.60 -25.05
N VAL C 11 -33.50 -18.19 -24.68
CA VAL C 11 -32.72 -17.64 -23.57
C VAL C 11 -32.18 -16.27 -23.97
N ASN C 12 -31.48 -16.22 -25.10
CA ASN C 12 -30.89 -14.98 -25.60
C ASN C 12 -31.88 -13.83 -25.58
N LEU C 13 -33.06 -14.06 -26.16
CA LEU C 13 -34.11 -13.04 -26.23
C LEU C 13 -34.67 -12.68 -24.85
N GLN C 14 -34.83 -13.70 -23.99
CA GLN C 14 -35.31 -13.49 -22.63
C GLN C 14 -34.32 -12.71 -21.77
N VAL C 15 -33.04 -12.79 -22.15
CA VAL C 15 -31.97 -12.02 -21.50
C VAL C 15 -31.93 -10.58 -22.04
N LEU C 16 -32.06 -10.44 -23.36
CA LEU C 16 -32.03 -9.11 -23.98
C LEU C 16 -33.18 -8.25 -23.46
N LYS C 17 -34.38 -8.84 -23.45
CA LYS C 17 -35.61 -8.17 -23.00
C LYS C 17 -35.59 -7.74 -21.53
N PHE C 18 -34.82 -8.44 -20.71
CA PHE C 18 -34.67 -8.11 -19.30
C PHE C 18 -33.98 -6.76 -19.17
N HIS C 19 -32.98 -6.54 -20.00
CA HIS C 19 -32.23 -5.28 -20.02
C HIS C 19 -32.95 -4.19 -20.78
N TYR C 20 -33.64 -4.58 -21.85
CA TYR C 20 -34.37 -3.66 -22.71
C TYR C 20 -35.73 -4.26 -23.10
N PRO C 21 -36.77 -4.00 -22.30
CA PRO C 21 -38.09 -4.62 -22.49
C PRO C 21 -38.64 -4.44 -23.90
N GLU C 22 -38.22 -3.36 -24.58
CA GLU C 22 -38.77 -2.98 -25.88
C GLU C 22 -38.31 -3.81 -27.08
N ILE C 23 -37.19 -4.53 -26.95
CA ILE C 23 -36.74 -5.42 -28.02
C ILE C 23 -37.79 -6.52 -28.24
N GLU C 24 -38.14 -6.82 -29.49
CA GLU C 24 -39.07 -7.92 -29.73
C GLU C 24 -38.47 -9.07 -30.54
N SER C 25 -37.33 -8.82 -31.18
CA SER C 25 -36.75 -9.80 -32.10
C SER C 25 -35.25 -9.70 -32.29
N ILE C 26 -34.65 -10.84 -32.60
CA ILE C 26 -33.21 -10.98 -32.82
C ILE C 26 -32.96 -11.36 -34.27
N ILE C 27 -32.33 -10.46 -35.00
CA ILE C 27 -32.12 -10.63 -36.42
C ILE C 27 -30.90 -11.51 -36.67
N ASP C 28 -29.79 -11.24 -35.98
CA ASP C 28 -28.52 -11.94 -36.19
C ASP C 28 -27.52 -11.70 -35.03
N ILE C 29 -26.45 -12.49 -34.97
CA ILE C 29 -25.55 -12.50 -33.84
C ILE C 29 -24.10 -12.59 -34.30
N ALA C 30 -23.25 -11.73 -33.71
CA ALA C 30 -21.81 -11.81 -33.92
C ALA C 30 -21.16 -12.31 -32.63
N SER C 31 -20.52 -13.46 -32.71
CA SER C 31 -19.96 -14.15 -31.56
C SER C 31 -19.24 -13.23 -30.56
N HIS C 32 -18.26 -12.48 -31.07
CA HIS C 32 -17.41 -11.63 -30.24
C HIS C 32 -17.03 -10.38 -31.03
N VAL C 33 -17.45 -9.23 -30.50
CA VAL C 33 -17.21 -7.93 -31.10
C VAL C 33 -16.57 -6.93 -30.11
N ALA C 34 -15.57 -6.19 -30.61
CA ALA C 34 -14.93 -5.13 -29.83
C ALA C 34 -15.45 -3.80 -30.33
N VAL C 35 -15.52 -2.80 -29.45
CA VAL C 35 -15.96 -1.48 -29.85
C VAL C 35 -14.83 -0.48 -29.79
N TYR C 36 -14.66 0.28 -30.87
CA TYR C 36 -13.72 1.40 -30.88
C TYR C 36 -14.53 2.66 -31.05
N GLN C 37 -13.89 3.80 -30.83
CA GLN C 37 -14.59 5.05 -30.94
C GLN C 37 -13.62 6.16 -31.33
N PHE C 38 -13.99 6.92 -32.36
CA PHE C 38 -13.17 8.04 -32.78
C PHE C 38 -13.31 9.18 -31.76
N ASP C 39 -12.20 9.62 -31.18
CA ASP C 39 -12.23 10.65 -30.12
C ASP C 39 -12.39 12.05 -30.72
N VAL C 40 -13.50 12.69 -30.40
CA VAL C 40 -13.81 14.05 -30.88
C VAL C 40 -12.68 15.05 -30.63
N GLY C 41 -12.11 15.04 -29.42
CA GLY C 41 -10.90 15.80 -29.10
C GLY C 41 -9.69 15.17 -29.79
N SER C 42 -9.05 15.95 -30.66
CA SER C 42 -8.00 15.46 -31.57
C SER C 42 -8.51 14.36 -32.52
N GLN C 43 -7.61 13.83 -33.34
CA GLN C 43 -7.98 12.88 -34.37
C GLN C 43 -7.34 11.51 -34.12
N LYS C 44 -7.97 10.73 -33.25
CA LYS C 44 -7.46 9.40 -32.89
C LYS C 44 -8.57 8.42 -32.50
N TRP C 45 -8.49 7.22 -33.06
CA TRP C 45 -9.37 6.10 -32.73
C TRP C 45 -9.00 5.52 -31.35
N LEU C 46 -9.99 5.22 -30.51
CA LEU C 46 -9.73 4.63 -29.20
C LEU C 46 -10.54 3.37 -28.97
N LYS C 47 -9.87 2.34 -28.47
CA LYS C 47 -10.58 1.14 -28.07
C LYS C 47 -11.33 1.41 -26.75
N THR C 48 -12.53 0.87 -26.66
CA THR C 48 -13.34 1.04 -25.47
C THR C 48 -13.13 -0.16 -24.57
N SER C 49 -14.06 -0.36 -23.65
CA SER C 49 -14.04 -1.51 -22.74
C SER C 49 -15.21 -2.42 -23.07
N ILE C 50 -16.03 -2.00 -24.02
CA ILE C 50 -17.16 -2.79 -24.46
C ILE C 50 -16.66 -3.84 -25.44
N GLU C 51 -16.88 -5.09 -25.07
CA GLU C 51 -16.39 -6.24 -25.79
C GLU C 51 -17.29 -7.37 -25.38
N GLY C 52 -17.83 -8.10 -26.35
CA GLY C 52 -18.71 -9.21 -26.07
C GLY C 52 -19.55 -9.59 -27.26
N THR C 53 -20.71 -10.17 -27.00
CA THR C 53 -21.56 -10.70 -28.04
C THR C 53 -22.48 -9.62 -28.57
N PHE C 54 -22.56 -9.54 -29.89
CA PHE C 54 -23.26 -8.50 -30.60
C PHE C 54 -24.52 -9.17 -31.09
N PHE C 55 -25.66 -8.55 -30.80
CA PHE C 55 -26.99 -9.01 -31.18
C PHE C 55 -27.61 -7.92 -32.00
N LEU C 56 -27.92 -8.25 -33.27
CA LEU C 56 -28.60 -7.33 -34.17
C LEU C 56 -30.08 -7.44 -33.89
N VAL C 57 -30.67 -6.43 -33.25
CA VAL C 57 -32.04 -6.55 -32.72
C VAL C 57 -33.08 -5.63 -33.32
N LYS C 58 -34.30 -6.17 -33.41
CA LYS C 58 -35.48 -5.42 -33.82
C LYS C 58 -36.35 -5.22 -32.60
N ASP C 59 -36.88 -4.03 -32.44
CA ASP C 59 -37.73 -3.71 -31.29
C ASP C 59 -39.20 -3.49 -31.68
N GLN C 60 -40.00 -3.07 -30.69
CA GLN C 60 -41.32 -2.48 -30.94
C GLN C 60 -41.13 -1.19 -31.72
N ARG C 61 -41.95 -0.95 -32.75
CA ARG C 61 -41.72 0.17 -33.68
C ARG C 61 -40.84 -0.25 -34.85
N ALA C 62 -40.45 -1.52 -34.88
CA ALA C 62 -39.57 -2.08 -35.91
C ALA C 62 -38.37 -1.20 -36.23
N ARG C 63 -37.69 -0.74 -35.18
CA ARG C 63 -36.46 0.04 -35.32
C ARG C 63 -35.30 -0.91 -35.24
N VAL C 64 -34.40 -0.84 -36.23
CA VAL C 64 -33.24 -1.71 -36.23
C VAL C 64 -32.18 -1.14 -35.30
N GLY C 65 -31.42 -2.02 -34.67
CA GLY C 65 -30.37 -1.62 -33.75
C GLY C 65 -29.63 -2.83 -33.27
N TYR C 66 -28.78 -2.65 -32.26
CA TYR C 66 -27.94 -3.72 -31.76
C TYR C 66 -27.47 -3.57 -30.32
N VAL C 67 -27.33 -4.72 -29.67
CA VAL C 67 -26.93 -4.84 -28.27
C VAL C 67 -25.65 -5.67 -28.14
N ILE C 68 -24.68 -5.15 -27.38
CA ILE C 68 -23.51 -5.90 -27.05
C ILE C 68 -23.52 -6.13 -25.54
N LEU C 69 -23.62 -7.39 -25.14
CA LEU C 69 -23.64 -7.76 -23.74
C LEU C 69 -22.21 -7.81 -23.29
N ASN C 70 -21.76 -6.67 -22.76
CA ASN C 70 -20.40 -6.48 -22.33
C ASN C 70 -19.90 -7.51 -21.33
N ARG C 71 -18.77 -8.14 -21.67
CA ARG C 71 -18.08 -9.06 -20.76
C ARG C 71 -17.23 -8.37 -19.68
N ASN C 72 -16.85 -7.12 -19.92
CA ASN C 72 -15.92 -6.39 -19.07
C ASN C 72 -16.53 -5.53 -17.94
N SER C 73 -17.81 -5.17 -18.07
CA SER C 73 -18.56 -4.44 -17.03
C SER C 73 -20.05 -4.56 -17.32
N PRO C 74 -20.93 -4.25 -16.32
CA PRO C 74 -22.38 -4.27 -16.56
C PRO C 74 -22.87 -3.26 -17.61
N GLU C 75 -22.04 -2.27 -17.89
CA GLU C 75 -22.28 -1.24 -18.89
C GLU C 75 -22.35 -1.83 -20.32
N ASN C 76 -23.55 -2.30 -20.70
CA ASN C 76 -23.80 -2.82 -22.04
C ASN C 76 -23.78 -1.72 -23.12
N LEU C 77 -24.03 -2.08 -24.37
CA LEU C 77 -24.18 -1.08 -25.42
C LEU C 77 -25.39 -1.37 -26.27
N TYR C 78 -26.24 -0.37 -26.47
CA TYR C 78 -27.43 -0.53 -27.31
C TYR C 78 -27.61 0.70 -28.14
N LEU C 79 -27.14 0.64 -29.39
CA LEU C 79 -27.23 1.76 -30.31
C LEU C 79 -28.24 1.44 -31.40
N PHE C 80 -28.94 2.48 -31.87
CA PHE C 80 -29.87 2.35 -32.99
C PHE C 80 -29.18 2.64 -34.33
N ILE C 81 -29.68 2.00 -35.39
CA ILE C 81 -29.16 2.24 -36.73
C ILE C 81 -30.27 2.92 -37.51
N ASN C 82 -30.28 4.25 -37.48
CA ASN C 82 -31.39 5.04 -38.03
C ASN C 82 -31.58 4.94 -39.53
N HIS C 83 -30.48 4.73 -40.25
CA HIS C 83 -30.51 4.56 -41.69
C HIS C 83 -29.31 3.74 -42.15
N PRO C 84 -29.53 2.76 -43.06
CA PRO C 84 -28.45 1.97 -43.63
C PRO C 84 -27.27 2.83 -44.05
N SER C 85 -27.56 4.02 -44.56
CA SER C 85 -26.54 4.99 -44.96
C SER C 85 -25.48 5.27 -43.88
N ASN C 86 -25.84 5.04 -42.63
CA ASN C 86 -24.97 5.40 -41.51
C ASN C 86 -23.78 4.43 -41.29
N VAL C 87 -23.95 3.19 -41.72
CA VAL C 87 -22.94 2.16 -41.50
C VAL C 87 -21.93 2.08 -42.64
N HIS C 88 -20.69 1.77 -42.29
CA HIS C 88 -19.64 1.69 -43.27
C HIS C 88 -18.74 0.49 -43.04
N LEU C 89 -18.12 -0.01 -44.11
CA LEU C 89 -17.23 -1.15 -44.04
C LEU C 89 -15.86 -0.78 -44.58
N VAL C 90 -14.90 -0.65 -43.67
CA VAL C 90 -13.55 -0.32 -44.05
C VAL C 90 -12.61 -1.25 -43.29
N ASP C 91 -11.66 -1.82 -44.01
CA ASP C 91 -10.63 -2.69 -43.44
C ASP C 91 -11.10 -3.46 -42.20
N ARG C 92 -11.94 -4.47 -42.42
CA ARG C 92 -12.41 -5.36 -41.35
C ARG C 92 -13.13 -4.70 -40.16
N TYR C 93 -13.29 -3.38 -40.19
CA TYR C 93 -14.05 -2.61 -39.19
C TYR C 93 -15.45 -2.39 -39.68
N LEU C 94 -16.38 -2.22 -38.76
CA LEU C 94 -17.69 -1.71 -39.13
C LEU C 94 -17.88 -0.33 -38.51
N ILE C 95 -17.74 0.69 -39.35
CA ILE C 95 -17.89 2.08 -38.91
C ILE C 95 -19.37 2.47 -38.92
N HIS C 96 -19.83 3.00 -37.78
CA HIS C 96 -21.22 3.38 -37.61
C HIS C 96 -21.34 4.79 -37.03
N ARG C 97 -22.02 5.66 -37.76
CA ARG C 97 -22.29 7.02 -37.31
C ARG C 97 -23.65 7.07 -36.64
N THR C 98 -23.67 7.48 -35.38
CA THR C 98 -24.92 7.66 -34.66
C THR C 98 -25.33 9.14 -34.56
N GLU C 99 -26.65 9.38 -34.56
CA GLU C 99 -27.25 10.74 -34.60
C GLU C 99 -26.46 11.83 -33.88
N ASN C 100 -26.13 11.56 -32.61
CA ASN C 100 -25.47 12.54 -31.75
C ASN C 100 -24.00 12.80 -32.12
N GLN C 101 -23.73 12.82 -33.43
CA GLN C 101 -22.40 13.12 -34.01
C GLN C 101 -21.24 12.21 -33.55
N HIS C 102 -21.54 11.01 -33.05
CA HIS C 102 -20.47 10.06 -32.65
C HIS C 102 -20.14 9.02 -33.71
N VAL C 103 -18.86 8.76 -33.90
CA VAL C 103 -18.39 7.67 -34.76
C VAL C 103 -17.93 6.49 -33.91
N VAL C 104 -18.59 5.35 -34.09
CA VAL C 104 -18.22 4.11 -33.42
C VAL C 104 -17.69 3.06 -34.42
N GLY C 105 -16.60 2.40 -34.06
CA GLY C 105 -16.00 1.36 -34.89
C GLY C 105 -16.21 -0.02 -34.30
N LEU C 106 -16.75 -0.94 -35.11
CA LEU C 106 -17.07 -2.27 -34.64
C LEU C 106 -16.17 -3.30 -35.30
N TRP C 107 -15.41 -4.03 -34.48
CA TRP C 107 -14.53 -5.09 -34.96
C TRP C 107 -15.05 -6.42 -34.46
N MET C 108 -15.67 -7.17 -35.38
CA MET C 108 -16.14 -8.51 -35.08
C MET C 108 -14.99 -9.44 -35.31
N PHE C 109 -14.83 -10.41 -34.44
CA PHE C 109 -13.67 -11.30 -34.47
C PHE C 109 -13.73 -12.40 -35.52
N ASP C 110 -14.93 -12.68 -36.01
CA ASP C 110 -15.16 -13.62 -37.10
C ASP C 110 -15.42 -12.81 -38.37
N PRO C 111 -14.52 -12.87 -39.38
CA PRO C 111 -14.67 -12.08 -40.62
C PRO C 111 -16.04 -12.29 -41.25
N ASN C 112 -16.54 -13.53 -41.19
CA ASN C 112 -17.84 -13.90 -41.71
C ASN C 112 -19.02 -13.15 -41.07
N ASP C 113 -18.95 -12.90 -39.77
CA ASP C 113 -20.01 -12.15 -39.09
C ASP C 113 -20.05 -10.73 -39.68
N MET C 114 -18.87 -10.14 -39.82
CA MET C 114 -18.69 -8.82 -40.42
C MET C 114 -19.41 -8.66 -41.76
N SER C 115 -19.18 -9.58 -42.68
CA SER C 115 -19.82 -9.49 -43.99
C SER C 115 -21.33 -9.68 -43.90
N ARG C 116 -21.77 -10.64 -43.10
CA ARG C 116 -23.17 -11.01 -43.03
C ARG C 116 -23.99 -9.86 -42.49
N ILE C 117 -23.50 -9.24 -41.43
CA ILE C 117 -24.20 -8.15 -40.77
C ILE C 117 -24.13 -6.85 -41.57
N PHE C 118 -23.01 -6.64 -42.27
CA PHE C 118 -22.93 -5.48 -43.14
C PHE C 118 -23.99 -5.58 -44.23
N ASN C 119 -23.98 -6.66 -45.01
CA ASN C 119 -24.93 -6.82 -46.10
C ASN C 119 -26.39 -6.76 -45.63
N ILE C 120 -26.63 -7.23 -44.41
CA ILE C 120 -27.97 -7.32 -43.86
C ILE C 120 -28.42 -5.97 -43.32
N VAL C 121 -27.48 -5.19 -42.82
CA VAL C 121 -27.80 -3.89 -42.23
C VAL C 121 -27.85 -2.85 -43.32
N LYS C 122 -26.81 -2.78 -44.14
CA LYS C 122 -26.78 -1.90 -45.30
C LYS C 122 -27.74 -2.46 -46.34
N GLU C 123 -29.04 -2.45 -46.01
CA GLU C 123 -30.09 -3.01 -46.86
C GLU C 123 -31.38 -2.19 -46.77
N MET D 1 -29.36 -0.35 -10.79
CA MET D 1 -28.62 -0.06 -12.06
C MET D 1 -28.91 -1.06 -13.17
N SER D 2 -28.76 -2.35 -12.89
CA SER D 2 -28.97 -3.37 -13.92
C SER D 2 -29.43 -4.73 -13.40
N PHE D 3 -28.82 -5.19 -12.31
CA PHE D 3 -29.14 -6.49 -11.75
C PHE D 3 -29.76 -6.34 -10.34
N THR D 4 -30.07 -5.09 -9.99
CA THR D 4 -30.65 -4.73 -8.69
C THR D 4 -31.86 -5.57 -8.28
N ASN D 5 -32.72 -5.89 -9.24
CA ASN D 5 -33.97 -6.61 -8.97
C ASN D 5 -33.96 -8.06 -9.48
N ALA D 6 -32.86 -8.45 -10.12
CA ALA D 6 -32.72 -9.76 -10.77
C ALA D 6 -32.75 -10.93 -9.80
N THR D 7 -33.60 -11.91 -10.09
CA THR D 7 -33.57 -13.17 -9.34
C THR D 7 -32.33 -13.95 -9.75
N PHE D 8 -31.81 -14.76 -8.84
CA PHE D 8 -30.62 -15.58 -9.09
C PHE D 8 -30.76 -16.32 -10.43
N SER D 9 -31.96 -16.81 -10.72
CA SER D 9 -32.24 -17.52 -11.96
C SER D 9 -32.10 -16.63 -13.20
N GLN D 10 -32.47 -15.35 -13.05
CA GLN D 10 -32.30 -14.36 -14.11
C GLN D 10 -30.82 -14.01 -14.28
N VAL D 11 -30.07 -14.10 -13.19
CA VAL D 11 -28.65 -13.80 -13.21
C VAL D 11 -27.89 -14.87 -14.00
N LEU D 12 -28.23 -16.14 -13.76
CA LEU D 12 -27.57 -17.25 -14.46
C LEU D 12 -27.88 -17.24 -15.95
N ASP D 13 -29.15 -17.03 -16.29
CA ASP D 13 -29.55 -16.92 -17.68
C ASP D 13 -28.71 -15.88 -18.39
N ASP D 14 -28.55 -14.71 -17.77
CA ASP D 14 -27.79 -13.61 -18.33
C ASP D 14 -26.32 -13.98 -18.55
N LEU D 15 -25.76 -14.71 -17.60
CA LEU D 15 -24.38 -15.14 -17.70
C LEU D 15 -24.23 -16.19 -18.80
N SER D 16 -25.25 -17.01 -18.99
CA SER D 16 -25.25 -17.99 -20.06
C SER D 16 -25.14 -17.30 -21.42
N ALA D 17 -25.92 -16.23 -21.58
CA ALA D 17 -25.95 -15.49 -22.84
C ALA D 17 -24.65 -14.69 -23.00
N ARG D 18 -24.25 -14.04 -21.90
CA ARG D 18 -23.10 -13.15 -21.87
C ARG D 18 -21.74 -13.85 -22.09
N PHE D 19 -21.66 -15.15 -21.81
CA PHE D 19 -20.36 -15.82 -21.77
C PHE D 19 -20.32 -17.15 -22.49
N ILE D 20 -21.28 -18.02 -22.18
CA ILE D 20 -21.43 -19.32 -22.83
C ILE D 20 -22.33 -19.13 -24.05
N LEU D 21 -22.82 -20.24 -24.61
CA LEU D 21 -23.98 -20.23 -25.50
C LEU D 21 -23.85 -19.52 -26.84
N ASN D 22 -23.04 -18.48 -26.90
CA ASN D 22 -22.82 -17.72 -28.13
C ASN D 22 -21.33 -17.68 -28.50
N LEU D 23 -20.73 -18.87 -28.58
CA LEU D 23 -19.31 -19.01 -28.91
C LEU D 23 -19.10 -19.36 -30.38
N PRO D 24 -17.98 -18.89 -30.97
CA PRO D 24 -17.65 -19.13 -32.39
C PRO D 24 -17.67 -20.60 -32.79
N ALA D 25 -17.70 -20.86 -34.10
CA ALA D 25 -17.67 -22.20 -34.66
C ALA D 25 -16.47 -22.99 -34.12
N GLU D 26 -15.26 -22.54 -34.46
CA GLU D 26 -14.01 -23.18 -34.07
C GLU D 26 -14.01 -23.63 -32.60
N GLU D 27 -14.50 -22.76 -31.73
CA GLU D 27 -14.40 -22.94 -30.27
C GLU D 27 -15.56 -23.74 -29.68
N GLN D 28 -16.00 -24.77 -30.41
CA GLN D 28 -17.15 -25.58 -29.99
C GLN D 28 -16.86 -27.08 -30.03
N SER D 29 -15.65 -27.44 -29.60
CA SER D 29 -15.24 -28.83 -29.44
C SER D 29 -14.21 -28.90 -28.32
N SER D 30 -14.37 -28.00 -27.34
CA SER D 30 -13.43 -27.85 -26.25
C SER D 30 -14.15 -27.65 -24.94
N VAL D 31 -13.76 -28.44 -23.93
CA VAL D 31 -14.20 -28.16 -22.57
C VAL D 31 -13.33 -27.07 -21.97
N GLU D 32 -12.09 -26.96 -22.47
CA GLU D 32 -11.18 -25.89 -22.08
C GLU D 32 -11.81 -24.53 -22.27
N ARG D 33 -12.23 -24.24 -23.49
CA ARG D 33 -12.91 -22.99 -23.82
C ARG D 33 -14.08 -22.77 -22.87
N LEU D 34 -14.85 -23.83 -22.64
CA LEU D 34 -16.05 -23.75 -21.82
C LEU D 34 -15.72 -23.41 -20.36
N CYS D 35 -14.79 -24.17 -19.78
CA CYS D 35 -14.38 -23.98 -18.40
C CYS D 35 -13.82 -22.58 -18.22
N PHE D 36 -13.03 -22.15 -19.21
CA PHE D 36 -12.46 -20.81 -19.22
C PHE D 36 -13.53 -19.75 -19.17
N GLN D 37 -14.61 -19.97 -19.91
CA GLN D 37 -15.72 -19.04 -20.00
C GLN D 37 -16.56 -19.06 -18.74
N ILE D 38 -16.67 -20.23 -18.12
CA ILE D 38 -17.36 -20.36 -16.86
C ILE D 38 -16.63 -19.55 -15.80
N GLU D 39 -15.30 -19.60 -15.81
CA GLU D 39 -14.51 -18.80 -14.86
C GLU D 39 -14.71 -17.30 -15.10
N GLN D 40 -14.87 -16.88 -16.35
CA GLN D 40 -15.13 -15.48 -16.67
C GLN D 40 -16.47 -15.02 -16.05
N ALA D 41 -17.53 -15.79 -16.30
CA ALA D 41 -18.85 -15.56 -15.70
C ALA D 41 -18.77 -15.42 -14.18
N HIS D 42 -18.14 -16.40 -13.53
CA HIS D 42 -18.04 -16.46 -12.09
C HIS D 42 -17.51 -15.15 -11.50
N TRP D 43 -16.45 -14.61 -12.12
CA TRP D 43 -15.85 -13.33 -11.69
C TRP D 43 -16.75 -12.16 -11.95
N PHE D 44 -17.42 -12.18 -13.10
CA PHE D 44 -18.36 -11.13 -13.47
C PHE D 44 -19.49 -11.04 -12.44
N TYR D 45 -20.03 -12.22 -12.08
CA TYR D 45 -21.00 -12.39 -11.00
C TYR D 45 -20.46 -11.86 -9.66
N GLU D 46 -19.26 -12.30 -9.29
CA GLU D 46 -18.64 -11.88 -8.03
C GLU D 46 -18.34 -10.37 -7.96
N ASP D 47 -17.86 -9.81 -9.07
CA ASP D 47 -17.34 -8.45 -9.08
C ASP D 47 -18.38 -7.38 -9.36
N PHE D 48 -19.33 -7.67 -10.26
CA PHE D 48 -20.30 -6.67 -10.70
C PHE D 48 -21.71 -6.93 -10.21
N ILE D 49 -22.18 -8.17 -10.40
CA ILE D 49 -23.55 -8.55 -10.08
C ILE D 49 -23.81 -8.45 -8.57
N ARG D 50 -22.98 -9.12 -7.77
CA ARG D 50 -23.09 -9.07 -6.31
C ARG D 50 -23.00 -7.64 -5.75
N ALA D 51 -22.04 -6.87 -6.25
CA ALA D 51 -21.89 -5.45 -5.90
C ALA D 51 -23.15 -4.62 -6.13
N GLN D 52 -24.12 -5.21 -6.86
CA GLN D 52 -25.39 -4.53 -7.15
C GLN D 52 -26.56 -5.09 -6.33
N ASN D 53 -26.40 -6.31 -5.83
CA ASN D 53 -27.43 -6.98 -5.03
C ASN D 53 -26.88 -7.91 -3.94
N ASP D 54 -27.47 -7.80 -2.75
CA ASP D 54 -26.98 -8.53 -1.57
C ASP D 54 -27.59 -9.91 -1.36
N GLN D 55 -28.88 -10.06 -1.67
CA GLN D 55 -29.56 -11.36 -1.61
C GLN D 55 -28.76 -12.46 -2.31
N LEU D 56 -27.91 -12.07 -3.27
CA LEU D 56 -27.10 -13.03 -4.03
C LEU D 56 -25.87 -13.49 -3.25
N PRO D 57 -25.73 -14.81 -3.06
CA PRO D 57 -24.67 -15.35 -2.22
C PRO D 57 -23.33 -15.44 -2.94
N SER D 58 -22.26 -15.24 -2.18
CA SER D 58 -20.92 -15.42 -2.69
C SER D 58 -20.61 -16.91 -2.72
N LEU D 59 -20.27 -17.42 -3.90
CA LEU D 59 -20.08 -18.85 -4.10
C LEU D 59 -18.70 -19.22 -4.61
N GLY D 60 -18.33 -20.48 -4.42
CA GLY D 60 -17.09 -21.01 -4.98
C GLY D 60 -17.25 -21.27 -6.46
N LEU D 61 -16.13 -21.37 -7.17
CA LEU D 61 -16.14 -21.61 -8.62
C LEU D 61 -16.78 -22.95 -8.99
N ARG D 62 -16.66 -23.94 -8.10
CA ARG D 62 -17.23 -25.26 -8.31
C ARG D 62 -18.73 -25.24 -7.96
N VAL D 63 -19.05 -24.47 -6.92
CA VAL D 63 -20.41 -24.34 -6.38
C VAL D 63 -21.28 -23.54 -7.35
N PHE D 64 -20.67 -22.54 -7.98
CA PHE D 64 -21.31 -21.74 -9.02
C PHE D 64 -21.49 -22.57 -10.30
N SER D 65 -20.40 -23.16 -10.77
CA SER D 65 -20.40 -23.89 -12.04
C SER D 65 -21.50 -24.94 -12.11
N ALA D 66 -21.67 -25.71 -11.03
CA ALA D 66 -22.66 -26.77 -10.96
C ALA D 66 -24.07 -26.22 -11.12
N LYS D 67 -24.32 -25.09 -10.47
CA LYS D 67 -25.63 -24.43 -10.53
C LYS D 67 -25.93 -23.90 -11.92
N LEU D 68 -24.90 -23.41 -12.61
CA LEU D 68 -25.01 -22.94 -13.98
C LEU D 68 -25.36 -24.10 -14.92
N PHE D 69 -24.67 -25.22 -14.75
CA PHE D 69 -24.94 -26.45 -15.49
C PHE D 69 -26.37 -26.95 -15.29
N ALA D 70 -26.90 -26.76 -14.09
CA ALA D 70 -28.28 -27.13 -13.79
C ALA D 70 -29.26 -26.07 -14.28
N HIS D 71 -29.01 -25.52 -15.47
CA HIS D 71 -29.88 -24.49 -16.02
C HIS D 71 -30.20 -24.67 -17.51
N CYS D 72 -29.25 -25.20 -18.27
CA CYS D 72 -29.37 -25.25 -19.72
C CYS D 72 -29.32 -26.67 -20.28
N TRP D 76 -30.59 -28.43 -17.80
CA TRP D 76 -29.89 -29.72 -17.78
C TRP D 76 -29.00 -29.84 -19.03
N LYS D 77 -27.70 -30.00 -18.81
CA LYS D 77 -26.70 -29.93 -19.88
C LYS D 77 -26.08 -31.29 -20.21
N TRP D 78 -25.78 -31.49 -21.49
CA TRP D 78 -25.12 -32.70 -21.98
C TRP D 78 -23.69 -32.82 -21.48
N SER D 79 -23.03 -31.68 -21.28
CA SER D 79 -21.65 -31.65 -20.81
C SER D 79 -21.51 -31.97 -19.31
N LYS D 80 -22.54 -32.59 -18.74
CA LYS D 80 -22.54 -32.98 -17.33
C LYS D 80 -21.53 -34.09 -17.00
N VAL D 81 -21.18 -34.89 -18.00
CA VAL D 81 -20.13 -35.91 -17.87
C VAL D 81 -18.76 -35.22 -17.81
N HIS D 82 -18.62 -34.13 -18.57
CA HIS D 82 -17.40 -33.34 -18.60
C HIS D 82 -17.26 -32.41 -17.38
N GLU D 83 -18.24 -32.50 -16.48
CA GLU D 83 -18.19 -31.78 -15.20
C GLU D 83 -17.39 -32.58 -14.16
N GLU D 84 -17.26 -33.88 -14.39
CA GLU D 84 -16.41 -34.74 -13.57
C GLU D 84 -14.96 -34.64 -14.05
N ALA D 85 -14.81 -34.43 -15.37
CA ALA D 85 -13.50 -34.13 -15.97
C ALA D 85 -13.04 -32.73 -15.60
N PHE D 86 -13.99 -31.89 -15.18
CA PHE D 86 -13.70 -30.55 -14.66
C PHE D 86 -13.31 -30.63 -13.18
N ASP D 87 -13.88 -31.59 -12.46
CA ASP D 87 -13.54 -31.84 -11.06
C ASP D 87 -12.11 -32.37 -10.90
N ASP D 88 -11.62 -32.99 -11.97
CA ASP D 88 -10.24 -33.48 -12.03
C ASP D 88 -9.28 -32.31 -12.28
N PHE D 89 -9.74 -31.36 -13.10
CA PHE D 89 -8.93 -30.21 -13.51
C PHE D 89 -8.99 -29.05 -12.51
N LEU D 90 -9.33 -29.36 -11.26
CA LEU D 90 -9.45 -28.35 -10.20
C LEU D 90 -8.58 -28.63 -8.98
N ARG D 91 -8.62 -29.86 -8.47
CA ARG D 91 -7.75 -30.23 -7.36
C ARG D 91 -6.33 -30.59 -7.84
N TYR D 92 -6.07 -30.41 -9.14
CA TYR D 92 -4.77 -30.75 -9.74
C TYR D 92 -4.02 -29.53 -10.33
N LYS D 93 -4.73 -28.40 -10.43
CA LYS D 93 -4.11 -27.12 -10.83
C LYS D 93 -3.60 -26.37 -9.59
N THR D 94 -4.02 -26.84 -8.41
CA THR D 94 -3.60 -26.24 -7.16
C THR D 94 -3.43 -27.34 -6.11
N ARG D 95 -2.18 -27.70 -5.82
CA ARG D 95 -1.89 -28.73 -4.83
C ARG D 95 -1.25 -28.19 -3.56
N ILE D 96 -2.03 -28.17 -2.48
CA ILE D 96 -1.66 -27.52 -1.21
C ILE D 96 -0.86 -28.43 -0.27
N PRO D 97 0.21 -27.89 0.37
CA PRO D 97 1.08 -28.65 1.27
C PRO D 97 0.34 -29.44 2.35
N VAL D 98 0.82 -30.66 2.61
CA VAL D 98 0.28 -31.49 3.68
C VAL D 98 1.36 -31.84 4.71
N ARG D 99 0.96 -31.93 5.97
CA ARG D 99 1.87 -32.25 7.06
C ARG D 99 1.25 -33.36 7.90
N GLY D 100 2.09 -34.28 8.35
CA GLY D 100 1.65 -35.39 9.20
C GLY D 100 2.82 -35.96 9.97
N ALA D 101 2.68 -37.19 10.44
CA ALA D 101 3.72 -37.82 11.21
C ALA D 101 3.96 -39.27 10.84
N ILE D 102 5.12 -39.78 11.23
CA ILE D 102 5.39 -41.19 11.16
C ILE D 102 5.63 -41.64 12.59
N MET D 103 4.60 -42.22 13.19
CA MET D 103 4.69 -42.70 14.57
C MET D 103 5.31 -44.10 14.59
N LEU D 104 6.35 -44.28 15.42
CA LEU D 104 7.07 -45.55 15.53
C LEU D 104 6.94 -46.17 16.91
N ASP D 105 7.13 -47.48 17.01
CA ASP D 105 6.71 -48.25 18.19
C ASP D 105 7.67 -48.18 19.39
N MET D 106 8.96 -48.32 19.14
CA MET D 106 10.03 -48.29 20.16
C MET D 106 11.29 -48.95 19.61
N SER D 107 11.19 -50.23 19.24
CA SER D 107 12.25 -50.93 18.50
C SER D 107 12.36 -50.34 17.09
N MET D 108 11.41 -49.47 16.76
CA MET D 108 11.30 -48.81 15.46
C MET D 108 11.21 -49.86 14.33
N GLN D 109 10.35 -50.85 14.55
CA GLN D 109 10.03 -51.86 13.52
C GLN D 109 8.52 -51.95 13.25
N GLN D 110 7.78 -50.97 13.75
CA GLN D 110 6.35 -50.82 13.45
C GLN D 110 5.97 -49.35 13.32
N CYS D 111 5.00 -49.07 12.45
CA CYS D 111 4.55 -47.70 12.20
C CYS D 111 3.04 -47.64 11.92
N VAL D 112 2.35 -46.73 12.62
CA VAL D 112 0.91 -46.56 12.45
C VAL D 112 0.55 -46.02 11.07
N LEU D 113 -0.29 -46.76 10.36
CA LEU D 113 -0.76 -46.36 9.04
C LEU D 113 -2.29 -46.34 8.99
N VAL D 114 -2.83 -45.52 8.09
CA VAL D 114 -4.28 -45.43 7.87
C VAL D 114 -4.62 -45.19 6.40
N TRP D 123 -2.77 -48.62 2.52
CA TRP D 123 -3.01 -47.63 3.58
C TRP D 123 -2.24 -46.34 3.29
N GLY D 124 -1.70 -45.71 4.34
CA GLY D 124 -0.99 -44.45 4.20
C GLY D 124 -0.84 -43.69 5.50
N PHE D 125 0.28 -42.98 5.64
CA PHE D 125 0.63 -42.22 6.84
C PHE D 125 -0.39 -41.15 7.19
N PRO D 126 -0.60 -40.88 8.50
CA PRO D 126 -1.57 -39.88 8.96
C PRO D 126 -1.12 -38.46 8.69
N LYS D 127 -1.49 -37.93 7.52
CA LYS D 127 -1.17 -36.55 7.14
C LYS D 127 -2.42 -35.75 6.74
N GLY D 128 -2.22 -34.61 6.08
CA GLY D 128 -3.35 -33.83 5.59
C GLY D 128 -3.02 -32.37 5.40
N LYS D 129 -3.88 -31.68 4.66
CA LYS D 129 -3.64 -30.32 4.18
C LYS D 129 -3.42 -29.31 5.29
N ILE D 130 -2.53 -28.35 5.02
CA ILE D 130 -2.24 -27.28 5.97
C ILE D 130 -3.42 -26.32 6.05
N ASP D 131 -3.86 -26.03 7.28
CA ASP D 131 -5.04 -25.20 7.47
C ASP D 131 -4.72 -23.75 7.19
N LYS D 132 -5.76 -22.98 6.89
CA LYS D 132 -5.65 -21.65 6.29
C LYS D 132 -4.22 -21.10 6.17
N ASP D 133 -3.62 -20.71 7.30
CA ASP D 133 -2.21 -20.32 7.33
C ASP D 133 -1.57 -20.62 8.68
N GLU D 134 -1.48 -21.91 9.01
CA GLU D 134 -0.93 -22.39 10.29
C GLU D 134 0.60 -22.25 10.35
N SER D 135 1.18 -22.87 11.38
CA SER D 135 2.62 -23.10 11.44
C SER D 135 2.88 -24.36 10.62
N ASP D 136 4.11 -24.84 10.59
CA ASP D 136 4.40 -26.06 9.87
C ASP D 136 4.14 -27.27 10.78
N VAL D 137 4.66 -27.17 12.00
CA VAL D 137 4.49 -28.20 13.05
C VAL D 137 3.04 -28.30 13.50
N ASP D 138 2.37 -27.16 13.66
CA ASP D 138 0.96 -27.13 14.10
C ASP D 138 0.02 -27.95 13.23
N CYS D 139 0.30 -28.01 11.93
CA CYS D 139 -0.53 -28.76 10.98
C CYS D 139 -0.43 -30.27 11.19
N ALA D 140 0.77 -30.76 11.46
CA ALA D 140 0.98 -32.19 11.65
C ALA D 140 0.33 -32.66 12.95
N ILE D 141 0.53 -31.90 14.02
CA ILE D 141 -0.10 -32.21 15.31
C ILE D 141 -1.61 -32.26 15.11
N ARG D 142 -2.15 -31.22 14.49
CA ARG D 142 -3.57 -31.09 14.21
C ARG D 142 -4.11 -32.26 13.37
N GLU D 143 -3.33 -32.66 12.36
CA GLU D 143 -3.78 -33.71 11.45
C GLU D 143 -3.73 -35.12 12.03
N VAL D 144 -2.74 -35.39 12.88
CA VAL D 144 -2.68 -36.69 13.57
C VAL D 144 -3.57 -36.69 14.83
N TYR D 145 -4.02 -35.49 15.22
CA TYR D 145 -4.94 -35.31 16.35
C TYR D 145 -6.35 -35.77 15.99
N GLU D 146 -6.68 -35.71 14.70
CA GLU D 146 -8.02 -36.06 14.25
C GLU D 146 -8.05 -37.12 13.15
N GLU D 147 -6.88 -37.65 12.79
CA GLU D 147 -6.81 -38.76 11.85
C GLU D 147 -6.82 -40.06 12.64
N THR D 148 -6.01 -40.09 13.70
CA THR D 148 -5.77 -41.29 14.48
C THR D 148 -6.23 -41.11 15.93
N GLY D 149 -6.44 -39.85 16.31
CA GLY D 149 -6.91 -39.49 17.64
C GLY D 149 -5.80 -39.52 18.67
N PHE D 150 -4.73 -38.77 18.40
CA PHE D 150 -3.58 -38.73 19.30
C PHE D 150 -2.92 -37.36 19.33
N ASP D 151 -2.46 -36.97 20.53
CA ASP D 151 -1.76 -35.71 20.71
C ASP D 151 -0.26 -35.92 20.86
N CYS D 152 0.48 -35.68 19.78
CA CYS D 152 1.93 -35.88 19.77
C CYS D 152 2.73 -34.58 19.95
N SER D 153 2.04 -33.50 20.33
CA SER D 153 2.70 -32.21 20.52
C SER D 153 3.77 -32.22 21.60
N SER D 154 3.91 -33.35 22.29
CA SER D 154 4.87 -33.52 23.39
C SER D 154 6.05 -34.43 23.02
N ARG D 155 5.96 -35.11 21.88
CA ARG D 155 7.01 -36.02 21.41
C ARG D 155 7.52 -35.64 20.01
N ILE D 156 6.77 -34.78 19.32
CA ILE D 156 7.11 -34.32 17.98
C ILE D 156 8.41 -33.48 17.97
N ASN D 157 9.36 -33.87 17.11
CA ASN D 157 10.61 -33.13 16.94
C ASN D 157 10.63 -32.28 15.68
N PRO D 158 10.53 -30.94 15.83
CA PRO D 158 10.45 -30.00 14.71
C PRO D 158 11.67 -30.06 13.78
N ASN D 159 12.74 -30.71 14.22
CA ASN D 159 13.95 -30.89 13.41
C ASN D 159 14.16 -32.34 12.96
N GLU D 160 13.15 -33.19 13.12
CA GLU D 160 13.21 -34.57 12.64
C GLU D 160 12.00 -34.94 11.79
N PHE D 161 12.23 -35.00 10.47
CA PHE D 161 11.19 -35.29 9.48
C PHE D 161 11.84 -35.84 8.21
N ILE D 162 11.04 -36.41 7.31
CA ILE D 162 11.56 -36.82 6.02
C ILE D 162 10.74 -36.27 4.86
N ASP D 163 10.53 -34.96 4.87
CA ASP D 163 9.74 -34.27 3.86
C ASP D 163 10.20 -34.46 2.40
N MET D 164 9.22 -34.64 1.53
CA MET D 164 9.45 -34.77 0.09
C MET D 164 8.19 -34.38 -0.69
N THR D 165 8.31 -34.18 -2.00
CA THR D 165 7.18 -33.66 -2.76
C THR D 165 6.63 -34.65 -3.79
N ILE D 166 5.45 -35.19 -3.49
CA ILE D 166 4.79 -36.19 -4.32
C ILE D 166 3.84 -35.52 -5.32
N ARG D 167 4.14 -35.68 -6.60
CA ARG D 167 3.34 -35.13 -7.70
C ARG D 167 3.24 -33.60 -7.65
N GLY D 168 4.25 -32.93 -7.10
CA GLY D 168 4.24 -31.46 -7.04
C GLY D 168 3.67 -30.91 -5.74
N GLN D 169 3.32 -31.82 -4.83
CA GLN D 169 2.75 -31.45 -3.55
C GLN D 169 3.75 -31.73 -2.44
N ASN D 170 4.02 -30.70 -1.64
CA ASN D 170 4.87 -30.84 -0.48
C ASN D 170 4.26 -31.70 0.62
N VAL D 171 4.93 -32.81 0.93
CA VAL D 171 4.55 -33.62 2.07
C VAL D 171 5.69 -33.53 3.09
N ARG D 172 5.38 -33.12 4.30
CA ARG D 172 6.34 -33.27 5.38
C ARG D 172 5.81 -34.21 6.43
N LEU D 173 6.60 -35.25 6.74
CA LEU D 173 6.25 -36.20 7.77
C LEU D 173 7.32 -36.25 8.86
N TYR D 174 7.00 -35.62 9.99
CA TYR D 174 7.79 -35.68 11.20
C TYR D 174 7.81 -37.10 11.75
N ILE D 175 8.99 -37.60 12.09
CA ILE D 175 9.11 -38.95 12.61
C ILE D 175 9.11 -38.90 14.13
N ILE D 176 8.26 -39.73 14.73
CA ILE D 176 8.05 -39.83 16.18
C ILE D 176 8.28 -41.27 16.66
N PRO D 177 9.31 -41.49 17.48
CA PRO D 177 9.59 -42.86 17.93
C PRO D 177 8.85 -43.26 19.22
N GLY D 178 8.80 -44.57 19.48
CA GLY D 178 8.30 -45.13 20.74
C GLY D 178 6.93 -44.66 21.20
N ILE D 179 5.89 -45.08 20.48
CA ILE D 179 4.51 -44.69 20.79
C ILE D 179 3.72 -45.82 21.47
N SER D 180 3.97 -45.97 22.78
CA SER D 180 3.20 -46.86 23.65
C SER D 180 3.03 -48.32 23.19
N LEU D 181 2.68 -48.50 21.91
CA LEU D 181 2.52 -49.82 21.26
C LEU D 181 1.18 -50.51 21.56
N ASP D 182 0.37 -49.87 22.41
CA ASP D 182 -1.01 -50.28 22.68
C ASP D 182 -1.84 -49.03 22.96
N THR D 183 -1.63 -48.00 22.15
CA THR D 183 -2.33 -46.74 22.26
C THR D 183 -3.71 -46.91 21.64
N ARG D 184 -4.71 -46.25 22.26
CA ARG D 184 -6.08 -46.26 21.74
C ARG D 184 -6.25 -45.29 20.57
N PHE D 185 -6.24 -45.83 19.36
CA PHE D 185 -6.36 -45.04 18.14
C PHE D 185 -7.70 -45.22 17.46
N GLU D 186 -8.44 -44.11 17.33
CA GLU D 186 -9.71 -44.09 16.60
C GLU D 186 -10.02 -42.66 16.15
N SER D 187 -11.02 -42.04 16.77
CA SER D 187 -11.38 -40.63 16.52
C SER D 187 -11.59 -40.25 15.04
N ARG D 188 -11.83 -41.26 14.20
CA ARG D 188 -11.95 -41.08 12.76
C ARG D 188 -13.40 -40.85 12.30
N ILE D 196 -7.27 -48.72 12.35
CA ILE D 196 -6.08 -48.28 11.63
C ILE D 196 -4.94 -49.28 11.85
N GLU D 197 -4.49 -49.37 13.10
CA GLU D 197 -3.52 -50.38 13.56
C GLU D 197 -2.13 -50.31 12.93
N TRP D 198 -1.15 -50.85 13.65
CA TRP D 198 0.26 -50.81 13.27
C TRP D 198 0.58 -51.74 12.11
N HIS D 199 1.75 -51.51 11.52
CA HIS D 199 2.30 -52.39 10.50
C HIS D 199 3.79 -52.49 10.79
N ASN D 200 4.43 -53.56 10.31
CA ASN D 200 5.88 -53.71 10.44
C ASN D 200 6.58 -53.05 9.27
N LEU D 201 7.77 -52.52 9.51
CA LEU D 201 8.56 -51.87 8.46
C LEU D 201 9.05 -52.87 7.41
N MET D 202 9.46 -54.05 7.86
CA MET D 202 9.89 -55.11 6.97
C MET D 202 8.71 -55.77 6.24
N ASP D 203 7.53 -55.71 6.87
CA ASP D 203 6.29 -56.22 6.28
C ASP D 203 5.88 -55.42 5.04
N LEU D 204 6.03 -54.09 5.11
CA LEU D 204 5.68 -53.17 4.02
C LEU D 204 6.57 -53.35 2.79
N PRO D 205 5.97 -53.34 1.58
CA PRO D 205 6.59 -53.70 0.31
C PRO D 205 8.12 -53.66 0.26
N THR D 206 8.72 -52.49 0.54
CA THR D 206 10.17 -52.34 0.56
C THR D 206 10.65 -51.87 1.93
N TYR D 220 1.50 -48.06 -1.44
CA TYR D 220 2.18 -47.30 -2.49
C TYR D 220 2.33 -45.82 -2.10
N MET D 221 1.38 -45.34 -1.28
CA MET D 221 1.37 -43.98 -0.73
C MET D 221 2.38 -43.85 0.42
N VAL D 222 3.14 -44.93 0.64
CA VAL D 222 4.03 -45.08 1.79
C VAL D 222 5.48 -45.34 1.38
N ILE D 223 5.65 -46.14 0.33
CA ILE D 223 6.97 -46.62 -0.13
C ILE D 223 8.07 -45.53 -0.26
N PRO D 224 7.76 -44.39 -0.94
CA PRO D 224 8.75 -43.32 -1.13
C PRO D 224 9.40 -42.80 0.15
N PHE D 225 8.72 -42.95 1.29
CA PHE D 225 9.27 -42.52 2.57
C PHE D 225 10.13 -43.58 3.25
N LEU D 226 10.01 -44.83 2.81
CA LEU D 226 10.61 -45.98 3.51
C LEU D 226 12.13 -46.05 3.43
N ALA D 227 12.68 -45.81 2.23
CA ALA D 227 14.13 -45.78 2.04
C ALA D 227 14.82 -44.72 2.92
N PRO D 228 14.31 -43.46 2.90
CA PRO D 228 14.82 -42.47 3.88
C PRO D 228 14.52 -42.85 5.33
N LEU D 229 13.41 -43.54 5.55
CA LEU D 229 13.00 -43.94 6.91
C LEU D 229 13.95 -44.98 7.46
N LYS D 230 14.18 -46.03 6.69
CA LYS D 230 15.20 -47.04 7.02
C LYS D 230 16.57 -46.37 7.23
N LYS D 231 16.87 -45.38 6.38
CA LYS D 231 18.10 -44.57 6.47
C LYS D 231 18.13 -43.73 7.76
N TRP D 232 16.95 -43.40 8.30
CA TRP D 232 16.84 -42.63 9.53
C TRP D 232 17.16 -43.45 10.78
N ILE D 233 17.09 -44.78 10.69
CA ILE D 233 17.35 -45.67 11.84
C ILE D 233 18.83 -45.67 12.27
N MET E 1 -15.82 16.24 -2.83
CA MET E 1 -17.15 15.59 -2.89
C MET E 1 -17.61 15.11 -1.52
N GLU E 2 -18.92 14.87 -1.40
CA GLU E 2 -19.51 14.30 -0.18
C GLU E 2 -19.43 12.76 -0.17
N ASP E 3 -18.68 12.19 -1.11
CA ASP E 3 -18.37 10.77 -1.13
C ASP E 3 -17.44 10.43 0.04
N GLU E 4 -16.55 11.36 0.37
CA GLU E 4 -15.68 11.24 1.55
C GLU E 4 -16.47 11.14 2.85
N ASN E 5 -17.60 11.84 2.94
CA ASN E 5 -18.44 11.80 4.13
C ASN E 5 -19.18 10.48 4.35
N ILE E 6 -19.73 9.93 3.27
CA ILE E 6 -20.40 8.63 3.28
C ILE E 6 -19.42 7.56 3.75
N LEU E 7 -18.21 7.62 3.18
CA LEU E 7 -17.11 6.76 3.61
C LEU E 7 -16.77 6.94 5.09
N ARG E 8 -16.65 8.20 5.54
CA ARG E 8 -16.35 8.49 6.95
C ARG E 8 -17.41 7.95 7.90
N ASN E 9 -18.67 8.14 7.52
CA ASN E 9 -19.76 7.61 8.31
C ASN E 9 -19.61 6.10 8.55
N ALA E 10 -19.39 5.35 7.48
CA ALA E 10 -19.27 3.90 7.58
C ALA E 10 -18.12 3.49 8.51
N VAL E 11 -16.98 4.19 8.42
CA VAL E 11 -15.80 3.89 9.22
C VAL E 11 -16.11 4.08 10.72
N ASN E 12 -16.41 5.31 11.09
CA ASN E 12 -16.91 5.62 12.41
C ASN E 12 -17.81 4.54 13.00
N LEU E 13 -18.84 4.13 12.26
CA LEU E 13 -19.79 3.13 12.75
C LEU E 13 -19.16 1.73 12.94
N GLN E 14 -18.27 1.32 12.02
CA GLN E 14 -17.55 0.05 12.19
C GLN E 14 -16.79 0.05 13.51
N VAL E 15 -16.05 1.13 13.75
CA VAL E 15 -15.24 1.29 14.92
C VAL E 15 -16.13 1.15 16.16
N LEU E 16 -17.20 1.95 16.22
CA LEU E 16 -18.09 1.93 17.38
C LEU E 16 -18.76 0.57 17.59
N LYS E 17 -19.25 -0.04 16.51
CA LYS E 17 -19.81 -1.40 16.57
C LYS E 17 -18.76 -2.42 17.03
N PHE E 18 -17.49 -2.19 16.72
CA PHE E 18 -16.43 -3.08 17.18
C PHE E 18 -16.26 -3.06 18.70
N HIS E 19 -16.52 -1.92 19.32
CA HIS E 19 -16.40 -1.80 20.76
C HIS E 19 -17.71 -2.10 21.46
N TYR E 20 -18.81 -1.81 20.76
CA TYR E 20 -20.15 -1.96 21.28
C TYR E 20 -21.06 -2.39 20.14
N PRO E 21 -21.24 -3.70 19.96
CA PRO E 21 -22.08 -4.21 18.85
C PRO E 21 -23.54 -3.74 18.85
N GLU E 22 -24.07 -3.38 20.03
CA GLU E 22 -25.47 -2.97 20.19
C GLU E 22 -25.78 -1.60 19.59
N ILE E 23 -24.77 -0.77 19.41
CA ILE E 23 -24.93 0.51 18.73
C ILE E 23 -25.46 0.26 17.33
N GLU E 24 -26.48 1.02 16.93
CA GLU E 24 -27.00 0.90 15.58
C GLU E 24 -26.79 2.16 14.73
N SER E 25 -26.67 3.31 15.39
CA SER E 25 -26.69 4.58 14.69
C SER E 25 -25.78 5.65 15.35
N ILE E 26 -25.12 6.44 14.51
CA ILE E 26 -24.41 7.65 14.95
C ILE E 26 -25.26 8.90 14.65
N ILE E 27 -25.62 9.63 15.70
CA ILE E 27 -26.45 10.82 15.54
C ILE E 27 -25.61 12.04 15.22
N ASP E 28 -24.53 12.27 15.98
CA ASP E 28 -23.68 13.45 15.82
C ASP E 28 -22.32 13.24 16.49
N ILE E 29 -21.33 14.03 16.08
CA ILE E 29 -19.95 13.88 16.56
C ILE E 29 -19.36 15.22 17.04
N ALA E 30 -18.50 15.14 18.05
CA ALA E 30 -17.65 16.25 18.46
C ALA E 30 -16.21 15.78 18.47
N SER E 31 -15.33 16.56 17.85
CA SER E 31 -13.93 16.18 17.75
C SER E 31 -13.24 16.01 19.10
N HIS E 32 -13.41 16.98 19.98
CA HIS E 32 -12.66 16.99 21.25
C HIS E 32 -13.56 17.24 22.45
N VAL E 33 -13.68 16.24 23.32
CA VAL E 33 -14.41 16.43 24.57
C VAL E 33 -13.60 15.96 25.78
N ALA E 34 -13.57 16.78 26.83
CA ALA E 34 -12.94 16.39 28.11
C ALA E 34 -14.05 16.00 29.04
N VAL E 35 -13.76 15.09 29.97
CA VAL E 35 -14.78 14.63 30.90
C VAL E 35 -14.44 15.07 32.33
N TYR E 36 -15.43 15.65 32.99
CA TYR E 36 -15.27 16.12 34.35
C TYR E 36 -16.30 15.44 35.25
N GLN E 37 -15.91 15.06 36.46
CA GLN E 37 -16.82 14.43 37.43
C GLN E 37 -16.78 15.12 38.80
N PHE E 38 -17.04 14.36 39.87
CA PHE E 38 -17.20 14.93 41.21
C PHE E 38 -16.47 14.25 42.40
N ASP E 39 -16.12 15.07 43.38
CA ASP E 39 -15.37 14.69 44.58
C ASP E 39 -15.88 13.44 45.28
N LYS E 44 -16.53 22.94 42.13
CA LYS E 44 -15.96 21.79 42.82
C LYS E 44 -15.81 20.55 41.90
N TRP E 45 -15.57 20.82 40.61
CA TRP E 45 -15.26 19.80 39.60
C TRP E 45 -13.92 19.09 39.88
N LEU E 46 -13.74 17.94 39.25
CA LEU E 46 -12.45 17.26 39.23
C LEU E 46 -12.33 16.60 37.86
N LYS E 47 -11.16 16.75 37.24
CA LYS E 47 -10.89 16.26 35.89
C LYS E 47 -10.59 14.75 35.87
N THR E 48 -11.28 14.03 35.00
CA THR E 48 -11.03 12.60 34.80
C THR E 48 -9.94 12.42 33.75
N SER E 49 -9.48 11.18 33.60
CA SER E 49 -8.50 10.85 32.57
C SER E 49 -9.12 10.63 31.18
N ILE E 50 -10.45 10.64 31.10
CA ILE E 50 -11.16 10.38 29.85
C ILE E 50 -11.35 11.64 29.03
N GLU E 51 -10.71 11.67 27.88
CA GLU E 51 -10.66 12.85 27.04
C GLU E 51 -10.45 12.37 25.64
N GLY E 52 -11.32 12.76 24.72
CA GLY E 52 -11.23 12.23 23.39
C GLY E 52 -12.34 12.61 22.45
N THR E 53 -12.54 11.77 21.45
CA THR E 53 -13.48 12.03 20.38
C THR E 53 -14.88 11.59 20.82
N PHE E 54 -15.84 12.49 20.68
CA PHE E 54 -17.19 12.29 21.19
C PHE E 54 -18.13 11.90 20.07
N PHE E 55 -18.88 10.82 20.29
CA PHE E 55 -19.85 10.30 19.33
C PHE E 55 -21.19 10.11 20.02
N LEU E 56 -22.22 10.84 19.58
CA LEU E 56 -23.56 10.66 20.15
C LEU E 56 -24.22 9.55 19.35
N VAL E 57 -24.78 8.57 20.05
CA VAL E 57 -25.24 7.34 19.41
C VAL E 57 -26.59 6.83 19.91
N LYS E 58 -27.21 6.00 19.07
CA LYS E 58 -28.48 5.38 19.37
C LYS E 58 -28.26 3.88 19.25
N ASP E 59 -28.74 3.11 20.21
CA ASP E 59 -28.53 1.66 20.20
C ASP E 59 -29.72 0.86 19.63
N GLN E 60 -29.58 -0.46 19.64
CA GLN E 60 -30.66 -1.36 19.19
C GLN E 60 -31.96 -1.13 19.97
N ARG E 61 -31.83 -0.97 21.28
CA ARG E 61 -32.96 -0.74 22.19
C ARG E 61 -33.52 0.68 22.05
N ALA E 62 -32.97 1.43 21.09
CA ALA E 62 -33.40 2.80 20.79
C ALA E 62 -32.98 3.84 21.84
N ARG E 63 -32.18 3.42 22.81
CA ARG E 63 -31.65 4.33 23.84
C ARG E 63 -30.64 5.30 23.24
N VAL E 64 -30.66 6.53 23.73
CA VAL E 64 -29.71 7.56 23.32
C VAL E 64 -28.55 7.57 24.30
N GLY E 65 -27.34 7.61 23.77
CA GLY E 65 -26.15 7.61 24.62
C GLY E 65 -24.99 8.27 23.89
N TYR E 66 -23.81 8.16 24.48
CA TYR E 66 -22.62 8.67 23.82
C TYR E 66 -21.34 7.91 24.17
N VAL E 67 -20.46 7.81 23.17
CA VAL E 67 -19.20 7.12 23.32
C VAL E 67 -18.08 8.12 23.19
N ILE E 68 -17.14 8.09 24.14
CA ILE E 68 -15.90 8.80 24.00
C ILE E 68 -14.75 7.80 23.78
N LEU E 69 -14.18 7.85 22.58
CA LEU E 69 -12.97 7.11 22.33
C LEU E 69 -11.83 7.93 22.90
N ASN E 70 -11.30 7.41 23.99
CA ASN E 70 -10.33 8.07 24.82
C ASN E 70 -8.97 8.21 24.11
N ARG E 71 -8.43 9.43 24.09
CA ARG E 71 -7.10 9.72 23.53
C ARG E 71 -5.91 9.40 24.44
N ASN E 72 -6.17 9.15 25.72
CA ASN E 72 -5.10 8.97 26.70
C ASN E 72 -4.81 7.51 27.07
N SER E 73 -5.79 6.65 26.83
CA SER E 73 -5.65 5.21 27.10
C SER E 73 -6.77 4.46 26.38
N PRO E 74 -6.62 3.13 26.20
CA PRO E 74 -7.66 2.33 25.56
C PRO E 74 -8.99 2.30 26.32
N GLU E 75 -9.07 2.97 27.47
CA GLU E 75 -10.25 2.98 28.33
C GLU E 75 -11.29 4.04 27.97
N ASN E 76 -12.36 3.60 27.32
CA ASN E 76 -13.40 4.50 26.83
C ASN E 76 -14.51 4.78 27.82
N LEU E 77 -15.28 5.83 27.59
CA LEU E 77 -16.52 6.05 28.31
C LEU E 77 -17.69 5.76 27.38
N TYR E 78 -18.72 5.08 27.90
CA TYR E 78 -20.00 4.92 27.19
C TYR E 78 -21.15 5.06 28.16
N LEU E 79 -21.88 6.17 28.04
CA LEU E 79 -23.01 6.48 28.94
C LEU E 79 -24.29 6.77 28.20
N PHE E 80 -25.41 6.31 28.77
CA PHE E 80 -26.75 6.64 28.29
C PHE E 80 -27.33 7.92 28.90
N ILE E 81 -28.13 8.62 28.09
CA ILE E 81 -28.94 9.75 28.55
C ILE E 81 -30.42 9.33 28.50
N ASN E 82 -30.97 8.98 29.65
CA ASN E 82 -32.31 8.39 29.71
C ASN E 82 -33.45 9.34 29.35
N HIS E 83 -33.53 10.48 30.05
CA HIS E 83 -34.58 11.47 29.85
C HIS E 83 -33.98 12.87 29.64
N PRO E 84 -34.57 13.69 28.74
CA PRO E 84 -34.12 15.06 28.50
C PRO E 84 -33.65 15.80 29.76
N SER E 85 -34.51 15.86 30.78
CA SER E 85 -34.22 16.58 32.02
C SER E 85 -32.94 16.15 32.74
N ASN E 86 -32.28 15.11 32.23
CA ASN E 86 -30.99 14.66 32.76
C ASN E 86 -29.80 15.45 32.23
N VAL E 87 -30.03 16.60 31.60
CA VAL E 87 -28.98 17.29 30.85
C VAL E 87 -29.17 18.80 30.77
N HIS E 88 -28.12 19.55 31.12
CA HIS E 88 -28.18 21.01 31.22
C HIS E 88 -26.93 21.70 30.63
N LEU E 89 -27.04 23.00 30.40
CA LEU E 89 -25.89 23.80 29.98
C LEU E 89 -25.55 24.85 31.04
N VAL E 90 -24.53 24.56 31.82
CA VAL E 90 -24.07 25.44 32.88
C VAL E 90 -22.58 25.64 32.68
N ASP E 91 -22.12 26.88 32.89
CA ASP E 91 -20.70 27.23 32.86
C ASP E 91 -19.91 26.68 31.68
N ARG E 92 -20.52 26.62 30.50
CA ARG E 92 -19.92 26.04 29.27
C ARG E 92 -19.76 24.51 29.27
N TYR E 93 -20.33 23.86 30.27
CA TYR E 93 -20.34 22.41 30.31
C TYR E 93 -21.66 21.90 29.78
N LEU E 94 -21.64 20.66 29.31
CA LEU E 94 -22.88 19.92 29.09
C LEU E 94 -22.98 18.97 30.25
N ILE E 95 -23.80 19.33 31.24
CA ILE E 95 -23.93 18.58 32.48
C ILE E 95 -24.81 17.35 32.27
N HIS E 96 -24.32 16.19 32.72
CA HIS E 96 -25.07 14.95 32.60
C HIS E 96 -25.25 14.30 33.97
N ARG E 97 -26.51 14.08 34.32
CA ARG E 97 -26.91 13.44 35.56
C ARG E 97 -27.23 11.98 35.27
N THR E 98 -26.24 11.11 35.49
CA THR E 98 -26.33 9.67 35.18
C THR E 98 -27.43 8.95 35.98
N GLU E 99 -27.72 7.70 35.62
CA GLU E 99 -28.71 6.87 36.32
C GLU E 99 -28.32 6.70 37.80
N ASN E 100 -27.07 6.32 38.04
CA ASN E 100 -26.56 6.14 39.40
C ASN E 100 -26.04 7.43 40.05
N GLN E 101 -26.91 8.44 40.09
CA GLN E 101 -26.68 9.74 40.78
C GLN E 101 -25.35 10.48 40.48
N HIS E 102 -24.62 10.04 39.47
CA HIS E 102 -23.35 10.67 39.07
C HIS E 102 -23.57 11.97 38.29
N VAL E 103 -22.74 12.97 38.58
CA VAL E 103 -22.79 14.22 37.83
C VAL E 103 -21.53 14.38 36.97
N VAL E 104 -21.71 14.26 35.66
CA VAL E 104 -20.60 14.35 34.73
C VAL E 104 -20.65 15.66 33.94
N GLY E 105 -19.48 16.26 33.73
CA GLY E 105 -19.38 17.53 33.01
C GLY E 105 -18.65 17.35 31.69
N LEU E 106 -19.38 17.48 30.61
CA LEU E 106 -18.78 17.31 29.29
C LEU E 106 -18.29 18.64 28.75
N TRP E 107 -16.97 18.77 28.58
CA TRP E 107 -16.39 19.99 28.04
C TRP E 107 -16.08 19.85 26.55
N MET E 108 -16.97 20.39 25.71
CA MET E 108 -16.69 20.52 24.29
C MET E 108 -15.70 21.66 24.13
N PHE E 109 -14.52 21.37 23.61
CA PHE E 109 -13.55 22.42 23.34
C PHE E 109 -14.07 23.43 22.31
N ASP E 110 -15.08 23.00 21.58
CA ASP E 110 -15.76 23.84 20.60
C ASP E 110 -17.20 24.15 21.05
N PRO E 111 -17.48 25.43 21.38
CA PRO E 111 -18.76 25.81 21.98
C PRO E 111 -19.93 25.45 21.06
N ASN E 112 -19.70 25.60 19.75
CA ASN E 112 -20.63 25.17 18.71
C ASN E 112 -21.02 23.70 18.86
N ASP E 113 -20.03 22.84 19.04
CA ASP E 113 -20.32 21.43 19.31
C ASP E 113 -21.23 21.33 20.54
N MET E 114 -20.88 22.06 21.60
CA MET E 114 -21.66 22.06 22.84
C MET E 114 -23.13 22.41 22.60
N SER E 115 -23.40 23.44 21.79
CA SER E 115 -24.77 23.88 21.46
C SER E 115 -25.53 22.92 20.52
N ARG E 116 -24.87 22.41 19.48
CA ARG E 116 -25.51 21.53 18.50
C ARG E 116 -25.93 20.22 19.14
N ILE E 117 -25.09 19.69 20.02
CA ILE E 117 -25.31 18.38 20.62
C ILE E 117 -26.32 18.47 21.74
N PHE E 118 -26.27 19.54 22.52
CA PHE E 118 -27.28 19.74 23.57
C PHE E 118 -28.68 19.75 22.96
N ASN E 119 -28.84 20.53 21.90
CA ASN E 119 -30.12 20.63 21.22
C ASN E 119 -30.63 19.31 20.66
N ILE E 120 -29.73 18.54 20.05
CA ILE E 120 -30.13 17.29 19.41
C ILE E 120 -30.49 16.23 20.45
N VAL E 121 -29.80 16.25 21.59
CA VAL E 121 -30.15 15.35 22.67
C VAL E 121 -31.64 15.55 23.00
N LYS E 122 -32.04 16.82 23.05
CA LYS E 122 -33.44 17.18 23.28
C LYS E 122 -34.31 16.73 22.11
N GLU E 123 -33.79 16.85 20.88
CA GLU E 123 -34.53 16.43 19.69
C GLU E 123 -34.60 14.90 19.55
N SER E 124 -33.50 14.22 19.90
CA SER E 124 -33.40 12.75 19.78
C SER E 124 -34.15 12.00 20.89
N LEU E 125 -34.28 12.64 22.05
CA LEU E 125 -35.04 12.05 23.15
C LEU E 125 -36.49 12.53 23.17
N LEU E 126 -36.93 13.05 22.03
CA LEU E 126 -38.32 13.50 21.84
C LEU E 126 -39.03 12.52 20.90
N ARG E 127 -39.71 13.04 19.88
CA ARG E 127 -40.51 12.27 18.91
C ARG E 127 -41.80 11.73 19.55
N MET F 1 -8.89 -4.71 27.10
CA MET F 1 -8.53 -5.80 26.14
C MET F 1 -9.31 -5.67 24.84
N SER F 2 -9.63 -4.44 24.47
CA SER F 2 -10.45 -4.18 23.29
C SER F 2 -9.77 -4.63 21.99
N PHE F 3 -8.44 -4.58 21.96
CA PHE F 3 -7.70 -4.93 20.75
C PHE F 3 -7.02 -6.31 20.74
N THR F 4 -7.40 -7.22 21.64
CA THR F 4 -6.75 -8.56 21.69
C THR F 4 -6.91 -9.39 20.42
N ASN F 5 -8.07 -9.27 19.77
CA ASN F 5 -8.33 -10.04 18.56
C ASN F 5 -8.55 -9.22 17.30
N ALA F 6 -8.30 -7.91 17.39
CA ALA F 6 -8.52 -7.01 16.25
C ALA F 6 -7.45 -7.21 15.20
N THR F 7 -7.88 -7.20 13.94
CA THR F 7 -6.98 -7.20 12.80
C THR F 7 -6.25 -5.87 12.76
N PHE F 8 -5.21 -5.79 11.95
CA PHE F 8 -4.42 -4.59 11.79
C PHE F 8 -5.35 -3.52 11.21
N SER F 9 -6.11 -3.90 10.20
CA SER F 9 -7.05 -3.01 9.54
C SER F 9 -8.07 -2.37 10.52
N GLN F 10 -8.72 -3.18 11.33
CA GLN F 10 -9.57 -2.71 12.42
C GLN F 10 -8.84 -1.81 13.41
N VAL F 11 -7.58 -2.13 13.69
CA VAL F 11 -6.80 -1.31 14.60
C VAL F 11 -6.54 0.08 14.00
N LEU F 12 -6.29 0.10 12.69
CA LEU F 12 -6.05 1.36 11.98
C LEU F 12 -7.32 2.17 11.88
N ASP F 13 -8.45 1.49 11.69
CA ASP F 13 -9.75 2.14 11.58
C ASP F 13 -10.02 2.92 12.85
N ASP F 14 -9.83 2.20 13.97
CA ASP F 14 -10.02 2.74 15.31
C ASP F 14 -9.12 3.94 15.55
N LEU F 15 -7.83 3.73 15.42
CA LEU F 15 -6.89 4.81 15.59
C LEU F 15 -7.31 6.04 14.77
N SER F 16 -7.76 5.81 13.55
CA SER F 16 -8.24 6.90 12.70
C SER F 16 -9.49 7.60 13.27
N ALA F 17 -10.55 6.84 13.49
CA ALA F 17 -11.79 7.35 14.06
C ALA F 17 -11.49 8.15 15.32
N ARG F 18 -10.54 7.62 16.10
CA ARG F 18 -10.19 8.14 17.40
C ARG F 18 -9.36 9.40 17.32
N PHE F 19 -8.43 9.51 16.37
CA PHE F 19 -7.50 10.67 16.35
C PHE F 19 -7.63 11.75 15.25
N ILE F 20 -7.86 11.35 14.01
CA ILE F 20 -7.81 12.29 12.87
C ILE F 20 -9.07 12.38 12.01
N LEU F 21 -9.84 11.30 11.94
CA LEU F 21 -10.98 11.21 11.02
C LEU F 21 -12.13 12.21 11.31
N ASN F 22 -12.28 12.65 12.56
CA ASN F 22 -13.40 13.51 12.94
C ASN F 22 -12.98 14.89 13.43
N LEU F 23 -11.72 15.22 13.14
CA LEU F 23 -11.19 16.55 13.27
C LEU F 23 -11.94 17.51 12.36
N PRO F 24 -12.00 18.79 12.75
CA PRO F 24 -12.52 19.76 11.79
C PRO F 24 -11.63 19.82 10.55
N ALA F 25 -12.24 19.95 9.38
CA ALA F 25 -11.49 20.00 8.11
C ALA F 25 -10.24 20.86 8.21
N GLU F 26 -10.39 22.11 8.62
CA GLU F 26 -9.23 23.01 8.73
C GLU F 26 -8.06 22.42 9.54
N GLU F 27 -8.35 21.44 10.38
CA GLU F 27 -7.26 20.83 11.16
C GLU F 27 -6.58 19.71 10.43
N GLN F 28 -7.34 19.03 9.56
CA GLN F 28 -6.81 17.98 8.70
C GLN F 28 -5.89 18.62 7.65
N SER F 29 -6.07 19.92 7.43
CA SER F 29 -5.32 20.66 6.44
C SER F 29 -4.19 21.52 7.03
N SER F 30 -3.97 21.43 8.33
CA SER F 30 -2.81 22.07 8.92
C SER F 30 -1.81 20.95 9.14
N VAL F 31 -0.66 21.00 8.48
CA VAL F 31 0.31 19.94 8.68
C VAL F 31 0.54 19.75 10.17
N GLU F 32 0.67 20.87 10.90
CA GLU F 32 0.87 20.87 12.34
C GLU F 32 -0.25 20.17 13.09
N ARG F 33 -1.46 20.70 13.00
CA ARG F 33 -2.60 20.10 13.68
C ARG F 33 -2.61 18.60 13.42
N LEU F 34 -2.61 18.23 12.13
CA LEU F 34 -2.58 16.83 11.72
C LEU F 34 -1.39 16.04 12.29
N CYS F 35 -0.18 16.57 12.11
CA CYS F 35 1.01 15.94 12.65
C CYS F 35 0.88 15.64 14.13
N PHE F 36 0.41 16.63 14.88
CA PHE F 36 0.16 16.46 16.30
C PHE F 36 -0.70 15.22 16.56
N GLN F 37 -1.86 15.11 15.89
CA GLN F 37 -2.76 13.99 16.13
C GLN F 37 -2.15 12.67 15.66
N ILE F 38 -1.42 12.69 14.56
CA ILE F 38 -0.77 11.47 14.10
C ILE F 38 0.36 11.04 15.06
N GLU F 39 1.01 12.00 15.71
CA GLU F 39 2.07 11.66 16.68
C GLU F 39 1.43 10.97 17.87
N GLN F 40 0.29 11.49 18.26
CA GLN F 40 -0.47 10.88 19.35
C GLN F 40 -0.95 9.47 18.99
N ALA F 41 -1.60 9.33 17.83
CA ALA F 41 -2.09 8.04 17.37
C ALA F 41 -0.94 7.03 17.33
N HIS F 42 0.18 7.42 16.74
CA HIS F 42 1.35 6.57 16.68
C HIS F 42 1.77 6.04 18.05
N TRP F 43 1.82 6.91 19.04
CA TRP F 43 2.28 6.55 20.38
C TRP F 43 1.25 5.61 21.05
N PHE F 44 -0.02 6.02 21.00
CA PHE F 44 -1.15 5.19 21.43
C PHE F 44 -1.02 3.74 20.95
N TYR F 45 -0.50 3.58 19.73
CA TYR F 45 -0.54 2.30 19.07
C TYR F 45 0.66 1.44 19.50
N GLU F 46 1.83 2.07 19.49
CA GLU F 46 3.03 1.45 20.01
C GLU F 46 2.91 1.11 21.49
N ASP F 47 2.39 2.05 22.28
CA ASP F 47 2.37 1.91 23.73
C ASP F 47 1.20 1.11 24.31
N PHE F 48 0.03 1.14 23.67
CA PHE F 48 -1.14 0.45 24.21
C PHE F 48 -1.65 -0.73 23.39
N ILE F 49 -1.69 -0.60 22.06
CA ILE F 49 -2.41 -1.56 21.21
C ILE F 49 -1.58 -2.79 20.92
N ARG F 50 -0.35 -2.59 20.49
CA ARG F 50 0.55 -3.71 20.19
C ARG F 50 0.75 -4.73 21.33
N ALA F 51 0.65 -4.28 22.58
CA ALA F 51 0.81 -5.18 23.74
C ALA F 51 -0.35 -6.16 23.86
N GLN F 52 -1.53 -5.68 23.43
CA GLN F 52 -2.75 -6.45 23.53
C GLN F 52 -2.77 -7.49 22.44
N ASN F 53 -2.08 -7.20 21.35
CA ASN F 53 -2.00 -8.11 20.20
C ASN F 53 -0.62 -8.06 19.53
N ASP F 54 0.27 -8.99 19.88
CA ASP F 54 1.68 -8.87 19.43
C ASP F 54 1.86 -9.25 17.97
N GLN F 55 0.74 -9.60 17.32
CA GLN F 55 0.65 -9.79 15.88
C GLN F 55 0.71 -8.49 15.06
N LEU F 56 0.85 -7.35 15.72
CA LEU F 56 0.83 -6.05 15.02
C LEU F 56 2.25 -5.51 14.91
N PRO F 57 2.62 -5.01 13.73
CA PRO F 57 4.02 -4.67 13.51
C PRO F 57 4.41 -3.35 14.15
N SER F 58 5.68 -3.24 14.54
CA SER F 58 6.22 -2.01 15.09
C SER F 58 6.62 -1.08 13.97
N LEU F 59 6.06 0.12 13.97
CA LEU F 59 6.35 1.08 12.90
C LEU F 59 6.89 2.38 13.45
N GLY F 60 7.80 3.02 12.71
CA GLY F 60 8.23 4.38 13.01
C GLY F 60 7.16 5.34 12.50
N LEU F 61 6.85 6.37 13.28
CA LEU F 61 5.94 7.47 12.87
C LEU F 61 5.56 7.48 11.38
N ARG F 62 6.52 7.83 10.52
CA ARG F 62 6.28 8.05 9.08
C ARG F 62 5.61 6.87 8.39
N VAL F 63 6.06 5.67 8.69
CA VAL F 63 5.46 4.48 8.08
C VAL F 63 4.05 4.23 8.60
N PHE F 64 3.84 4.40 9.91
CA PHE F 64 2.52 4.27 10.52
C PHE F 64 1.55 5.36 10.00
N SER F 65 2.08 6.55 9.78
CA SER F 65 1.28 7.69 9.34
C SER F 65 0.67 7.39 8.00
N ALA F 66 1.49 6.91 7.09
CA ALA F 66 1.04 6.49 5.79
C ALA F 66 -0.01 5.41 5.93
N LYS F 67 0.13 4.52 6.91
CA LYS F 67 -0.86 3.45 7.03
C LYS F 67 -2.15 3.94 7.67
N LEU F 68 -2.07 5.02 8.45
CA LEU F 68 -3.25 5.67 9.00
C LEU F 68 -3.98 6.45 7.91
N PHE F 69 -3.25 7.00 6.95
CA PHE F 69 -3.90 7.77 5.88
C PHE F 69 -4.80 6.85 5.06
N ALA F 70 -4.34 5.64 4.80
CA ALA F 70 -5.13 4.63 4.09
C ALA F 70 -6.50 4.46 4.73
N HIS F 71 -6.63 4.84 6.00
CA HIS F 71 -7.88 4.65 6.71
C HIS F 71 -8.60 5.96 7.06
N CYS F 72 -8.19 7.04 6.39
CA CYS F 72 -8.77 8.35 6.63
C CYS F 72 -9.25 9.02 5.33
N PRO F 73 -10.47 8.65 4.88
CA PRO F 73 -11.04 9.02 3.59
C PRO F 73 -10.88 10.50 3.25
N LEU F 74 -10.95 11.35 4.27
CA LEU F 74 -10.89 12.79 4.10
C LEU F 74 -9.54 13.29 3.62
N LEU F 75 -8.54 12.42 3.70
CA LEU F 75 -7.19 12.81 3.34
C LEU F 75 -6.81 12.39 1.94
N TRP F 76 -7.69 11.66 1.26
CA TRP F 76 -7.37 11.13 -0.06
C TRP F 76 -7.40 12.15 -1.18
N LYS F 77 -8.16 13.23 -1.00
CA LYS F 77 -8.32 14.22 -2.07
C LYS F 77 -7.06 15.03 -2.34
N TRP F 78 -5.97 14.73 -1.66
CA TRP F 78 -4.91 15.69 -1.74
C TRP F 78 -3.68 15.19 -2.50
N SER F 79 -2.81 16.12 -2.86
CA SER F 79 -1.78 15.89 -3.87
C SER F 79 -0.51 15.24 -3.31
N LYS F 80 0.35 14.80 -4.23
CA LYS F 80 1.61 14.17 -3.86
C LYS F 80 2.57 15.21 -3.32
N VAL F 81 2.50 16.41 -3.88
CA VAL F 81 3.25 17.57 -3.39
C VAL F 81 2.84 17.82 -1.95
N HIS F 82 1.56 17.66 -1.68
CA HIS F 82 1.02 17.79 -0.33
C HIS F 82 1.51 16.68 0.59
N GLU F 83 1.38 15.43 0.16
CA GLU F 83 1.68 14.34 1.06
C GLU F 83 3.16 14.09 1.27
N GLU F 84 3.99 14.52 0.33
CA GLU F 84 5.45 14.49 0.52
C GLU F 84 5.87 15.59 1.50
N ALA F 85 5.24 16.77 1.38
CA ALA F 85 5.47 17.89 2.30
C ALA F 85 5.11 17.54 3.75
N PHE F 86 4.01 16.81 3.92
CA PHE F 86 3.64 16.33 5.24
C PHE F 86 4.73 15.41 5.76
N ASP F 87 5.10 14.43 4.94
CA ASP F 87 6.12 13.46 5.34
C ASP F 87 7.44 14.11 5.75
N ASP F 88 7.90 15.09 4.97
CA ASP F 88 9.07 15.89 5.35
C ASP F 88 8.89 16.48 6.73
N PHE F 89 7.70 17.02 7.00
CA PHE F 89 7.41 17.62 8.28
C PHE F 89 7.42 16.60 9.40
N LEU F 90 6.95 15.38 9.13
CA LEU F 90 7.06 14.30 10.11
C LEU F 90 8.52 13.95 10.37
N ARG F 91 9.33 14.06 9.33
CA ARG F 91 10.73 13.75 9.44
C ARG F 91 11.51 14.91 10.08
N TYR F 92 11.11 16.15 9.80
CA TYR F 92 11.92 17.32 10.22
C TYR F 92 11.30 18.30 11.20
N LYS F 93 10.09 18.03 11.68
CA LYS F 93 9.42 18.88 12.67
C LYS F 93 10.38 19.17 13.82
N THR F 94 10.43 20.44 14.26
CA THR F 94 11.18 20.79 15.47
C THR F 94 10.50 20.17 16.68
N ARG F 95 11.18 19.25 17.32
CA ARG F 95 10.61 18.54 18.45
C ARG F 95 11.48 18.73 19.68
N ILE F 96 10.93 18.47 20.86
CA ILE F 96 11.69 18.52 22.09
C ILE F 96 12.59 17.30 22.05
N PRO F 97 13.91 17.52 22.23
CA PRO F 97 14.89 16.44 22.33
C PRO F 97 14.91 15.85 23.73
N VAL F 98 14.87 14.53 23.85
CA VAL F 98 15.09 13.85 25.13
C VAL F 98 16.17 12.78 24.98
N ARG F 99 16.97 12.62 26.03
CA ARG F 99 18.14 11.76 26.03
C ARG F 99 18.20 10.86 27.26
N GLY F 100 18.81 9.70 27.10
CA GLY F 100 18.85 8.70 28.17
C GLY F 100 19.52 7.42 27.75
N ALA F 101 19.30 6.35 28.51
CA ALA F 101 19.97 5.09 28.25
C ALA F 101 19.12 3.88 28.55
N ILE F 102 19.32 2.84 27.74
CA ILE F 102 18.82 1.53 28.04
C ILE F 102 20.03 0.85 28.61
N MET F 103 19.99 0.59 29.91
CA MET F 103 21.10 -0.08 30.57
C MET F 103 20.86 -1.56 30.56
N LEU F 104 21.77 -2.29 29.90
CA LEU F 104 21.66 -3.75 29.84
C LEU F 104 22.69 -4.40 30.74
N ASP F 105 22.44 -5.66 31.12
CA ASP F 105 23.46 -6.44 31.81
C ASP F 105 24.51 -6.97 30.83
N MET F 106 25.43 -7.78 31.36
CA MET F 106 26.53 -8.34 30.57
C MET F 106 26.01 -9.31 29.51
N SER F 107 25.02 -10.11 29.87
CA SER F 107 24.44 -11.09 28.94
C SER F 107 23.38 -10.45 28.02
N MET F 108 23.09 -9.17 28.26
CA MET F 108 22.10 -8.43 27.48
C MET F 108 20.72 -9.11 27.51
N GLN F 109 20.32 -9.61 28.67
CA GLN F 109 19.03 -10.30 28.82
C GLN F 109 18.05 -9.50 29.68
N GLN F 110 18.59 -8.58 30.47
CA GLN F 110 17.83 -7.81 31.41
C GLN F 110 18.19 -6.34 31.24
N CYS F 111 17.24 -5.46 31.54
CA CYS F 111 17.44 -4.01 31.39
C CYS F 111 16.84 -3.23 32.55
N VAL F 112 17.33 -2.00 32.75
CA VAL F 112 17.00 -1.22 33.93
C VAL F 112 15.88 -0.24 33.66
N LEU F 113 14.80 -0.40 34.41
CA LEU F 113 13.62 0.45 34.29
C LEU F 113 13.31 1.21 35.57
N VAL F 114 12.73 2.39 35.41
CA VAL F 114 12.41 3.28 36.53
C VAL F 114 10.90 3.49 36.64
N LYS F 115 10.38 3.51 37.86
CA LYS F 115 8.96 3.81 38.10
C LYS F 115 8.76 4.95 39.13
N GLY F 116 7.63 5.64 39.04
CA GLY F 116 7.44 6.92 39.71
C GLY F 116 6.19 7.04 40.54
N TRP F 117 6.07 6.14 41.51
CA TRP F 117 5.12 6.27 42.63
C TRP F 117 3.65 6.35 42.27
N LYS F 118 3.27 7.22 41.34
CA LYS F 118 1.86 7.32 40.94
C LYS F 118 1.39 6.07 40.25
N ALA F 119 0.24 5.56 40.66
CA ALA F 119 -0.39 4.41 40.03
C ALA F 119 -0.46 4.59 38.51
N SER F 120 -0.80 5.81 38.07
CA SER F 120 -0.81 6.12 36.65
C SER F 120 0.60 6.19 36.01
N SER F 121 1.65 5.86 36.75
CA SER F 121 3.00 5.89 36.18
C SER F 121 3.43 4.51 35.75
N GLY F 122 3.94 4.40 34.52
CA GLY F 122 4.52 3.16 34.04
C GLY F 122 6.05 3.16 34.04
N TRP F 123 6.62 2.00 34.28
CA TRP F 123 8.05 1.76 34.17
C TRP F 123 8.62 2.28 32.87
N GLY F 124 9.73 2.98 32.94
CA GLY F 124 10.37 3.48 31.74
C GLY F 124 11.88 3.47 31.78
N PHE F 125 12.50 3.70 30.62
CA PHE F 125 13.95 3.84 30.54
C PHE F 125 14.33 5.19 31.13
N PRO F 126 15.49 5.25 31.79
CA PRO F 126 15.96 6.53 32.31
C PRO F 126 16.24 7.49 31.15
N LYS F 127 15.63 8.67 31.22
CA LYS F 127 15.84 9.78 30.26
C LYS F 127 15.12 11.10 30.64
N GLY F 128 15.47 12.20 29.96
CA GLY F 128 14.85 13.49 30.21
C GLY F 128 15.25 14.57 29.24
N LYS F 129 14.76 15.79 29.48
CA LYS F 129 15.05 16.97 28.64
C LYS F 129 16.50 17.41 28.75
N ILE F 130 16.98 18.14 27.74
CA ILE F 130 18.34 18.69 27.68
C ILE F 130 18.44 20.06 28.36
N ASP F 131 19.58 20.34 28.98
CA ASP F 131 19.78 21.62 29.68
C ASP F 131 20.49 22.68 28.86
N LYS F 132 20.27 23.94 29.23
CA LYS F 132 20.81 25.11 28.52
C LYS F 132 21.76 24.78 27.36
N ASP F 133 23.02 24.47 27.65
CA ASP F 133 24.00 24.17 26.61
C ASP F 133 24.56 22.75 26.74
N GLU F 134 23.81 21.89 27.42
CA GLU F 134 24.21 20.52 27.73
C GLU F 134 24.40 19.71 26.46
N SER F 135 25.48 18.93 26.44
CA SER F 135 25.80 18.06 25.33
C SER F 135 24.90 16.84 25.35
N ASP F 136 24.69 16.23 24.19
CA ASP F 136 23.79 15.09 24.07
C ASP F 136 24.13 13.95 25.03
N VAL F 137 25.36 13.42 24.98
CA VAL F 137 25.72 12.30 25.85
C VAL F 137 25.72 12.73 27.32
N ASP F 138 26.11 13.98 27.57
CA ASP F 138 26.12 14.52 28.91
C ASP F 138 24.73 14.51 29.53
N CYS F 139 23.71 14.66 28.70
CA CYS F 139 22.33 14.65 29.17
C CYS F 139 21.94 13.26 29.66
N ALA F 140 22.30 12.23 28.90
CA ALA F 140 22.06 10.84 29.32
C ALA F 140 22.80 10.53 30.60
N ILE F 141 24.08 10.89 30.65
CA ILE F 141 24.92 10.64 31.81
C ILE F 141 24.27 11.21 33.06
N ARG F 142 23.72 12.43 32.92
CA ARG F 142 23.14 13.13 34.05
C ARG F 142 21.80 12.51 34.45
N GLU F 143 20.99 12.18 33.43
CA GLU F 143 19.65 11.62 33.67
C GLU F 143 19.70 10.22 34.25
N VAL F 144 20.62 9.41 33.71
CA VAL F 144 20.88 8.09 34.26
C VAL F 144 21.26 8.27 35.72
N TYR F 145 22.21 9.17 35.96
CA TYR F 145 22.65 9.43 37.32
C TYR F 145 21.52 9.90 38.21
N GLU F 146 20.79 10.92 37.78
CA GLU F 146 19.73 11.52 38.61
C GLU F 146 18.67 10.49 39.03
N GLU F 147 18.39 9.53 38.14
CA GLU F 147 17.29 8.57 38.29
C GLU F 147 17.73 7.26 38.93
N THR F 148 18.99 6.88 38.74
CA THR F 148 19.46 5.54 39.13
C THR F 148 20.63 5.55 40.11
N GLY F 149 21.36 6.66 40.19
CA GLY F 149 22.51 6.79 41.07
C GLY F 149 23.78 6.41 40.35
N PHE F 150 23.62 5.64 39.28
CA PHE F 150 24.74 5.08 38.56
C PHE F 150 25.39 6.09 37.63
N ASP F 151 26.72 6.18 37.71
CA ASP F 151 27.47 7.05 36.84
C ASP F 151 27.96 6.20 35.70
N CYS F 152 27.38 6.39 34.52
CA CYS F 152 27.76 5.58 33.36
C CYS F 152 28.84 6.21 32.47
N SER F 153 29.39 7.34 32.89
CA SER F 153 30.26 8.16 32.03
C SER F 153 31.46 7.45 31.40
N SER F 154 31.78 6.25 31.88
CA SER F 154 32.95 5.51 31.41
C SER F 154 32.55 4.22 30.68
N ARG F 155 31.24 4.10 30.42
CA ARG F 155 30.64 2.87 29.94
C ARG F 155 29.82 3.25 28.71
N ILE F 156 29.39 4.51 28.68
CA ILE F 156 28.59 5.05 27.60
C ILE F 156 29.43 5.11 26.32
N ASN F 157 28.76 5.00 25.17
CA ASN F 157 29.41 5.02 23.89
C ASN F 157 28.70 5.99 22.94
N PRO F 158 29.33 7.13 22.64
CA PRO F 158 28.70 8.16 21.79
C PRO F 158 28.16 7.65 20.46
N ASN F 159 28.64 6.50 20.00
CA ASN F 159 28.23 5.96 18.71
C ASN F 159 27.21 4.84 18.84
N GLU F 160 26.73 4.60 20.05
CA GLU F 160 25.83 3.45 20.26
C GLU F 160 24.54 3.79 20.96
N PHE F 161 23.47 3.85 20.19
CA PHE F 161 22.22 4.42 20.65
C PHE F 161 21.10 4.08 19.65
N ILE F 162 19.85 4.27 20.06
CA ILE F 162 18.68 4.15 19.19
C ILE F 162 18.01 5.52 19.14
N ASP F 163 17.56 5.94 17.96
CA ASP F 163 16.82 7.21 17.77
C ASP F 163 15.38 6.95 17.32
N MET F 164 14.42 7.59 17.97
CA MET F 164 13.00 7.43 17.64
C MET F 164 12.19 8.65 18.00
N THR F 165 11.31 9.08 17.08
CA THR F 165 10.26 10.02 17.44
C THR F 165 9.11 9.21 18.03
N ILE F 166 8.67 9.62 19.21
CA ILE F 166 7.53 9.01 19.85
C ILE F 166 6.83 10.04 20.72
N ARG F 167 5.51 10.12 20.57
CA ARG F 167 4.71 11.12 21.25
C ARG F 167 5.27 12.54 21.11
N GLY F 168 5.73 12.89 19.91
CA GLY F 168 6.15 14.27 19.63
C GLY F 168 7.54 14.70 20.09
N GLN F 169 8.27 13.77 20.72
CA GLN F 169 9.64 14.02 21.17
C GLN F 169 10.66 13.21 20.39
N ASN F 170 11.89 13.71 20.29
CA ASN F 170 12.97 13.00 19.61
C ASN F 170 13.80 12.32 20.65
N VAL F 171 13.48 11.05 20.89
CA VAL F 171 14.15 10.28 21.93
C VAL F 171 15.44 9.69 21.38
N ARG F 172 16.54 9.86 22.12
CA ARG F 172 17.77 9.08 21.92
C ARG F 172 18.12 8.28 23.17
N LEU F 173 18.15 6.97 23.05
CA LEU F 173 18.58 6.15 24.16
C LEU F 173 19.89 5.50 23.81
N TYR F 174 20.91 5.71 24.63
CA TYR F 174 22.18 5.02 24.45
C TYR F 174 22.08 3.62 25.04
N ILE F 175 22.68 2.67 24.34
CA ILE F 175 22.65 1.30 24.82
C ILE F 175 23.94 1.12 25.54
N ILE F 176 23.87 0.82 26.82
CA ILE F 176 25.04 0.64 27.68
C ILE F 176 25.00 -0.79 28.29
N PRO F 177 25.63 -1.76 27.62
CA PRO F 177 25.62 -3.12 28.15
C PRO F 177 26.64 -3.30 29.25
N GLY F 178 26.46 -4.35 30.04
CA GLY F 178 27.49 -4.78 30.98
C GLY F 178 27.49 -3.94 32.23
N ILE F 179 26.30 -3.70 32.75
CA ILE F 179 26.12 -3.07 34.05
C ILE F 179 25.90 -4.18 35.06
N SER F 180 26.54 -4.06 36.22
CA SER F 180 26.56 -5.14 37.18
C SER F 180 25.17 -5.39 37.73
N LEU F 181 24.81 -6.66 37.85
CA LEU F 181 23.47 -7.06 38.24
C LEU F 181 23.19 -6.78 39.71
N ASP F 182 24.25 -6.47 40.44
CA ASP F 182 24.09 -6.03 41.83
C ASP F 182 24.59 -4.61 42.04
N THR F 183 24.48 -3.79 40.99
CA THR F 183 24.55 -2.35 41.11
C THR F 183 23.44 -1.94 42.07
N ARG F 184 23.78 -1.08 43.03
CA ARG F 184 22.84 -0.60 44.02
C ARG F 184 22.16 0.63 43.47
N PHE F 185 20.91 0.48 43.07
CA PHE F 185 20.19 1.58 42.44
C PHE F 185 19.62 2.57 43.44
N GLU F 186 19.79 3.85 43.13
CA GLU F 186 19.48 4.89 44.10
C GLU F 186 18.99 6.19 43.46
N SER F 187 17.95 6.77 44.05
CA SER F 187 17.46 8.06 43.66
C SER F 187 17.54 8.96 44.87
N ARG F 188 18.07 10.18 44.69
CA ARG F 188 18.24 11.09 45.83
C ARG F 188 17.78 12.51 45.48
N THR F 189 18.02 12.91 44.24
CA THR F 189 17.58 14.21 43.75
C THR F 189 16.31 14.09 42.93
N ARG F 190 15.71 12.91 42.95
CA ARG F 190 14.49 12.67 42.17
C ARG F 190 13.41 12.00 43.02
N LYS F 191 12.76 12.82 43.84
CA LYS F 191 11.82 12.36 44.85
C LYS F 191 10.62 11.61 44.27
N GLU F 192 10.25 11.95 43.03
CA GLU F 192 9.11 11.34 42.32
C GLU F 192 9.25 9.83 42.07
N ILE F 193 10.46 9.41 41.70
CA ILE F 193 10.81 8.00 41.53
C ILE F 193 10.60 7.22 42.83
N SER F 194 9.98 6.05 42.72
CA SER F 194 9.77 5.18 43.88
C SER F 194 10.48 3.85 43.77
N LYS F 195 10.65 3.36 42.55
CA LYS F 195 11.28 2.06 42.33
C LYS F 195 12.21 2.11 41.15
N ILE F 196 13.33 1.42 41.26
CA ILE F 196 14.15 1.11 40.11
C ILE F 196 14.70 -0.32 40.16
N GLU F 197 14.21 -1.15 39.25
CA GLU F 197 14.47 -2.57 39.24
C GLU F 197 14.99 -3.08 37.88
N TRP F 198 15.50 -4.31 37.89
CA TRP F 198 15.89 -5.00 36.69
C TRP F 198 14.70 -5.75 36.18
N HIS F 199 14.38 -5.57 34.89
CA HIS F 199 13.37 -6.36 34.21
C HIS F 199 14.04 -7.17 33.13
N ASN F 200 13.47 -8.35 32.87
CA ASN F 200 13.90 -9.25 31.81
C ASN F 200 13.38 -8.82 30.46
N LEU F 201 14.27 -8.67 29.49
CA LEU F 201 13.85 -8.34 28.13
C LEU F 201 12.73 -9.27 27.73
N MET F 202 12.91 -10.56 27.96
CA MET F 202 11.92 -11.56 27.58
C MET F 202 10.53 -11.40 28.19
N ASP F 203 10.43 -10.85 29.41
CA ASP F 203 9.11 -10.66 30.06
C ASP F 203 8.35 -9.40 29.57
N LEU F 204 9.02 -8.53 28.82
CA LEU F 204 8.42 -7.28 28.30
C LEU F 204 7.39 -7.48 27.19
N PRO F 205 6.25 -6.75 27.23
CA PRO F 205 5.14 -7.07 26.33
C PRO F 205 5.43 -7.58 24.92
N THR F 206 6.24 -6.94 24.08
CA THR F 206 6.33 -7.54 22.73
C THR F 206 7.61 -8.31 22.40
N PHE F 207 8.48 -8.47 23.37
CA PHE F 207 9.83 -8.91 23.10
C PHE F 207 9.98 -10.27 22.42
N LYS F 208 9.01 -11.16 22.64
CA LYS F 208 9.09 -12.55 22.20
C LYS F 208 7.77 -13.02 21.62
N LYS F 209 7.85 -13.69 20.46
CA LYS F 209 6.71 -14.23 19.69
C LYS F 209 5.34 -14.24 20.38
N ASN F 210 5.22 -14.95 21.50
CA ASN F 210 3.98 -14.99 22.27
C ASN F 210 4.18 -14.58 23.74
N MET F 215 2.30 -9.68 31.13
CA MET F 215 0.84 -9.63 31.09
C MET F 215 0.32 -8.31 31.66
N LYS F 216 0.19 -8.24 32.99
CA LYS F 216 -0.34 -7.07 33.73
C LYS F 216 0.60 -5.88 33.58
N ASN F 217 0.95 -5.61 32.32
CA ASN F 217 2.09 -4.77 31.97
C ASN F 217 1.84 -3.25 31.90
N LYS F 218 2.63 -2.53 32.69
CA LYS F 218 2.49 -1.08 32.84
C LYS F 218 3.80 -0.37 32.53
N PHE F 219 4.00 -0.08 31.25
CA PHE F 219 5.25 0.52 30.79
C PHE F 219 4.96 1.78 30.04
N TYR F 220 5.88 2.72 30.10
CA TYR F 220 5.69 3.92 29.31
C TYR F 220 6.38 3.79 27.94
N MET F 221 7.49 4.44 27.70
CA MET F 221 7.95 4.40 26.31
C MET F 221 8.95 3.27 26.16
N VAL F 222 8.49 2.06 26.40
CA VAL F 222 9.39 0.92 26.44
C VAL F 222 9.17 0.07 25.19
N ILE F 223 7.95 -0.42 25.01
CA ILE F 223 7.62 -1.29 23.88
C ILE F 223 8.10 -0.78 22.52
N PRO F 224 7.98 0.54 22.24
CA PRO F 224 8.45 0.99 20.91
C PRO F 224 9.96 0.79 20.67
N PHE F 225 10.77 0.68 21.71
CA PHE F 225 12.21 0.52 21.53
C PHE F 225 12.60 -0.95 21.44
N LEU F 226 11.68 -1.84 21.78
CA LEU F 226 11.98 -3.26 21.78
C LEU F 226 12.39 -3.80 20.41
N ALA F 227 11.73 -3.35 19.34
CA ALA F 227 12.09 -3.81 17.99
C ALA F 227 13.51 -3.35 17.63
N PRO F 228 13.76 -2.03 17.67
CA PRO F 228 15.11 -1.60 17.34
C PRO F 228 16.12 -2.18 18.32
N LEU F 229 15.72 -2.36 19.58
CA LEU F 229 16.60 -3.01 20.56
C LEU F 229 17.02 -4.40 20.12
N LYS F 230 16.09 -5.21 19.67
CA LYS F 230 16.47 -6.57 19.23
C LYS F 230 17.43 -6.49 18.05
N LYS F 231 17.12 -5.61 17.11
CA LYS F 231 17.99 -5.32 15.97
C LYS F 231 19.38 -4.90 16.45
N TRP F 232 19.45 -3.94 17.37
CA TRP F 232 20.72 -3.52 17.97
C TRP F 232 21.53 -4.71 18.54
N ILE F 233 20.91 -5.53 19.38
CA ILE F 233 21.58 -6.65 20.04
C ILE F 233 22.12 -7.71 19.06
N LYS F 234 21.29 -8.15 18.12
CA LYS F 234 21.72 -8.94 16.98
C LYS F 234 23.03 -8.41 16.36
N LYS F 235 23.03 -7.14 15.96
CA LYS F 235 24.17 -6.48 15.28
C LYS F 235 25.41 -6.44 16.17
N ARG F 236 25.22 -6.11 17.44
CA ARG F 236 26.33 -5.99 18.38
C ARG F 236 27.00 -7.34 18.65
N ASN F 237 26.22 -8.42 18.65
CA ASN F 237 26.78 -9.77 18.80
C ASN F 237 27.71 -10.18 17.66
N ILE F 238 27.24 -9.94 16.44
CA ILE F 238 28.05 -10.04 15.21
C ILE F 238 29.31 -9.19 15.33
N ALA F 239 29.18 -7.97 15.84
CA ALA F 239 30.32 -7.06 16.01
C ALA F 239 31.34 -7.58 17.02
N ASN F 240 30.84 -8.25 18.07
CA ASN F 240 31.70 -8.82 19.12
C ASN F 240 32.70 -9.84 18.61
N ASN F 241 32.22 -10.73 17.73
CA ASN F 241 33.04 -11.77 17.13
C ASN F 241 33.93 -11.24 16.02
N THR F 242 33.40 -10.30 15.24
CA THR F 242 34.11 -9.69 14.11
C THR F 242 35.03 -8.54 14.58
N THR F 243 34.58 -7.30 14.34
CA THR F 243 35.36 -6.11 14.68
C THR F 243 35.27 -5.79 16.17
N LYS F 244 35.12 -4.52 16.50
CA LYS F 244 34.77 -4.11 17.85
C LYS F 244 33.77 -2.97 17.81
N GLU F 245 32.51 -3.36 17.60
CA GLU F 245 31.32 -2.53 17.81
C GLU F 245 31.46 -1.03 17.55
N LYS F 246 31.08 -0.21 18.55
CA LYS F 246 31.26 1.25 18.57
C LYS F 246 30.64 1.93 17.35
N ASN F 247 29.85 1.19 16.59
CA ASN F 247 29.24 1.71 15.39
C ASN F 247 27.77 1.40 15.38
N ILE F 248 27.36 0.47 16.25
CA ILE F 248 26.00 -0.05 16.22
C ILE F 248 24.98 0.94 16.76
N SER F 249 24.25 1.54 15.84
CA SER F 249 23.17 2.42 16.18
C SER F 249 21.98 2.07 15.31
N VAL F 250 20.78 2.42 15.77
CA VAL F 250 19.57 2.18 15.05
C VAL F 250 18.76 3.47 15.01
N ASP F 251 18.43 3.90 13.79
CA ASP F 251 17.65 5.11 13.60
C ASP F 251 16.33 4.71 12.94
N VAL F 252 15.34 4.49 13.79
CA VAL F 252 14.01 4.06 13.38
C VAL F 252 13.43 4.89 12.22
N ASP F 253 13.68 6.20 12.25
CA ASP F 253 12.96 7.16 11.41
C ASP F 253 13.74 7.72 10.27
N ALA F 254 14.81 7.03 9.87
CA ALA F 254 15.57 7.44 8.69
C ALA F 254 15.45 6.37 7.59
N ASP F 255 16.58 5.80 7.17
CA ASP F 255 16.59 4.81 6.08
C ASP F 255 15.53 3.73 6.20
N ALA F 256 15.51 2.99 7.31
CA ALA F 256 14.55 1.90 7.46
C ALA F 256 13.11 2.38 7.19
N SER F 257 12.79 3.59 7.62
CA SER F 257 11.46 4.15 7.38
C SER F 257 11.28 4.64 5.96
N SER F 258 12.38 5.00 5.32
CA SER F 258 12.35 5.50 3.95
C SER F 258 12.11 4.36 2.97
N GLN F 259 12.83 3.25 3.19
CA GLN F 259 12.69 2.01 2.44
C GLN F 259 11.29 1.42 2.51
N LEU F 260 10.78 1.24 3.73
CA LEU F 260 9.49 0.64 3.97
C LEU F 260 8.37 1.53 3.43
N LEU F 261 8.58 2.84 3.54
CA LEU F 261 7.65 3.82 3.02
C LEU F 261 7.57 3.71 1.52
N SER F 262 8.71 3.37 0.90
CA SER F 262 8.80 3.26 -0.55
C SER F 262 8.04 2.04 -1.06
N LEU F 263 8.23 0.92 -0.39
CA LEU F 263 7.43 -0.28 -0.66
C LEU F 263 5.93 0.01 -0.55
N LEU F 264 5.51 0.67 0.53
CA LEU F 264 4.11 1.05 0.67
C LEU F 264 3.63 1.96 -0.44
N LYS F 265 4.41 2.99 -0.75
CA LYS F 265 3.93 4.10 -1.56
C LYS F 265 4.14 3.95 -3.06
N SER F 266 5.25 3.32 -3.47
CA SER F 266 5.61 3.13 -4.88
C SER F 266 4.51 2.44 -5.68
N MET G 1 -9.38 52.35 6.20
CA MET G 1 -10.61 52.73 6.94
C MET G 1 -11.82 52.14 6.21
N GLU G 2 -12.74 53.01 5.78
CA GLU G 2 -13.83 52.58 4.88
C GLU G 2 -13.27 52.32 3.49
N ASP G 3 -12.18 53.01 3.18
CA ASP G 3 -11.39 52.81 1.96
C ASP G 3 -11.05 51.33 1.79
N GLU G 4 -10.78 50.66 2.91
CA GLU G 4 -10.45 49.24 2.94
C GLU G 4 -11.67 48.36 2.64
N ASN G 5 -12.82 48.74 3.17
CA ASN G 5 -14.05 47.96 2.97
C ASN G 5 -14.57 47.97 1.53
N ILE G 6 -14.33 49.07 0.82
CA ILE G 6 -14.64 49.15 -0.61
C ILE G 6 -13.83 48.09 -1.35
N LEU G 7 -12.55 47.99 -1.00
CA LEU G 7 -11.64 47.03 -1.60
C LEU G 7 -12.08 45.59 -1.35
N ARG G 8 -12.33 45.21 -0.10
CA ARG G 8 -12.83 43.86 0.21
C ARG G 8 -14.00 43.52 -0.70
N ASN G 9 -15.02 44.38 -0.70
CA ASN G 9 -16.21 44.15 -1.48
C ASN G 9 -15.93 44.10 -3.00
N ALA G 10 -15.08 45.00 -3.46
CA ALA G 10 -14.70 45.05 -4.88
C ALA G 10 -14.11 43.72 -5.32
N VAL G 11 -13.19 43.17 -4.50
CA VAL G 11 -12.60 41.85 -4.73
C VAL G 11 -13.65 40.73 -4.53
N ASN G 12 -14.32 40.70 -3.39
CA ASN G 12 -15.34 39.69 -3.10
C ASN G 12 -16.28 39.51 -4.29
N LEU G 13 -16.72 40.64 -4.84
CA LEU G 13 -17.64 40.68 -5.97
C LEU G 13 -16.97 40.23 -7.27
N GLN G 14 -15.71 40.64 -7.46
CA GLN G 14 -14.97 40.22 -8.64
C GLN G 14 -14.87 38.69 -8.68
N VAL G 15 -14.60 38.11 -7.52
CA VAL G 15 -14.53 36.65 -7.36
C VAL G 15 -15.88 35.96 -7.63
N LEU G 16 -16.96 36.51 -7.07
CA LEU G 16 -18.26 35.88 -7.23
C LEU G 16 -18.70 35.80 -8.69
N LYS G 17 -18.55 36.92 -9.42
CA LYS G 17 -18.83 37.00 -10.85
C LYS G 17 -18.04 35.96 -11.65
N PHE G 18 -16.79 35.72 -11.24
CA PHE G 18 -15.95 34.73 -11.91
C PHE G 18 -16.61 33.36 -11.91
N HIS G 19 -17.13 32.94 -10.77
CA HIS G 19 -17.80 31.67 -10.69
C HIS G 19 -19.24 31.73 -11.20
N TYR G 20 -19.88 32.90 -11.05
CA TYR G 20 -21.27 33.11 -11.45
C TYR G 20 -21.46 34.52 -12.02
N PRO G 21 -21.28 34.69 -13.35
CA PRO G 21 -21.17 36.03 -13.95
C PRO G 21 -22.35 36.99 -13.68
N GLU G 22 -23.51 36.43 -13.34
CA GLU G 22 -24.72 37.21 -13.10
C GLU G 22 -24.64 38.14 -11.88
N ILE G 23 -24.85 37.57 -10.69
CA ILE G 23 -24.90 38.33 -9.42
C ILE G 23 -24.95 39.88 -9.49
N GLU G 24 -23.81 40.54 -9.61
CA GLU G 24 -23.80 42.00 -9.69
C GLU G 24 -24.02 42.74 -8.34
N SER G 25 -24.48 42.04 -7.31
CA SER G 25 -24.61 42.64 -5.97
C SER G 25 -24.43 41.73 -4.75
N ILE G 26 -23.68 42.21 -3.76
CA ILE G 26 -23.53 41.54 -2.47
C ILE G 26 -24.35 42.24 -1.39
N ILE G 27 -25.20 41.49 -0.70
CA ILE G 27 -26.07 42.07 0.31
C ILE G 27 -25.45 42.03 1.71
N ASP G 28 -25.00 40.82 2.12
CA ASP G 28 -24.40 40.62 3.44
C ASP G 28 -23.54 39.35 3.50
N ILE G 29 -22.65 39.28 4.48
CA ILE G 29 -21.63 38.21 4.58
C ILE G 29 -21.59 37.51 5.95
N ALA G 30 -21.59 36.19 5.92
CA ALA G 30 -21.35 35.39 7.12
C ALA G 30 -19.96 34.79 7.00
N SER G 31 -19.07 35.21 7.88
CA SER G 31 -17.65 34.83 7.77
C SER G 31 -17.41 33.33 7.52
N HIS G 32 -18.21 32.47 8.17
CA HIS G 32 -18.00 31.02 8.15
C HIS G 32 -19.29 30.24 8.43
N VAL G 33 -19.78 29.55 7.40
CA VAL G 33 -20.97 28.70 7.51
C VAL G 33 -20.67 27.27 7.08
N ALA G 34 -21.25 26.32 7.81
CA ALA G 34 -21.24 24.90 7.46
C ALA G 34 -22.63 24.55 6.98
N VAL G 35 -22.71 23.72 5.92
CA VAL G 35 -23.99 23.27 5.39
C VAL G 35 -24.35 21.86 5.85
N TYR G 36 -25.59 21.68 6.31
CA TYR G 36 -26.13 20.35 6.60
C TYR G 36 -27.27 20.03 5.65
N GLN G 37 -27.65 18.78 5.58
CA GLN G 37 -28.69 18.35 4.67
C GLN G 37 -29.49 17.22 5.31
N PHE G 38 -30.81 17.29 5.18
CA PHE G 38 -31.66 16.25 5.70
C PHE G 38 -31.93 15.24 4.60
N ASP G 39 -31.61 13.98 4.86
CA ASP G 39 -31.75 12.97 3.81
C ASP G 39 -33.13 12.33 3.80
N VAL G 40 -33.64 12.06 2.60
CA VAL G 40 -34.91 11.36 2.42
C VAL G 40 -34.78 9.89 2.83
N GLY G 41 -33.88 9.16 2.16
CA GLY G 41 -33.51 7.81 2.55
C GLY G 41 -33.00 7.84 3.98
N SER G 42 -33.87 7.41 4.90
CA SER G 42 -33.70 7.58 6.34
C SER G 42 -33.77 9.05 6.75
N GLN G 43 -34.66 9.33 7.69
CA GLN G 43 -34.95 10.69 8.14
C GLN G 43 -33.85 11.26 9.04
N LYS G 44 -32.66 11.47 8.47
CA LYS G 44 -31.49 11.90 9.26
C LYS G 44 -30.84 13.12 8.65
N TRP G 45 -30.44 14.04 9.52
CA TRP G 45 -29.61 15.18 9.13
C TRP G 45 -28.19 14.66 8.93
N LEU G 46 -27.62 14.92 7.75
CA LEU G 46 -26.25 14.49 7.47
C LEU G 46 -25.34 15.67 7.15
N LYS G 47 -24.12 15.61 7.69
CA LYS G 47 -23.18 16.69 7.52
C LYS G 47 -22.61 16.68 6.11
N THR G 48 -22.68 17.84 5.48
CA THR G 48 -22.18 18.07 4.13
C THR G 48 -20.71 18.44 4.28
N SER G 49 -19.96 18.41 3.18
CA SER G 49 -18.55 18.83 3.22
C SER G 49 -18.33 20.29 2.79
N ILE G 50 -19.42 21.00 2.50
CA ILE G 50 -19.36 22.40 2.09
C ILE G 50 -19.26 23.26 3.34
N GLU G 51 -18.29 24.16 3.33
CA GLU G 51 -17.98 24.96 4.52
C GLU G 51 -17.11 26.13 4.09
N GLY G 52 -17.54 27.34 4.40
CA GLY G 52 -16.80 28.52 4.02
C GLY G 52 -17.59 29.79 4.27
N THR G 53 -17.14 30.88 3.65
CA THR G 53 -17.78 32.19 3.76
C THR G 53 -19.11 32.16 3.03
N PHE G 54 -20.08 32.87 3.60
CA PHE G 54 -21.45 32.93 3.09
C PHE G 54 -21.69 34.32 2.54
N PHE G 55 -22.10 34.38 1.27
CA PHE G 55 -22.35 35.63 0.59
C PHE G 55 -23.80 35.66 0.19
N LEU G 56 -24.60 36.46 0.89
CA LEU G 56 -25.98 36.68 0.46
C LEU G 56 -25.93 37.65 -0.71
N VAL G 57 -26.46 37.24 -1.85
CA VAL G 57 -26.27 37.98 -3.10
C VAL G 57 -27.57 38.21 -3.82
N LYS G 58 -27.61 39.31 -4.57
CA LYS G 58 -28.69 39.65 -5.48
C LYS G 58 -28.09 39.54 -6.88
N ASP G 59 -28.91 39.18 -7.86
CA ASP G 59 -28.44 39.00 -9.25
C ASP G 59 -29.09 39.95 -10.27
N GLN G 60 -28.90 39.67 -11.56
CA GLN G 60 -29.71 40.29 -12.62
C GLN G 60 -31.12 39.71 -12.51
N ARG G 61 -32.14 40.57 -12.51
CA ARG G 61 -33.52 40.18 -12.17
C ARG G 61 -33.78 40.25 -10.66
N ALA G 62 -32.80 40.78 -9.92
CA ALA G 62 -32.90 41.02 -8.48
C ALA G 62 -33.43 39.84 -7.66
N ARG G 63 -33.01 38.63 -8.03
CA ARG G 63 -33.37 37.42 -7.28
C ARG G 63 -32.43 37.31 -6.10
N VAL G 64 -32.96 36.93 -4.95
CA VAL G 64 -32.11 36.70 -3.79
C VAL G 64 -31.61 35.26 -3.70
N GLY G 65 -30.30 35.13 -3.51
CA GLY G 65 -29.66 33.84 -3.33
C GLY G 65 -28.44 33.95 -2.43
N TYR G 66 -27.78 32.82 -2.21
CA TYR G 66 -26.55 32.81 -1.43
C TYR G 66 -25.46 31.92 -1.97
N VAL G 67 -24.22 32.38 -1.78
CA VAL G 67 -23.04 31.69 -2.28
C VAL G 67 -22.11 31.43 -1.11
N ILE G 68 -21.71 30.17 -0.99
CA ILE G 68 -20.70 29.71 -0.06
C ILE G 68 -19.48 29.25 -0.87
N LEU G 69 -18.38 30.00 -0.79
CA LEU G 69 -17.14 29.61 -1.49
C LEU G 69 -16.46 28.55 -0.67
N ASN G 70 -16.69 27.30 -1.05
CA ASN G 70 -16.28 26.15 -0.28
C ASN G 70 -14.76 26.12 -0.04
N ARG G 71 -14.37 25.85 1.20
CA ARG G 71 -12.95 25.72 1.60
C ARG G 71 -12.43 24.31 1.51
N ASN G 72 -13.31 23.33 1.62
CA ASN G 72 -12.89 21.95 1.58
C ASN G 72 -12.57 21.47 0.16
N SER G 73 -13.27 22.03 -0.83
CA SER G 73 -13.12 21.63 -2.23
C SER G 73 -13.61 22.77 -3.13
N PRO G 74 -13.39 22.66 -4.46
CA PRO G 74 -13.77 23.77 -5.32
C PRO G 74 -15.25 23.74 -5.73
N GLU G 75 -16.02 22.81 -5.16
CA GLU G 75 -17.44 22.72 -5.43
C GLU G 75 -18.21 23.61 -4.45
N ASN G 76 -18.67 24.76 -4.95
CA ASN G 76 -19.40 25.73 -4.14
C ASN G 76 -20.89 25.41 -3.97
N LEU G 77 -21.56 26.23 -3.17
CA LEU G 77 -23.00 26.19 -3.07
C LEU G 77 -23.59 27.54 -3.40
N TYR G 78 -24.58 27.54 -4.28
CA TYR G 78 -25.31 28.74 -4.68
C TYR G 78 -26.79 28.40 -4.83
N LEU G 79 -27.58 28.80 -3.84
CA LEU G 79 -29.01 28.53 -3.89
C LEU G 79 -29.80 29.81 -3.81
N PHE G 80 -30.88 29.89 -4.58
CA PHE G 80 -31.83 30.99 -4.51
C PHE G 80 -32.82 30.77 -3.37
N ILE G 81 -33.26 31.86 -2.77
CA ILE G 81 -34.33 31.81 -1.81
C ILE G 81 -35.53 32.37 -2.54
N ASN G 82 -36.41 31.49 -2.99
CA ASN G 82 -37.57 31.90 -3.80
C ASN G 82 -38.54 32.79 -3.06
N HIS G 83 -38.73 32.51 -1.77
CA HIS G 83 -39.66 33.26 -0.95
C HIS G 83 -39.24 33.26 0.53
N PRO G 84 -39.32 34.42 1.18
CA PRO G 84 -38.85 34.50 2.56
C PRO G 84 -39.39 33.42 3.49
N SER G 85 -40.56 32.85 3.20
CA SER G 85 -41.16 31.81 4.05
C SER G 85 -40.52 30.45 3.86
N ASN G 86 -39.48 30.39 3.03
CA ASN G 86 -38.77 29.15 2.72
C ASN G 86 -37.60 28.95 3.67
N VAL G 87 -37.25 30.01 4.39
CA VAL G 87 -36.12 29.99 5.31
C VAL G 87 -36.65 30.03 6.72
N HIS G 88 -36.02 29.26 7.60
CA HIS G 88 -36.45 29.09 8.97
C HIS G 88 -35.28 29.16 9.93
N LEU G 89 -35.59 29.45 11.19
CA LEU G 89 -34.61 29.61 12.24
C LEU G 89 -34.98 28.72 13.41
N VAL G 90 -34.38 27.54 13.43
CA VAL G 90 -34.62 26.55 14.47
C VAL G 90 -33.30 26.27 15.18
N ASP G 91 -33.28 26.39 16.49
CA ASP G 91 -32.10 26.09 17.30
C ASP G 91 -30.79 26.40 16.58
N ARG G 92 -30.46 27.67 16.44
CA ARG G 92 -29.17 28.10 15.85
C ARG G 92 -28.90 27.66 14.40
N TYR G 93 -29.80 26.87 13.84
CA TYR G 93 -29.71 26.49 12.43
C TYR G 93 -30.48 27.48 11.59
N LEU G 94 -30.14 27.55 10.32
CA LEU G 94 -30.96 28.29 9.38
C LEU G 94 -31.46 27.26 8.39
N ILE G 95 -32.70 26.80 8.60
CA ILE G 95 -33.28 25.77 7.75
C ILE G 95 -33.87 26.40 6.49
N HIS G 96 -33.37 25.96 5.34
CA HIS G 96 -33.87 26.41 4.04
C HIS G 96 -34.41 25.24 3.23
N ARG G 97 -35.67 25.32 2.82
CA ARG G 97 -36.21 24.36 1.86
C ARG G 97 -36.28 24.92 0.45
N THR G 98 -35.57 24.27 -0.46
CA THR G 98 -35.53 24.68 -1.85
C THR G 98 -36.69 24.10 -2.68
N GLU G 99 -36.75 24.48 -3.96
CA GLU G 99 -37.79 24.00 -4.88
C GLU G 99 -37.78 22.48 -4.99
N ASN G 100 -36.56 21.93 -5.16
CA ASN G 100 -36.35 20.52 -5.38
C ASN G 100 -36.72 19.62 -4.21
N GLN G 101 -37.39 20.19 -3.20
CA GLN G 101 -37.73 19.50 -1.95
C GLN G 101 -36.48 19.11 -1.12
N HIS G 102 -35.35 19.78 -1.37
CA HIS G 102 -34.13 19.52 -0.61
C HIS G 102 -34.02 20.45 0.57
N VAL G 103 -34.08 19.89 1.78
CA VAL G 103 -33.96 20.67 3.00
C VAL G 103 -32.48 20.89 3.35
N VAL G 104 -32.12 22.15 3.56
CA VAL G 104 -30.75 22.54 3.85
C VAL G 104 -30.66 23.28 5.19
N GLY G 105 -29.71 22.87 6.04
CA GLY G 105 -29.43 23.53 7.32
C GLY G 105 -28.16 24.38 7.22
N LEU G 106 -28.25 25.63 7.66
CA LEU G 106 -27.10 26.52 7.63
C LEU G 106 -26.62 26.86 9.03
N TRP G 107 -25.43 26.36 9.39
CA TRP G 107 -24.81 26.74 10.65
C TRP G 107 -23.83 27.90 10.48
N MET G 108 -24.32 29.11 10.71
CA MET G 108 -23.48 30.30 10.85
C MET G 108 -22.60 30.11 12.09
N PHE G 109 -21.30 30.38 11.99
CA PHE G 109 -20.43 30.17 13.15
C PHE G 109 -20.49 31.29 14.18
N ASP G 110 -20.88 32.47 13.72
CA ASP G 110 -21.05 33.63 14.54
C ASP G 110 -22.57 33.79 14.77
N PRO G 111 -23.01 33.82 16.05
CA PRO G 111 -24.43 33.91 16.40
C PRO G 111 -25.08 35.12 15.76
N ASN G 112 -24.29 36.19 15.58
CA ASN G 112 -24.78 37.46 15.10
C ASN G 112 -25.00 37.53 13.60
N ASP G 113 -24.35 36.65 12.86
CA ASP G 113 -24.59 36.55 11.44
C ASP G 113 -25.94 35.86 11.22
N MET G 114 -26.20 34.82 12.00
CA MET G 114 -27.41 34.05 11.87
C MET G 114 -28.60 34.97 12.06
N SER G 115 -28.76 35.53 13.25
CA SER G 115 -29.89 36.39 13.48
C SER G 115 -29.92 37.61 12.53
N ARG G 116 -28.77 38.11 12.10
CA ARG G 116 -28.79 39.27 11.19
C ARG G 116 -29.31 38.91 9.81
N ILE G 117 -28.65 37.95 9.17
CA ILE G 117 -29.07 37.43 7.86
C ILE G 117 -30.51 36.89 7.85
N PHE G 118 -30.95 36.30 8.96
CA PHE G 118 -32.32 35.85 9.04
C PHE G 118 -33.27 37.04 8.84
N ASN G 119 -33.07 38.10 9.62
CA ASN G 119 -33.89 39.32 9.47
C ASN G 119 -34.01 39.79 8.03
N ILE G 120 -32.88 39.84 7.31
CA ILE G 120 -32.86 40.31 5.93
C ILE G 120 -33.76 39.46 5.05
N VAL G 121 -33.64 38.15 5.19
CA VAL G 121 -34.29 37.21 4.29
C VAL G 121 -35.54 36.61 4.94
N LYS G 122 -36.30 37.46 5.61
CA LYS G 122 -37.42 37.06 6.49
C LYS G 122 -37.65 38.21 7.50
N GLU G 123 -37.96 39.40 6.96
CA GLU G 123 -37.93 40.67 7.72
C GLU G 123 -39.01 40.79 8.81
N SER G 124 -40.00 41.66 8.60
CA SER G 124 -41.03 41.92 9.61
C SER G 124 -42.44 41.69 9.04
N LEU G 125 -43.39 42.57 9.38
CA LEU G 125 -44.74 42.49 8.81
C LEU G 125 -45.25 43.87 8.44
N LEU G 126 -46.09 43.94 7.41
CA LEU G 126 -46.65 45.23 6.95
C LEU G 126 -48.09 45.43 7.42
N ARG G 127 -48.34 46.60 8.05
CA ARG G 127 -49.67 47.06 8.46
C ARG G 127 -50.05 48.32 7.68
N MET H 1 -18.49 24.20 -12.70
CA MET H 1 -17.51 24.42 -11.60
C MET H 1 -16.06 24.07 -11.99
N SER H 2 -15.25 25.10 -12.28
CA SER H 2 -13.85 24.91 -12.65
C SER H 2 -12.97 26.16 -12.65
N PHE H 3 -11.67 25.92 -12.50
CA PHE H 3 -10.65 26.95 -12.57
C PHE H 3 -9.86 26.79 -13.86
N THR H 4 -10.41 26.01 -14.79
CA THR H 4 -9.74 25.66 -16.05
C THR H 4 -8.89 26.78 -16.66
N ASN H 5 -9.42 28.01 -16.73
CA ASN H 5 -8.71 29.14 -17.32
C ASN H 5 -8.76 30.42 -16.46
N ALA H 6 -8.02 30.41 -15.36
CA ALA H 6 -7.95 31.58 -14.50
C ALA H 6 -6.59 32.25 -14.65
N THR H 7 -6.60 33.58 -14.85
CA THR H 7 -5.36 34.34 -15.13
C THR H 7 -4.31 34.37 -14.00
N PHE H 8 -4.40 33.41 -13.06
CA PHE H 8 -3.53 33.32 -11.88
C PHE H 8 -3.79 34.46 -10.90
N SER H 9 -3.82 35.68 -11.40
CA SER H 9 -4.28 36.83 -10.62
C SER H 9 -5.70 36.56 -10.15
N GLN H 10 -6.49 35.97 -11.05
CA GLN H 10 -7.85 35.53 -10.73
C GLN H 10 -7.84 34.43 -9.67
N VAL H 11 -6.80 33.61 -9.67
CA VAL H 11 -6.63 32.54 -8.70
C VAL H 11 -6.33 33.13 -7.33
N LEU H 12 -5.34 34.02 -7.26
CA LEU H 12 -5.00 34.71 -6.02
C LEU H 12 -6.21 35.49 -5.47
N ASP H 13 -6.92 36.18 -6.36
CA ASP H 13 -8.15 36.88 -6.01
C ASP H 13 -9.11 35.93 -5.29
N ASP H 14 -9.34 34.77 -5.88
CA ASP H 14 -10.28 33.80 -5.33
C ASP H 14 -9.86 33.42 -3.91
N LEU H 15 -8.70 32.78 -3.80
CA LEU H 15 -8.14 32.34 -2.52
C LEU H 15 -8.10 33.47 -1.49
N SER H 16 -7.98 34.70 -1.99
CA SER H 16 -7.97 35.88 -1.15
C SER H 16 -9.33 36.08 -0.47
N ALA H 17 -10.40 35.82 -1.21
CA ALA H 17 -11.77 35.96 -0.68
C ALA H 17 -12.24 34.65 -0.07
N ARG H 18 -11.62 33.56 -0.50
CA ARG H 18 -11.98 32.22 -0.09
C ARG H 18 -11.49 31.89 1.32
N PHE H 19 -10.36 32.49 1.71
CA PHE H 19 -9.66 32.07 2.91
C PHE H 19 -9.26 33.23 3.80
N ILE H 20 -8.79 34.32 3.18
CA ILE H 20 -8.38 35.52 3.90
C ILE H 20 -9.49 36.58 3.74
N LEU H 21 -9.24 37.81 4.20
CA LEU H 21 -10.12 38.96 3.89
C LEU H 21 -11.49 38.96 4.56
N ASN H 22 -12.19 37.83 4.49
CA ASN H 22 -13.50 37.69 5.11
C ASN H 22 -13.44 36.96 6.45
N LEU H 23 -12.44 37.27 7.26
CA LEU H 23 -12.25 36.62 8.56
C LEU H 23 -13.15 37.23 9.65
N PRO H 24 -13.59 36.40 10.63
CA PRO H 24 -14.49 36.81 11.69
C PRO H 24 -14.03 38.03 12.50
N ALA H 25 -14.96 38.59 13.26
CA ALA H 25 -14.69 39.73 14.14
C ALA H 25 -13.51 39.46 15.08
N GLU H 26 -13.54 38.30 15.74
CA GLU H 26 -12.50 37.94 16.71
C GLU H 26 -11.16 37.69 16.02
N GLU H 27 -11.13 36.68 15.14
CA GLU H 27 -9.94 36.34 14.34
C GLU H 27 -9.36 37.50 13.51
N GLN H 28 -9.99 38.67 13.59
CA GLN H 28 -9.60 39.83 12.80
C GLN H 28 -8.09 40.09 12.87
N SER H 29 -7.47 40.23 11.70
CA SER H 29 -6.02 40.39 11.56
C SER H 29 -5.26 39.31 12.36
N SER H 30 -4.29 39.71 13.18
CA SER H 30 -3.58 38.81 14.11
C SER H 30 -2.90 37.59 13.48
N VAL H 31 -1.56 37.64 13.37
CA VAL H 31 -0.76 36.60 12.70
C VAL H 31 -1.13 35.15 13.04
N GLU H 32 -1.54 34.92 14.29
CA GLU H 32 -2.04 33.62 14.77
C GLU H 32 -2.78 32.87 13.66
N ARG H 33 -3.84 33.48 13.12
CA ARG H 33 -4.62 32.89 12.02
C ARG H 33 -4.14 33.22 10.61
N LEU H 34 -3.75 34.46 10.36
CA LEU H 34 -3.40 34.87 8.98
C LEU H 34 -2.54 33.82 8.26
N CYS H 35 -1.47 33.39 8.92
CA CYS H 35 -0.57 32.38 8.36
C CYS H 35 -1.29 31.04 8.19
N PHE H 36 -2.00 30.63 9.24
CA PHE H 36 -2.78 29.41 9.25
C PHE H 36 -3.67 29.34 8.02
N GLN H 37 -4.35 30.44 7.72
CA GLN H 37 -5.22 30.54 6.57
C GLN H 37 -4.45 30.54 5.25
N ILE H 38 -3.27 31.13 5.23
CA ILE H 38 -2.49 31.15 4.01
C ILE H 38 -2.07 29.73 3.62
N GLU H 39 -1.66 28.94 4.60
CA GLU H 39 -1.30 27.54 4.36
C GLU H 39 -2.47 26.76 3.74
N GLN H 40 -3.68 26.96 4.26
CA GLN H 40 -4.89 26.39 3.69
C GLN H 40 -5.12 26.88 2.25
N ALA H 41 -5.00 28.19 2.05
CA ALA H 41 -5.02 28.79 0.71
C ALA H 41 -4.07 28.03 -0.20
N HIS H 42 -2.86 27.77 0.30
CA HIS H 42 -1.82 27.09 -0.45
C HIS H 42 -2.14 25.64 -0.81
N TRP H 43 -2.70 24.88 0.13
CA TRP H 43 -3.08 23.48 -0.14
C TRP H 43 -4.30 23.39 -1.03
N PHE H 44 -5.12 24.44 -1.02
CA PHE H 44 -6.26 24.45 -1.93
C PHE H 44 -5.70 24.56 -3.34
N TYR H 45 -4.81 25.53 -3.54
CA TYR H 45 -4.17 25.76 -4.81
C TYR H 45 -3.46 24.52 -5.35
N GLU H 46 -2.59 23.91 -4.53
CA GLU H 46 -1.80 22.75 -4.96
C GLU H 46 -2.66 21.51 -5.25
N ASP H 47 -3.70 21.32 -4.45
CA ASP H 47 -4.52 20.10 -4.52
C ASP H 47 -5.70 20.21 -5.49
N PHE H 48 -6.29 21.40 -5.61
CA PHE H 48 -7.51 21.55 -6.40
C PHE H 48 -7.37 22.43 -7.66
N ILE H 49 -6.74 23.59 -7.50
CA ILE H 49 -6.55 24.51 -8.62
C ILE H 49 -5.60 23.90 -9.67
N ARG H 50 -4.58 23.18 -9.20
CA ARG H 50 -3.68 22.42 -10.08
C ARG H 50 -4.39 21.36 -10.91
N ALA H 51 -5.07 20.42 -10.26
CA ALA H 51 -5.72 19.30 -10.95
C ALA H 51 -6.58 19.82 -12.09
N GLN H 52 -7.16 21.00 -11.90
CA GLN H 52 -7.97 21.68 -12.90
C GLN H 52 -7.15 22.79 -13.58
N ASN H 53 -6.09 22.41 -14.31
CA ASN H 53 -5.21 23.38 -14.99
C ASN H 53 -3.91 22.83 -15.59
N ASP H 54 -3.04 22.27 -14.74
CA ASP H 54 -1.73 21.73 -15.13
C ASP H 54 -0.68 22.81 -15.48
N GLN H 55 -1.12 23.88 -16.12
CA GLN H 55 -0.26 25.00 -16.53
C GLN H 55 0.40 25.74 -15.37
N LEU H 56 -0.39 26.04 -14.33
CA LEU H 56 0.07 26.82 -13.17
C LEU H 56 1.20 26.12 -12.41
N PRO H 57 2.14 26.91 -11.85
CA PRO H 57 3.33 26.40 -11.13
C PRO H 57 2.99 25.62 -9.87
N SER H 58 4.02 25.09 -9.20
CA SER H 58 3.82 24.33 -7.98
C SER H 58 4.63 24.92 -6.82
N LEU H 59 4.27 26.13 -6.42
CA LEU H 59 5.04 26.93 -5.45
C LEU H 59 5.19 26.29 -4.07
N GLY H 60 6.10 26.87 -3.28
CA GLY H 60 6.26 26.50 -1.87
C GLY H 60 5.49 27.48 -1.00
N LEU H 61 5.35 27.15 0.28
CA LEU H 61 4.55 27.95 1.20
C LEU H 61 4.91 29.43 1.16
N ARG H 62 6.17 29.75 1.48
CA ARG H 62 6.65 31.14 1.48
C ARG H 62 6.70 31.76 0.06
N VAL H 63 6.94 30.93 -0.94
CA VAL H 63 6.93 31.35 -2.35
C VAL H 63 5.51 31.81 -2.76
N PHE H 64 4.51 31.00 -2.38
CA PHE H 64 3.10 31.27 -2.64
C PHE H 64 2.60 32.41 -1.76
N SER H 65 2.98 32.37 -0.50
CA SER H 65 2.56 33.37 0.47
C SER H 65 3.05 34.76 0.08
N ALA H 66 4.34 34.87 -0.23
CA ALA H 66 4.94 36.13 -0.64
C ALA H 66 4.23 36.68 -1.88
N LYS H 67 3.98 35.80 -2.85
CA LYS H 67 3.31 36.17 -4.09
C LYS H 67 1.86 36.60 -3.86
N LEU H 68 1.20 35.94 -2.90
CA LEU H 68 -0.17 36.30 -2.49
C LEU H 68 -0.23 37.72 -1.95
N PHE H 69 0.80 38.12 -1.20
CA PHE H 69 0.89 39.47 -0.66
C PHE H 69 1.24 40.52 -1.72
N ALA H 70 0.52 40.48 -2.84
CA ALA H 70 0.71 41.44 -3.92
C ALA H 70 -0.60 41.67 -4.65
N HIS H 71 -1.67 41.87 -3.89
CA HIS H 71 -3.01 42.06 -4.47
C HIS H 71 -3.92 43.11 -3.78
N CYS H 72 -3.81 43.25 -2.46
CA CYS H 72 -4.66 44.20 -1.72
C CYS H 72 -4.05 45.61 -1.69
N LYS H 77 -0.61 45.76 0.46
CA LYS H 77 -0.86 45.16 1.77
C LYS H 77 -0.07 45.86 2.88
N TRP H 78 -0.70 46.00 4.04
CA TRP H 78 -0.04 46.55 5.22
C TRP H 78 0.80 45.51 5.94
N SER H 79 0.27 44.30 6.05
CA SER H 79 0.88 43.24 6.87
C SER H 79 2.23 42.72 6.34
N LYS H 80 2.79 43.39 5.33
CA LYS H 80 4.16 43.11 4.88
C LYS H 80 5.19 43.76 5.81
N VAL H 81 4.74 44.74 6.61
CA VAL H 81 5.54 45.33 7.69
C VAL H 81 5.91 44.24 8.68
N HIS H 82 4.92 43.41 9.03
CA HIS H 82 5.10 42.26 9.89
C HIS H 82 5.13 40.97 9.05
N GLU H 83 5.96 40.97 8.01
CA GLU H 83 6.17 39.78 7.17
C GLU H 83 7.60 39.26 7.31
N GLU H 84 8.46 40.07 7.90
CA GLU H 84 9.83 39.66 8.20
C GLU H 84 9.84 38.62 9.32
N ALA H 85 8.98 38.81 10.31
CA ALA H 85 8.82 37.86 11.41
C ALA H 85 8.04 36.62 10.98
N PHE H 86 7.17 36.80 9.98
CA PHE H 86 6.44 35.71 9.35
C PHE H 86 7.39 34.74 8.66
N ASP H 87 8.41 35.29 8.00
CA ASP H 87 9.47 34.54 7.32
C ASP H 87 10.16 33.61 8.31
N ASP H 88 10.51 34.15 9.47
CA ASP H 88 11.16 33.38 10.54
C ASP H 88 10.24 32.30 11.11
N PHE H 89 9.02 32.70 11.44
CA PHE H 89 8.04 31.84 12.09
C PHE H 89 7.86 30.48 11.39
N LEU H 90 8.29 30.39 10.14
CA LEU H 90 8.15 29.14 9.38
C LEU H 90 9.40 28.25 9.43
N ARG H 91 10.58 28.85 9.59
CA ARG H 91 11.82 28.09 9.60
C ARG H 91 12.11 27.40 10.93
N TYR H 92 11.62 27.96 12.03
CA TYR H 92 11.87 27.39 13.37
C TYR H 92 10.93 26.26 13.78
N LYS H 93 10.02 25.88 12.88
CA LYS H 93 9.22 24.67 13.11
C LYS H 93 9.78 23.49 12.30
N THR H 94 10.97 23.67 11.74
CA THR H 94 11.66 22.63 11.00
C THR H 94 13.16 22.84 11.14
N ARG H 95 13.82 21.87 11.77
CA ARG H 95 15.24 21.96 12.05
C ARG H 95 15.97 20.76 11.44
N ILE H 96 16.38 20.92 10.19
CA ILE H 96 17.03 19.83 9.47
C ILE H 96 18.49 19.65 9.91
N PRO H 97 18.87 18.41 10.27
CA PRO H 97 20.17 18.10 10.86
C PRO H 97 21.34 18.48 9.97
N VAL H 98 22.37 19.03 10.59
CA VAL H 98 23.57 19.42 9.88
C VAL H 98 24.74 18.50 10.24
N ARG H 99 25.58 18.23 9.24
CA ARG H 99 26.77 17.40 9.41
C ARG H 99 27.99 18.17 8.92
N GLY H 100 29.01 18.24 9.78
CA GLY H 100 30.24 18.97 9.48
C GLY H 100 31.44 18.37 10.16
N ALA H 101 32.56 19.07 10.12
CA ALA H 101 33.82 18.56 10.67
C ALA H 101 34.65 19.59 11.40
N ILE H 102 35.39 19.13 12.40
CA ILE H 102 36.34 19.97 13.11
C ILE H 102 37.75 19.50 12.76
N MET H 103 38.49 20.39 12.11
CA MET H 103 39.86 20.11 11.71
C MET H 103 40.81 20.88 12.61
N LEU H 104 41.58 20.12 13.38
CA LEU H 104 42.68 20.66 14.17
C LEU H 104 43.98 20.26 13.48
N ASP H 105 44.98 21.13 13.55
CA ASP H 105 46.34 20.75 13.16
C ASP H 105 46.90 19.77 14.21
N MET H 106 48.18 19.43 14.09
CA MET H 106 48.82 18.46 14.99
C MET H 106 48.90 18.98 16.43
N SER H 107 49.12 20.29 16.56
CA SER H 107 49.29 20.95 17.86
C SER H 107 48.11 20.78 18.82
N MET H 108 46.91 20.59 18.25
CA MET H 108 45.65 20.37 19.01
C MET H 108 45.22 21.56 19.86
N GLN H 109 45.65 22.76 19.47
CA GLN H 109 45.23 24.01 20.13
C GLN H 109 44.72 25.05 19.11
N GLN H 110 44.97 24.79 17.82
CA GLN H 110 44.49 25.66 16.75
C GLN H 110 43.48 24.92 15.89
N CYS H 111 42.33 25.56 15.64
CA CYS H 111 41.27 24.95 14.82
C CYS H 111 40.79 25.87 13.68
N VAL H 112 40.06 25.30 12.73
CA VAL H 112 39.60 26.04 11.56
C VAL H 112 38.13 26.45 11.72
N LEU H 113 37.88 27.75 11.56
CA LEU H 113 36.55 28.31 11.73
C LEU H 113 36.17 29.19 10.53
N VAL H 114 35.38 28.62 9.62
CA VAL H 114 34.94 29.33 8.42
C VAL H 114 33.64 30.10 8.68
N GLY H 122 31.46 34.82 15.97
CA GLY H 122 31.24 35.28 14.60
C GLY H 122 31.52 34.25 13.54
N TRP H 123 32.66 33.55 13.68
CA TRP H 123 33.06 32.48 12.77
C TRP H 123 32.23 31.20 13.05
N GLY H 124 32.81 30.04 12.73
CA GLY H 124 32.14 28.77 13.01
C GLY H 124 32.70 27.59 12.24
N PHE H 125 32.37 26.38 12.68
CA PHE H 125 32.89 25.16 12.06
C PHE H 125 32.19 24.86 10.72
N PRO H 126 32.97 24.38 9.72
CA PRO H 126 32.44 23.97 8.42
C PRO H 126 31.36 22.88 8.53
N LYS H 127 30.12 23.24 8.21
CA LYS H 127 28.94 22.38 8.37
C LYS H 127 27.76 22.85 7.51
N GLY H 128 26.82 21.94 7.26
CA GLY H 128 25.60 22.29 6.53
C GLY H 128 24.53 21.20 6.59
N LYS H 129 23.33 21.56 6.16
CA LYS H 129 22.17 20.67 6.19
C LYS H 129 22.34 19.41 5.34
N ILE H 130 21.77 18.31 5.80
CA ILE H 130 21.80 17.02 5.09
C ILE H 130 20.90 17.04 3.83
N ASP H 131 21.20 16.19 2.85
CA ASP H 131 20.51 16.23 1.55
C ASP H 131 19.27 15.36 1.41
N LYS H 132 18.62 15.01 2.52
CA LYS H 132 17.38 14.22 2.49
C LYS H 132 17.60 12.78 1.99
N ASP H 133 18.76 12.21 2.30
CA ASP H 133 19.14 10.88 1.83
C ASP H 133 20.52 10.42 2.33
N GLU H 134 21.54 11.24 2.08
CA GLU H 134 22.94 10.85 2.24
C GLU H 134 23.29 10.53 3.69
N SER H 135 24.38 9.78 3.89
CA SER H 135 24.85 9.41 5.24
C SER H 135 25.24 10.63 6.07
N ASP H 136 25.37 10.42 7.38
CA ASP H 136 25.89 11.45 8.27
C ASP H 136 27.34 11.81 7.89
N VAL H 137 28.12 10.80 7.49
CA VAL H 137 29.49 11.00 7.01
C VAL H 137 29.47 11.54 5.58
N ASP H 138 28.54 11.02 4.78
CA ASP H 138 28.40 11.38 3.36
C ASP H 138 28.06 12.87 3.18
N CYS H 139 27.43 13.46 4.20
CA CYS H 139 27.12 14.89 4.20
C CYS H 139 28.31 15.73 4.65
N ALA H 140 28.99 15.27 5.70
CA ALA H 140 30.18 15.96 6.20
C ALA H 140 31.22 16.18 5.10
N ILE H 141 31.40 15.18 4.24
CA ILE H 141 32.36 15.25 3.13
C ILE H 141 32.11 16.50 2.26
N ARG H 142 30.88 16.63 1.74
CA ARG H 142 30.55 17.74 0.84
C ARG H 142 30.43 19.09 1.57
N GLU H 143 29.99 19.06 2.83
CA GLU H 143 29.85 20.30 3.59
C GLU H 143 31.18 20.88 4.06
N VAL H 144 32.22 20.06 4.01
CA VAL H 144 33.57 20.54 4.25
C VAL H 144 34.11 21.10 2.94
N TYR H 145 34.00 20.31 1.88
CA TYR H 145 34.50 20.69 0.55
C TYR H 145 33.83 21.96 0.03
N GLU H 146 32.50 22.02 0.16
CA GLU H 146 31.69 23.16 -0.29
C GLU H 146 32.07 24.48 0.38
N GLU H 147 32.60 24.41 1.60
CA GLU H 147 32.90 25.60 2.39
C GLU H 147 34.39 25.92 2.60
N THR H 148 35.24 24.89 2.54
CA THR H 148 36.68 25.09 2.81
C THR H 148 37.57 24.80 1.59
N GLY H 149 37.03 24.05 0.63
CA GLY H 149 37.79 23.64 -0.56
C GLY H 149 38.79 22.55 -0.23
N PHE H 150 38.37 21.63 0.64
CA PHE H 150 39.24 20.57 1.15
C PHE H 150 38.50 19.24 1.10
N ASP H 151 39.23 18.13 0.95
CA ASP H 151 38.63 16.80 0.96
C ASP H 151 39.10 15.97 2.14
N CYS H 152 38.18 15.75 3.08
CA CYS H 152 38.50 15.08 4.34
C CYS H 152 38.31 13.57 4.29
N SER H 153 37.81 13.07 3.15
CA SER H 153 37.46 11.65 2.98
C SER H 153 38.61 10.66 3.26
N SER H 154 39.76 11.17 3.71
CA SER H 154 40.97 10.39 3.86
C SER H 154 41.64 10.54 5.24
N ARG H 155 41.32 11.63 5.93
CA ARG H 155 41.90 11.91 7.24
C ARG H 155 40.87 12.20 8.35
N ILE H 156 39.62 11.79 8.12
CA ILE H 156 38.58 11.94 9.14
C ILE H 156 37.84 10.61 9.44
N ASN H 157 37.76 10.30 10.74
CA ASN H 157 37.21 9.03 11.20
C ASN H 157 35.73 9.16 11.54
N PRO H 158 34.90 8.30 10.90
CA PRO H 158 33.46 8.20 11.17
C PRO H 158 33.10 7.95 12.64
N ASN H 159 34.07 7.47 13.43
CA ASN H 159 33.82 7.11 14.82
C ASN H 159 34.19 8.20 15.83
N GLU H 160 35.09 9.10 15.43
CA GLU H 160 35.50 10.23 16.27
C GLU H 160 34.77 11.52 15.89
N PHE H 161 33.70 11.81 16.63
CA PHE H 161 32.92 13.04 16.47
C PHE H 161 32.40 13.57 17.80
N ILE H 162 31.43 14.47 17.72
CA ILE H 162 30.78 15.03 18.89
C ILE H 162 29.43 15.62 18.45
N ASP H 163 28.38 14.81 18.53
CA ASP H 163 27.06 15.28 18.10
C ASP H 163 26.21 15.75 19.26
N MET H 164 25.72 16.98 19.14
CA MET H 164 24.84 17.54 20.15
C MET H 164 23.74 18.41 19.53
N THR H 165 22.69 18.65 20.29
CA THR H 165 21.47 19.22 19.72
C THR H 165 21.26 20.64 20.22
N ILE H 166 21.47 21.61 19.32
CA ILE H 166 21.26 23.03 19.63
C ILE H 166 19.92 23.54 19.11
N ARG H 167 19.15 24.19 20.00
CA ARG H 167 17.85 24.78 19.66
C ARG H 167 16.90 23.81 18.92
N GLY H 168 17.13 22.51 19.12
CA GLY H 168 16.34 21.46 18.50
C GLY H 168 16.96 20.83 17.28
N GLN H 169 18.13 21.35 16.85
CA GLN H 169 18.80 20.89 15.64
C GLN H 169 19.96 19.92 15.90
N ASN H 170 19.92 18.75 15.26
CA ASN H 170 20.99 17.77 15.40
C ASN H 170 22.25 18.23 14.69
N VAL H 171 23.30 18.48 15.48
CA VAL H 171 24.59 18.87 14.92
C VAL H 171 25.66 17.85 15.25
N ARG H 172 26.06 17.07 14.25
CA ARG H 172 27.23 16.22 14.36
C ARG H 172 28.43 16.93 13.74
N LEU H 173 29.45 17.16 14.56
CA LEU H 173 30.73 17.65 14.07
C LEU H 173 31.77 16.54 14.22
N TYR H 174 32.21 16.00 13.08
CA TYR H 174 33.29 14.99 13.07
C TYR H 174 34.63 15.60 13.46
N ILE H 175 35.44 14.82 14.15
CA ILE H 175 36.76 15.28 14.58
C ILE H 175 37.78 14.15 14.49
N ILE H 196 37.85 30.85 5.82
CA ILE H 196 38.79 29.78 6.18
C ILE H 196 39.98 30.38 6.94
N GLU H 197 39.91 30.36 8.26
CA GLU H 197 40.97 30.94 9.12
C GLU H 197 41.26 30.12 10.37
N TRP H 198 42.54 29.99 10.71
CA TRP H 198 43.00 29.29 11.92
C TRP H 198 42.95 30.18 13.16
N HIS H 199 42.40 29.64 14.25
CA HIS H 199 42.29 30.37 15.53
C HIS H 199 42.64 29.49 16.72
N ASN H 200 43.01 30.12 17.83
CA ASN H 200 43.39 29.42 19.06
C ASN H 200 42.21 29.09 19.97
N LEU H 201 42.32 27.99 20.70
CA LEU H 201 41.25 27.51 21.59
C LEU H 201 41.08 28.34 22.87
N MET H 202 42.18 28.85 23.41
CA MET H 202 42.14 29.62 24.67
C MET H 202 41.51 31.00 24.52
N ASP H 203 41.88 31.73 23.46
CA ASP H 203 41.32 33.07 23.22
C ASP H 203 39.86 33.08 22.76
N LEU H 204 39.40 31.94 22.23
CA LEU H 204 37.97 31.72 21.96
C LEU H 204 37.23 31.64 23.30
N PRO H 205 36.03 32.26 23.40
CA PRO H 205 35.29 32.24 24.67
C PRO H 205 35.10 30.82 25.24
N THR H 206 36.17 30.30 25.84
CA THR H 206 36.22 28.92 26.33
C THR H 206 35.93 28.85 27.83
N MET H 221 26.73 26.90 18.40
CA MET H 221 27.48 27.57 17.35
C MET H 221 28.97 27.21 17.41
N VAL H 222 29.65 27.65 18.47
CA VAL H 222 31.06 27.28 18.72
C VAL H 222 31.34 26.98 20.19
N ILE H 223 30.68 27.72 21.08
CA ILE H 223 30.96 27.68 22.52
C ILE H 223 30.59 26.35 23.22
N PRO H 224 29.38 25.82 22.98
CA PRO H 224 28.97 24.58 23.63
C PRO H 224 29.74 23.34 23.16
N PHE H 225 30.52 23.49 22.10
CA PHE H 225 31.36 22.41 21.59
C PHE H 225 32.74 22.36 22.26
N LEU H 226 33.08 23.40 23.01
CA LEU H 226 34.45 23.58 23.53
C LEU H 226 34.74 22.79 24.80
N ALA H 227 33.85 22.89 25.78
CA ALA H 227 34.01 22.16 27.05
C ALA H 227 34.20 20.65 26.86
N PRO H 228 33.44 20.02 25.91
CA PRO H 228 33.72 18.62 25.59
C PRO H 228 34.77 18.41 24.49
N LEU H 229 35.26 19.49 23.87
CA LEU H 229 36.29 19.37 22.84
C LEU H 229 37.62 18.96 23.45
N LYS H 230 38.08 19.73 24.43
CA LYS H 230 39.30 19.42 25.18
C LYS H 230 39.20 18.04 25.84
N LYS H 231 37.99 17.71 26.31
CA LYS H 231 37.69 16.39 26.87
C LYS H 231 38.02 15.27 25.86
N TRP H 232 37.75 15.52 24.58
CA TRP H 232 38.12 14.59 23.52
C TRP H 232 39.63 14.58 23.29
N ILE H 233 40.27 15.75 23.44
CA ILE H 233 41.73 15.88 23.28
C ILE H 233 42.45 15.34 24.53
N LYS H 234 42.29 14.03 24.74
CA LYS H 234 42.81 13.31 25.90
C LYS H 234 43.18 11.89 25.47
N LYS H 235 43.60 11.75 24.20
CA LYS H 235 44.06 10.47 23.64
C LYS H 235 45.26 10.62 22.70
PG ATP I . 14.25 -27.88 -16.16
O1G ATP I . 14.13 -28.96 -17.25
O2G ATP I . 12.96 -27.64 -15.37
O3G ATP I . 15.50 -27.99 -15.29
PB ATP I . 15.22 -26.48 -18.37
O1B ATP I . 16.62 -27.02 -18.19
O2B ATP I . 14.31 -27.14 -19.40
O3B ATP I . 14.46 -26.50 -16.96
PA ATP I . 14.56 -24.16 -19.85
O1A ATP I . 15.66 -23.65 -20.76
O2A ATP I . 13.46 -25.03 -20.42
O3A ATP I . 15.30 -24.90 -18.63
O5' ATP I . 13.87 -22.93 -19.06
C5' ATP I . 12.85 -22.13 -19.67
C4' ATP I . 13.44 -20.77 -20.01
O4' ATP I . 14.47 -20.42 -19.08
C3' ATP I . 14.06 -20.75 -21.40
O3' ATP I . 13.39 -19.76 -22.18
C2' ATP I . 15.53 -20.39 -21.21
O2' ATP I . 15.92 -19.30 -22.05
C1' ATP I . 15.66 -19.99 -19.75
N9 ATP I . 16.87 -20.54 -19.07
C8 ATP I . 16.97 -21.72 -18.42
N7 ATP I . 18.21 -21.90 -17.90
C5 ATP I . 18.93 -20.80 -18.21
C6 ATP I . 20.31 -20.32 -17.96
N6 ATP I . 21.19 -21.07 -17.26
N1 ATP I . 20.65 -19.10 -18.44
C2 ATP I . 19.78 -18.34 -19.14
N3 ATP I . 18.51 -18.71 -19.40
C4 ATP I . 18.04 -19.91 -18.97
PG ATP J . 10.13 14.48 29.91
O1G ATP J . 10.26 15.64 28.92
O2G ATP J . 10.74 13.17 29.42
O3G ATP J . 10.51 14.84 31.34
PB ATP J . 7.44 15.29 29.55
O1B ATP J . 7.85 16.63 30.15
O2B ATP J . 7.16 15.19 28.06
O3B ATP J . 8.53 14.19 29.98
PA ATP J . 4.77 15.68 30.13
O1A ATP J . 4.11 15.75 31.50
O2A ATP J . 5.11 16.96 29.39
O3A ATP J . 6.10 14.79 30.30
O5' ATP J . 3.87 14.78 29.13
C5' ATP J . 2.48 14.56 29.38
C4' ATP J . 2.19 13.06 29.37
O4' ATP J . 3.35 12.30 29.72
C3' ATP J . 1.10 12.69 30.37
O3' ATP J . -0.08 12.31 29.65
C2' ATP J . 1.65 11.50 31.13
O2' ATP J . 0.71 10.42 31.18
C1' ATP J . 2.84 11.09 30.29
N9 ATP J . 3.87 10.32 31.04
C8 ATP J . 5.15 10.68 31.27
N7 ATP J . 5.79 9.71 31.97
C5 ATP J . 4.91 8.72 32.19
C6 ATP J . 4.92 7.40 32.86
N6 ATP J . 6.04 6.92 33.46
N1 ATP J . 3.78 6.68 32.85
C2 ATP J . 2.65 7.12 32.27
N3 ATP J . 2.57 8.30 31.63
C4 ATP J . 3.65 9.12 31.58
#